data_8ZN4
#
_entry.id   8ZN4
#
_cell.length_a   145.775
_cell.length_b   167.135
_cell.length_c   150.103
_cell.angle_alpha   90.000
_cell.angle_beta   90.000
_cell.angle_gamma   90.000
#
_symmetry.space_group_name_H-M   'C 2 2 21'
#
loop_
_entity.id
_entity.type
_entity.pdbx_description
1 polymer 'Glyceraldehyde-3-phosphate dehydrogenase'
2 non-polymer NICOTINAMIDE-ADENINE-DINUCLEOTIDE
3 non-polymer DI(HYDROXYETHYL)ETHER
4 non-polymer 'TETRAETHYLENE GLYCOL'
5 non-polymer 1,2-ETHANEDIOL
6 non-polymer 2-AMINO-2-HYDROXYMETHYL-PROPANE-1,3-DIOL
7 non-polymer GLYCEROL
8 non-polymer 3,6,9,12,15,18,21,24,27-NONAOXANONACOSANE-1,29-DIOL
9 non-polymer 'TRIETHYLENE GLYCOL'
10 non-polymer 'SULFATE ION'
11 non-polymer 'MAGNESIUM ION'
12 water water
#
_entity_poly.entity_id   1
_entity_poly.type   'polypeptide(L)'
_entity_poly.pdbx_seq_one_letter_code
;MQRIAINGFGRIGRNVLRAWFESPKQFHFEIVAINDIADVHTLVHLFKYDSTHGRFNGKVDITIENEKIYLNIQSNQRLL
KVEVLQQKQPELLPWASLKIDVVLECTGLFRSHADATRHLEAGAKRVIIGAAPFDHVDAAIVYGVNHADVKATDQIISSV
SCTTQALVPLVKIIDDAFGIETALMTEIHAVTADQSVLDHAHRDLRRARASGQNIIPTTSSALGALKRVMPKMEDRIDGY
SIRVPTINVAAIDLTFIAQSPITVHHINELLIKASQTDYAEIMAVTDEPLVSSDFNHSPYSLIVDLTQTMVVGHQAKVFA
WYDNEWGYANRLLDLCDSFKS
;
_entity_poly.pdbx_strand_id   A,B,C,D
#
# COMPACT_ATOMS: atom_id res chain seq x y z
N MET A 1 -24.89 -25.31 -28.52
CA MET A 1 -25.48 -24.09 -27.92
C MET A 1 -24.84 -22.87 -28.59
N GLN A 2 -25.24 -21.66 -28.14
CA GLN A 2 -24.50 -20.48 -28.52
C GLN A 2 -23.03 -20.66 -28.11
N ARG A 3 -22.12 -20.08 -28.90
CA ARG A 3 -20.70 -20.34 -28.78
C ARG A 3 -19.96 -19.01 -28.66
N ILE A 4 -19.30 -18.80 -27.52
CA ILE A 4 -18.67 -17.53 -27.22
C ILE A 4 -17.15 -17.71 -27.27
N ALA A 5 -16.47 -16.65 -27.73
CA ALA A 5 -15.02 -16.55 -27.65
C ALA A 5 -14.61 -15.30 -26.90
N ILE A 6 -13.49 -15.39 -26.16
CA ILE A 6 -12.96 -14.23 -25.45
C ILE A 6 -11.68 -13.78 -26.15
N ASN A 7 -11.63 -12.51 -26.56
CA ASN A 7 -10.42 -11.93 -27.11
C ASN A 7 -9.75 -11.06 -26.05
N GLY A 8 -8.57 -11.47 -25.60
CA GLY A 8 -7.91 -10.79 -24.50
C GLY A 8 -8.27 -11.43 -23.15
N PHE A 9 -7.36 -12.26 -22.65
CA PHE A 9 -7.52 -12.95 -21.39
C PHE A 9 -6.83 -12.21 -20.23
N GLY A 10 -7.36 -11.03 -19.91
CA GLY A 10 -6.81 -10.18 -18.84
C GLY A 10 -7.76 -10.14 -17.66
N ARG A 11 -7.75 -9.02 -16.91
CA ARG A 11 -8.61 -8.85 -15.76
C ARG A 11 -10.09 -9.11 -16.09
N ILE A 12 -10.58 -8.66 -17.25
CA ILE A 12 -11.98 -8.88 -17.60
C ILE A 12 -12.16 -10.30 -18.17
N GLY A 13 -11.37 -10.67 -19.18
CA GLY A 13 -11.51 -11.94 -19.87
C GLY A 13 -11.44 -13.11 -18.91
N ARG A 14 -10.46 -13.10 -18.00
CA ARG A 14 -10.27 -14.18 -17.06
C ARG A 14 -11.44 -14.26 -16.10
N ASN A 15 -11.99 -13.11 -15.74
CA ASN A 15 -13.07 -13.09 -14.76
C ASN A 15 -14.37 -13.53 -15.42
N VAL A 16 -14.49 -13.28 -16.73
CA VAL A 16 -15.63 -13.73 -17.48
C VAL A 16 -15.64 -15.25 -17.42
N LEU A 17 -14.49 -15.88 -17.63
CA LEU A 17 -14.43 -17.33 -17.59
C LEU A 17 -14.73 -17.85 -16.17
N ARG A 18 -14.15 -17.23 -15.14
CA ARG A 18 -14.44 -17.66 -13.78
C ARG A 18 -15.92 -17.47 -13.43
N ALA A 19 -16.53 -16.38 -13.90
CA ALA A 19 -17.90 -16.07 -13.52
C ALA A 19 -18.87 -17.09 -14.14
N TRP A 20 -18.50 -17.63 -15.30
CA TRP A 20 -19.22 -18.70 -15.94
C TRP A 20 -19.27 -19.91 -15.01
N PHE A 21 -18.13 -20.26 -14.40
CA PHE A 21 -18.04 -21.44 -13.57
C PHE A 21 -18.73 -21.18 -12.23
N GLU A 22 -18.69 -19.95 -11.72
CA GLU A 22 -19.16 -19.68 -10.36
C GLU A 22 -20.65 -19.33 -10.29
N SER A 23 -21.27 -18.86 -11.37
CA SER A 23 -22.65 -18.46 -11.33
C SER A 23 -23.51 -19.60 -10.77
N PRO A 24 -24.34 -19.37 -9.72
CA PRO A 24 -25.17 -20.45 -9.18
C PRO A 24 -26.01 -21.19 -10.22
N LYS A 25 -26.73 -20.41 -11.04
CA LYS A 25 -27.45 -20.93 -12.18
C LYS A 25 -26.52 -21.00 -13.41
N GLN A 26 -26.47 -22.18 -14.04
CA GLN A 26 -25.61 -22.42 -15.19
C GLN A 26 -26.08 -21.60 -16.39
N PHE A 27 -25.13 -21.00 -17.10
CA PHE A 27 -25.42 -20.32 -18.35
C PHE A 27 -25.58 -21.41 -19.41
N HIS A 28 -26.45 -21.17 -20.40
CA HIS A 28 -26.78 -22.23 -21.34
C HIS A 28 -25.94 -22.09 -22.61
N PHE A 29 -24.96 -21.19 -22.62
CA PHE A 29 -24.01 -21.07 -23.70
C PHE A 29 -22.64 -21.47 -23.17
N GLU A 30 -21.71 -21.67 -24.11
CA GLU A 30 -20.38 -22.12 -23.74
C GLU A 30 -19.33 -21.18 -24.31
N ILE A 31 -18.24 -21.06 -23.55
CA ILE A 31 -17.03 -20.41 -24.00
C ILE A 31 -16.16 -21.49 -24.61
N VAL A 32 -15.88 -21.38 -25.89
CA VAL A 32 -15.18 -22.44 -26.61
C VAL A 32 -13.78 -22.04 -27.05
N ALA A 33 -13.43 -20.74 -26.96
CA ALA A 33 -12.10 -20.31 -27.35
C ALA A 33 -11.68 -19.06 -26.57
N ILE A 34 -10.38 -18.96 -26.33
CA ILE A 34 -9.76 -17.75 -25.82
C ILE A 34 -8.57 -17.46 -26.71
N ASN A 35 -8.29 -16.18 -26.93
CA ASN A 35 -7.11 -15.71 -27.64
C ASN A 35 -6.43 -14.63 -26.80
N ASP A 36 -5.09 -14.69 -26.75
CA ASP A 36 -4.24 -13.71 -26.10
C ASP A 36 -2.85 -13.76 -26.76
N ILE A 37 -2.01 -12.75 -26.50
CA ILE A 37 -0.70 -12.67 -27.12
C ILE A 37 0.28 -13.41 -26.21
N ALA A 38 -0.16 -13.73 -25.00
CA ALA A 38 0.67 -14.44 -24.06
C ALA A 38 0.51 -15.96 -24.25
N ASP A 39 1.55 -16.69 -23.84
CA ASP A 39 1.66 -18.14 -23.90
C ASP A 39 0.59 -18.78 -23.01
N VAL A 40 0.15 -19.99 -23.35
CA VAL A 40 -0.93 -20.68 -22.65
C VAL A 40 -0.56 -20.96 -21.19
N HIS A 41 0.71 -21.29 -20.90
CA HIS A 41 1.07 -21.60 -19.52
C HIS A 41 0.92 -20.37 -18.63
N THR A 42 1.24 -19.17 -19.15
CA THR A 42 1.10 -17.92 -18.42
C THR A 42 -0.39 -17.67 -18.16
N LEU A 43 -1.22 -17.90 -19.19
CA LEU A 43 -2.65 -17.69 -19.10
C LEU A 43 -3.30 -18.60 -18.06
N VAL A 44 -2.91 -19.88 -18.06
CA VAL A 44 -3.49 -20.87 -17.16
C VAL A 44 -3.04 -20.54 -15.73
N HIS A 45 -1.79 -20.16 -15.54
CA HIS A 45 -1.29 -19.76 -14.23
C HIS A 45 -2.08 -18.56 -13.68
N LEU A 46 -2.33 -17.55 -14.50
CA LEU A 46 -3.02 -16.36 -14.03
C LEU A 46 -4.50 -16.67 -13.78
N PHE A 47 -5.05 -17.60 -14.55
CA PHE A 47 -6.44 -17.97 -14.41
C PHE A 47 -6.65 -18.68 -13.07
N LYS A 48 -5.67 -19.49 -12.65
CA LYS A 48 -5.81 -20.31 -11.45
C LYS A 48 -5.52 -19.52 -10.18
N TYR A 49 -4.61 -18.55 -10.27
CA TYR A 49 -4.10 -17.83 -9.12
C TYR A 49 -4.34 -16.34 -9.36
N ASP A 50 -5.09 -15.71 -8.46
CA ASP A 50 -5.53 -14.32 -8.63
C ASP A 50 -5.41 -13.61 -7.28
N SER A 51 -4.71 -12.48 -7.33
CA SER A 51 -4.36 -11.71 -6.14
C SER A 51 -5.58 -11.04 -5.54
N THR A 52 -6.60 -10.79 -6.36
CA THR A 52 -7.80 -10.06 -5.96
C THR A 52 -8.92 -11.05 -5.60
N HIS A 53 -9.13 -12.07 -6.44
CA HIS A 53 -10.30 -12.94 -6.31
C HIS A 53 -9.95 -14.33 -5.76
N GLY A 54 -8.69 -14.62 -5.43
CA GLY A 54 -8.32 -15.91 -4.86
C GLY A 54 -8.06 -16.99 -5.92
N ARG A 55 -7.88 -18.22 -5.45
CA ARG A 55 -7.64 -19.35 -6.33
C ARG A 55 -8.92 -19.77 -7.01
N PHE A 56 -8.82 -20.22 -8.26
CA PHE A 56 -9.93 -20.87 -8.94
C PHE A 56 -10.24 -22.19 -8.23
N ASN A 57 -11.53 -22.39 -7.94
CA ASN A 57 -11.97 -23.58 -7.24
C ASN A 57 -12.27 -24.64 -8.28
N GLY A 58 -11.20 -25.16 -8.87
CA GLY A 58 -11.35 -26.05 -10.02
C GLY A 58 -9.99 -26.54 -10.50
N LYS A 59 -10.01 -27.30 -11.61
CA LYS A 59 -8.81 -27.90 -12.14
C LYS A 59 -8.72 -27.53 -13.62
N VAL A 60 -7.50 -27.26 -14.08
CA VAL A 60 -7.29 -26.94 -15.48
C VAL A 60 -6.22 -27.88 -15.99
N ASP A 61 -6.48 -28.57 -17.10
CA ASP A 61 -5.50 -29.45 -17.73
C ASP A 61 -5.33 -28.98 -19.17
N ILE A 62 -4.08 -28.82 -19.62
CA ILE A 62 -3.77 -28.34 -20.96
C ILE A 62 -3.53 -29.55 -21.85
N THR A 63 -4.10 -29.55 -23.04
CA THR A 63 -4.02 -30.73 -23.89
C THR A 63 -3.70 -30.27 -25.30
N ILE A 64 -2.94 -31.08 -26.03
CA ILE A 64 -2.64 -30.83 -27.43
C ILE A 64 -3.32 -31.92 -28.28
N GLU A 65 -4.35 -31.54 -29.04
CA GLU A 65 -5.00 -32.44 -29.98
C GLU A 65 -4.90 -31.81 -31.36
N ASN A 66 -4.50 -32.61 -32.36
CA ASN A 66 -4.19 -32.10 -33.69
C ASN A 66 -2.95 -31.22 -33.56
N GLU A 67 -3.04 -29.96 -33.98
CA GLU A 67 -2.02 -28.99 -33.63
C GLU A 67 -2.69 -27.92 -32.76
N LYS A 68 -3.79 -28.28 -32.10
CA LYS A 68 -4.62 -27.34 -31.35
C LYS A 68 -4.35 -27.50 -29.84
N ILE A 69 -4.33 -26.37 -29.13
CA ILE A 69 -4.11 -26.34 -27.69
C ILE A 69 -5.48 -26.18 -27.02
N TYR A 70 -5.79 -27.06 -26.06
CA TYR A 70 -7.08 -27.03 -25.41
C TYR A 70 -6.93 -26.90 -23.90
N LEU A 71 -7.83 -26.15 -23.26
CA LEU A 71 -7.93 -26.12 -21.81
C LEU A 71 -9.13 -26.94 -21.40
N ASN A 72 -8.91 -27.94 -20.55
CA ASN A 72 -10.00 -28.74 -19.98
C ASN A 72 -10.18 -28.28 -18.54
N ILE A 73 -11.32 -27.63 -18.27
CA ILE A 73 -11.55 -26.93 -17.02
C ILE A 73 -12.76 -27.55 -16.31
N GLN A 74 -12.55 -27.91 -15.05
CA GLN A 74 -13.58 -28.57 -14.26
C GLN A 74 -13.74 -27.79 -12.95
N SER A 75 -14.95 -27.28 -12.73
CA SER A 75 -15.29 -26.59 -11.49
C SER A 75 -16.80 -26.58 -11.32
N ASN A 76 -17.30 -26.73 -10.08
CA ASN A 76 -18.70 -26.52 -9.74
C ASN A 76 -19.59 -27.40 -10.61
N GLN A 77 -19.18 -28.67 -10.80
CA GLN A 77 -19.95 -29.70 -11.51
C GLN A 77 -20.10 -29.36 -12.98
N ARG A 78 -19.20 -28.52 -13.50
CA ARG A 78 -19.27 -28.07 -14.87
C ARG A 78 -17.93 -28.27 -15.56
N LEU A 79 -18.00 -28.43 -16.87
CA LEU A 79 -16.84 -28.75 -17.69
C LEU A 79 -16.87 -27.89 -18.94
N LEU A 80 -15.69 -27.39 -19.33
CA LEU A 80 -15.53 -26.74 -20.63
C LEU A 80 -14.23 -27.20 -21.25
N LYS A 81 -14.28 -27.39 -22.58
CA LYS A 81 -13.10 -27.60 -23.39
C LYS A 81 -12.87 -26.36 -24.25
N VAL A 82 -11.72 -25.69 -24.09
CA VAL A 82 -11.56 -24.34 -24.58
C VAL A 82 -10.29 -24.28 -25.41
N GLU A 83 -10.43 -23.94 -26.70
CA GLU A 83 -9.27 -23.82 -27.55
C GLU A 83 -8.56 -22.53 -27.20
N VAL A 84 -7.23 -22.58 -27.15
CA VAL A 84 -6.40 -21.43 -26.87
C VAL A 84 -5.66 -21.00 -28.13
N LEU A 85 -5.78 -19.72 -28.46
CA LEU A 85 -5.10 -19.13 -29.59
C LEU A 85 -4.10 -18.08 -29.11
N GLN A 86 -3.18 -17.71 -30.03
CA GLN A 86 -2.19 -16.68 -29.76
C GLN A 86 -1.98 -15.84 -31.01
N GLN A 87 -3.05 -15.17 -31.45
CA GLN A 87 -3.06 -14.41 -32.69
C GLN A 87 -3.31 -12.92 -32.42
N LYS A 88 -2.27 -12.08 -32.55
CA LYS A 88 -2.39 -10.65 -32.27
C LYS A 88 -3.33 -9.92 -33.24
N GLN A 89 -3.55 -10.49 -34.43
CA GLN A 89 -4.35 -9.85 -35.48
C GLN A 89 -5.71 -10.55 -35.59
N PRO A 90 -6.82 -9.90 -35.16
CA PRO A 90 -8.13 -10.55 -35.09
C PRO A 90 -8.76 -11.02 -36.39
N GLU A 91 -8.33 -10.44 -37.51
CA GLU A 91 -8.83 -10.88 -38.82
C GLU A 91 -8.36 -12.31 -39.10
N LEU A 92 -7.25 -12.73 -38.46
CA LEU A 92 -6.65 -14.04 -38.70
C LEU A 92 -7.23 -15.14 -37.80
N LEU A 93 -8.21 -14.84 -36.93
CA LEU A 93 -8.66 -15.84 -35.97
C LEU A 93 -9.63 -16.82 -36.64
N PRO A 94 -9.70 -18.09 -36.18
CA PRO A 94 -10.55 -19.09 -36.82
C PRO A 94 -11.99 -19.13 -36.34
N TRP A 95 -12.71 -18.02 -36.47
CA TRP A 95 -14.04 -17.92 -35.87
C TRP A 95 -15.07 -18.66 -36.73
N ALA A 96 -14.81 -18.72 -38.05
CA ALA A 96 -15.68 -19.41 -38.99
C ALA A 96 -15.74 -20.90 -38.66
N SER A 97 -14.56 -21.51 -38.52
CA SER A 97 -14.42 -22.92 -38.18
C SER A 97 -15.06 -23.20 -36.83
N LEU A 98 -14.82 -22.31 -35.87
CA LEU A 98 -15.30 -22.54 -34.53
C LEU A 98 -16.78 -22.20 -34.42
N LYS A 99 -17.36 -21.64 -35.49
CA LYS A 99 -18.78 -21.28 -35.54
C LYS A 99 -19.13 -20.42 -34.33
N ILE A 100 -18.35 -19.36 -34.14
CA ILE A 100 -18.51 -18.43 -33.03
C ILE A 100 -19.73 -17.57 -33.28
N ASP A 101 -20.60 -17.49 -32.29
CA ASP A 101 -21.76 -16.61 -32.32
C ASP A 101 -21.46 -15.22 -31.78
N VAL A 102 -20.66 -15.15 -30.71
CA VAL A 102 -20.35 -13.88 -30.08
C VAL A 102 -18.89 -13.87 -29.64
N VAL A 103 -18.16 -12.82 -30.06
CA VAL A 103 -16.83 -12.58 -29.56
C VAL A 103 -16.93 -11.48 -28.50
N LEU A 104 -16.37 -11.76 -27.32
CA LEU A 104 -16.17 -10.78 -26.27
C LEU A 104 -14.80 -10.13 -26.46
N GLU A 105 -14.82 -8.84 -26.83
CA GLU A 105 -13.59 -8.14 -27.17
C GLU A 105 -13.12 -7.41 -25.91
N CYS A 106 -12.06 -7.92 -25.31
CA CYS A 106 -11.65 -7.55 -23.97
C CYS A 106 -10.18 -7.12 -23.92
N THR A 107 -9.62 -6.70 -25.08
CA THR A 107 -8.21 -6.29 -25.17
C THR A 107 -8.05 -4.79 -24.93
N GLY A 108 -9.09 -3.99 -25.22
CA GLY A 108 -8.99 -2.54 -25.16
C GLY A 108 -8.46 -1.91 -26.46
N LEU A 109 -8.01 -2.71 -27.43
CA LEU A 109 -7.28 -2.22 -28.60
C LEU A 109 -8.18 -2.19 -29.85
N PHE A 110 -9.37 -2.79 -29.79
CA PHE A 110 -10.19 -2.94 -30.97
C PHE A 110 -11.59 -2.39 -30.73
N ARG A 111 -11.66 -1.13 -30.28
CA ARG A 111 -12.94 -0.51 -29.92
C ARG A 111 -13.66 0.19 -31.09
N SER A 112 -12.95 0.54 -32.16
CA SER A 112 -13.55 1.22 -33.31
C SER A 112 -14.42 0.21 -34.07
N HIS A 113 -15.42 0.73 -34.79
CA HIS A 113 -16.27 -0.13 -35.60
C HIS A 113 -15.43 -0.98 -36.56
N ALA A 114 -14.40 -0.37 -37.16
CA ALA A 114 -13.56 -1.07 -38.12
C ALA A 114 -12.76 -2.18 -37.44
N ASP A 115 -12.19 -1.85 -36.28
CA ASP A 115 -11.39 -2.79 -35.53
C ASP A 115 -12.25 -3.98 -35.11
N ALA A 116 -13.45 -3.71 -34.61
CA ALA A 116 -14.32 -4.77 -34.12
C ALA A 116 -14.79 -5.67 -35.25
N THR A 117 -15.01 -5.06 -36.43
CA THR A 117 -15.49 -5.76 -37.61
C THR A 117 -14.47 -6.80 -38.10
N ARG A 118 -13.18 -6.65 -37.75
CA ARG A 118 -12.19 -7.67 -38.06
C ARG A 118 -12.59 -9.06 -37.53
N HIS A 119 -13.28 -9.11 -36.39
CA HIS A 119 -13.81 -10.36 -35.86
C HIS A 119 -14.89 -10.92 -36.78
N LEU A 120 -15.67 -10.04 -37.41
CA LEU A 120 -16.74 -10.46 -38.31
C LEU A 120 -16.15 -11.04 -39.60
N GLU A 121 -15.10 -10.39 -40.11
CA GLU A 121 -14.36 -10.87 -41.25
C GLU A 121 -13.84 -12.28 -40.98
N ALA A 122 -13.45 -12.56 -39.73
CA ALA A 122 -12.89 -13.85 -39.38
C ALA A 122 -13.98 -14.90 -39.25
N GLY A 123 -15.25 -14.47 -39.20
CA GLY A 123 -16.37 -15.40 -39.27
C GLY A 123 -17.33 -15.32 -38.07
N ALA A 124 -17.03 -14.47 -37.08
CA ALA A 124 -17.89 -14.35 -35.92
C ALA A 124 -19.17 -13.61 -36.31
N LYS A 125 -20.31 -14.01 -35.76
CA LYS A 125 -21.57 -13.43 -36.16
C LYS A 125 -21.86 -12.15 -35.37
N ARG A 126 -21.12 -11.90 -34.27
CA ARG A 126 -21.46 -10.80 -33.38
C ARG A 126 -20.30 -10.50 -32.44
N VAL A 127 -20.12 -9.21 -32.15
CA VAL A 127 -19.07 -8.74 -31.26
C VAL A 127 -19.64 -7.84 -30.15
N ILE A 128 -19.23 -8.12 -28.91
CA ILE A 128 -19.44 -7.20 -27.82
C ILE A 128 -18.09 -6.62 -27.45
N ILE A 129 -17.97 -5.32 -27.68
CA ILE A 129 -16.81 -4.56 -27.28
C ILE A 129 -16.94 -4.30 -25.79
N GLY A 130 -16.00 -4.82 -24.99
CA GLY A 130 -16.04 -4.67 -23.54
C GLY A 130 -15.39 -3.36 -23.11
N ALA A 131 -15.93 -2.24 -23.59
CA ALA A 131 -15.37 -0.91 -23.32
C ALA A 131 -16.32 0.09 -23.95
N ALA A 132 -16.08 1.38 -23.66
CA ALA A 132 -16.82 2.48 -24.25
C ALA A 132 -16.65 2.45 -25.76
N PRO A 133 -17.69 2.83 -26.52
CA PRO A 133 -17.56 3.00 -27.98
C PRO A 133 -16.50 4.05 -28.28
N PHE A 134 -15.66 3.76 -29.27
CA PHE A 134 -14.63 4.68 -29.71
C PHE A 134 -15.17 5.63 -30.78
N ASP A 135 -15.87 5.09 -31.80
CA ASP A 135 -16.42 5.91 -32.86
C ASP A 135 -17.91 5.61 -33.04
N HIS A 136 -18.25 4.41 -33.52
CA HIS A 136 -19.62 4.05 -33.79
C HIS A 136 -19.91 2.62 -33.33
N VAL A 137 -21.15 2.36 -32.92
CA VAL A 137 -21.60 1.01 -32.61
C VAL A 137 -23.08 0.91 -33.02
N ASP A 138 -23.53 -0.31 -33.28
CA ASP A 138 -24.92 -0.59 -33.57
C ASP A 138 -25.77 -0.34 -32.32
N ALA A 139 -25.18 -0.57 -31.14
CA ALA A 139 -25.90 -0.39 -29.88
C ALA A 139 -24.92 -0.32 -28.69
N ALA A 140 -25.21 0.62 -27.79
CA ALA A 140 -24.50 0.77 -26.53
C ALA A 140 -25.42 0.30 -25.40
N ILE A 141 -25.01 -0.77 -24.70
CA ILE A 141 -25.95 -1.46 -23.81
C ILE A 141 -25.46 -1.48 -22.36
N VAL A 142 -26.36 -1.06 -21.47
CA VAL A 142 -26.29 -1.34 -20.05
C VAL A 142 -27.28 -2.45 -19.72
N TYR A 143 -26.78 -3.64 -19.37
CA TYR A 143 -27.63 -4.74 -18.99
C TYR A 143 -28.50 -4.30 -17.82
N GLY A 144 -29.80 -4.55 -17.94
CA GLY A 144 -30.74 -4.22 -16.88
C GLY A 144 -31.41 -2.88 -17.12
N VAL A 145 -30.94 -2.15 -18.15
CA VAL A 145 -31.58 -0.89 -18.50
C VAL A 145 -32.09 -0.91 -19.95
N ASN A 146 -31.29 -1.36 -20.93
CA ASN A 146 -31.72 -1.27 -22.31
C ASN A 146 -31.23 -2.44 -23.17
N HIS A 147 -30.91 -3.58 -22.56
CA HIS A 147 -30.45 -4.75 -23.32
C HIS A 147 -31.56 -5.28 -24.23
N ALA A 148 -32.82 -4.91 -23.98
CA ALA A 148 -33.95 -5.32 -24.81
C ALA A 148 -33.96 -4.60 -26.15
N ASP A 149 -33.19 -3.50 -26.28
CA ASP A 149 -33.13 -2.70 -27.48
C ASP A 149 -32.18 -3.32 -28.51
N VAL A 150 -31.62 -4.48 -28.21
CA VAL A 150 -30.71 -5.09 -29.17
C VAL A 150 -31.56 -5.67 -30.31
N LYS A 151 -31.14 -5.36 -31.55
CA LYS A 151 -31.79 -5.87 -32.74
C LYS A 151 -31.07 -7.13 -33.21
N ALA A 152 -31.81 -8.02 -33.89
CA ALA A 152 -31.23 -9.24 -34.44
C ALA A 152 -30.15 -8.91 -35.47
N THR A 153 -30.22 -7.71 -36.07
CA THR A 153 -29.28 -7.29 -37.10
C THR A 153 -28.07 -6.55 -36.51
N ASP A 154 -28.14 -6.16 -35.23
CA ASP A 154 -27.04 -5.51 -34.55
C ASP A 154 -25.85 -6.48 -34.45
N GLN A 155 -24.67 -6.05 -34.90
CA GLN A 155 -23.53 -6.95 -34.97
C GLN A 155 -22.33 -6.49 -34.14
N ILE A 156 -22.19 -5.17 -33.95
CA ILE A 156 -21.17 -4.56 -33.13
C ILE A 156 -21.85 -3.84 -31.97
N ILE A 157 -21.67 -4.38 -30.76
CA ILE A 157 -22.36 -3.93 -29.57
C ILE A 157 -21.30 -3.51 -28.55
N SER A 158 -21.56 -2.43 -27.83
CA SER A 158 -20.71 -2.05 -26.72
C SER A 158 -21.46 -2.33 -25.43
N SER A 159 -20.76 -2.95 -24.46
CA SER A 159 -21.26 -3.09 -23.10
C SER A 159 -20.74 -1.98 -22.18
N VAL A 160 -20.21 -0.91 -22.78
CA VAL A 160 -19.73 0.31 -22.13
C VAL A 160 -18.67 -0.05 -21.09
N SER A 161 -18.67 0.64 -19.94
CA SER A 161 -17.68 0.42 -18.90
C SER A 161 -18.40 0.03 -17.61
N CYS A 162 -17.63 -0.46 -16.62
CA CYS A 162 -18.06 -0.69 -15.26
C CYS A 162 -18.73 0.58 -14.72
N THR A 163 -18.03 1.71 -14.89
CA THR A 163 -18.53 2.98 -14.40
C THR A 163 -19.92 3.26 -14.99
N THR A 164 -20.05 3.10 -16.30
CA THR A 164 -21.30 3.43 -16.98
C THR A 164 -22.44 2.54 -16.48
N GLN A 165 -22.16 1.29 -16.19
CA GLN A 165 -23.21 0.37 -15.78
C GLN A 165 -23.69 0.68 -14.37
N ALA A 166 -22.89 1.38 -13.57
CA ALA A 166 -23.35 1.87 -12.29
C ALA A 166 -24.04 3.22 -12.42
N LEU A 167 -23.52 4.10 -13.29
CA LEU A 167 -23.98 5.47 -13.38
C LEU A 167 -25.36 5.53 -14.02
N VAL A 168 -25.56 4.78 -15.11
CA VAL A 168 -26.78 4.89 -15.90
C VAL A 168 -27.98 4.53 -15.03
N PRO A 169 -27.97 3.41 -14.28
CA PRO A 169 -29.13 3.07 -13.44
C PRO A 169 -29.48 4.16 -12.43
N LEU A 170 -28.47 4.71 -11.76
CA LEU A 170 -28.68 5.78 -10.80
C LEU A 170 -29.33 6.98 -11.45
N VAL A 171 -28.75 7.42 -12.58
CA VAL A 171 -29.24 8.61 -13.25
C VAL A 171 -30.70 8.37 -13.63
N LYS A 172 -30.96 7.20 -14.22
CA LYS A 172 -32.27 6.87 -14.76
C LYS A 172 -33.32 6.82 -13.65
N ILE A 173 -33.01 6.10 -12.57
CA ILE A 173 -33.93 5.95 -11.46
C ILE A 173 -34.25 7.30 -10.84
N ILE A 174 -33.24 8.12 -10.59
CA ILE A 174 -33.44 9.40 -9.90
C ILE A 174 -34.13 10.37 -10.86
N ASP A 175 -33.74 10.36 -12.14
CA ASP A 175 -34.34 11.23 -13.14
C ASP A 175 -35.83 10.93 -13.31
N ASP A 176 -36.20 9.64 -13.32
CA ASP A 176 -37.58 9.23 -13.51
C ASP A 176 -38.44 9.61 -12.31
N ALA A 177 -37.85 9.64 -11.10
CA ALA A 177 -38.63 9.88 -9.90
C ALA A 177 -38.69 11.38 -9.56
N PHE A 178 -37.54 12.06 -9.53
CA PHE A 178 -37.53 13.43 -9.04
C PHE A 178 -37.15 14.40 -10.15
N GLY A 179 -36.59 13.89 -11.24
CA GLY A 179 -36.06 14.74 -12.30
C GLY A 179 -34.68 15.29 -11.91
N ILE A 180 -33.72 15.13 -12.82
CA ILE A 180 -32.39 15.68 -12.67
C ILE A 180 -32.24 16.88 -13.58
N GLU A 181 -31.91 18.06 -13.01
CA GLU A 181 -31.58 19.22 -13.83
C GLU A 181 -30.20 18.96 -14.43
N THR A 182 -29.18 18.89 -13.55
CA THR A 182 -27.83 18.52 -13.90
C THR A 182 -27.28 17.62 -12.79
N ALA A 183 -26.19 16.91 -13.12
CA ALA A 183 -25.44 16.13 -12.15
C ALA A 183 -23.95 16.05 -12.52
N LEU A 184 -23.13 15.90 -11.45
CA LEU A 184 -21.69 15.75 -11.56
C LEU A 184 -21.28 14.50 -10.78
N MET A 185 -20.45 13.68 -11.42
CA MET A 185 -19.96 12.44 -10.85
C MET A 185 -18.49 12.59 -10.43
N THR A 186 -18.19 12.04 -9.26
CA THR A 186 -16.82 11.73 -8.88
C THR A 186 -16.73 10.23 -8.69
N GLU A 187 -15.86 9.56 -9.45
CA GLU A 187 -15.57 8.16 -9.21
C GLU A 187 -14.24 8.03 -8.48
N ILE A 188 -14.26 7.27 -7.37
CA ILE A 188 -13.08 6.82 -6.66
C ILE A 188 -12.88 5.35 -6.99
N HIS A 189 -11.77 5.03 -7.61
CA HIS A 189 -11.60 3.76 -8.28
C HIS A 189 -10.24 3.19 -7.86
N ALA A 190 -10.22 1.87 -7.63
CA ALA A 190 -8.98 1.13 -7.47
C ALA A 190 -8.06 1.35 -8.66
N VAL A 191 -6.79 0.94 -8.48
CA VAL A 191 -5.81 1.00 -9.57
C VAL A 191 -6.24 0.09 -10.71
N THR A 192 -5.81 0.42 -11.94
CA THR A 192 -6.12 -0.38 -13.14
C THR A 192 -4.83 -0.86 -13.78
N ALA A 193 -4.93 -1.86 -14.66
CA ALA A 193 -3.76 -2.56 -15.20
C ALA A 193 -2.90 -1.66 -16.07
N ASP A 194 -3.45 -0.56 -16.60
CA ASP A 194 -2.73 0.37 -17.46
C ASP A 194 -1.94 1.44 -16.69
N GLN A 195 -2.02 1.45 -15.34
CA GLN A 195 -1.23 2.41 -14.58
C GLN A 195 0.23 1.95 -14.41
N SER A 196 1.01 2.71 -13.61
CA SER A 196 2.42 2.45 -13.44
C SER A 196 2.73 2.08 -11.99
N VAL A 197 3.76 1.23 -11.82
CA VAL A 197 4.21 0.83 -10.50
C VAL A 197 5.05 1.95 -9.90
N LEU A 198 6.07 2.39 -10.66
CA LEU A 198 6.89 3.54 -10.30
C LEU A 198 6.70 4.61 -11.37
N ASP A 199 7.15 5.84 -11.10
CA ASP A 199 7.07 6.91 -12.07
C ASP A 199 7.74 6.48 -13.37
N HIS A 200 7.00 6.50 -14.46
CA HIS A 200 7.46 5.94 -15.70
C HIS A 200 6.81 6.70 -16.85
N ALA A 201 7.57 6.87 -17.94
CA ALA A 201 7.01 7.36 -19.20
C ALA A 201 5.69 6.64 -19.54
N HIS A 202 4.74 7.39 -20.05
CA HIS A 202 3.37 6.93 -20.30
C HIS A 202 2.76 8.00 -21.20
N ARG A 203 1.73 7.66 -21.98
CA ARG A 203 1.04 8.64 -22.81
C ARG A 203 0.33 9.69 -21.95
N ASP A 204 -0.11 9.29 -20.76
CA ASP A 204 -0.80 10.20 -19.86
C ASP A 204 0.10 10.50 -18.67
N LEU A 205 0.35 11.79 -18.41
CA LEU A 205 1.34 12.19 -17.42
C LEU A 205 0.87 11.94 -16.00
N ARG A 206 -0.43 11.84 -15.73
N ARG A 206 -0.45 11.88 -15.76
CA ARG A 206 -0.90 11.53 -14.38
CA ARG A 206 -1.00 11.54 -14.46
C ARG A 206 -0.84 10.02 -14.14
C ARG A 206 -0.81 10.04 -14.17
N ARG A 207 -1.19 9.21 -15.14
CA ARG A 207 -1.12 7.77 -15.04
C ARG A 207 0.32 7.26 -15.15
N ALA A 208 1.25 8.15 -15.51
CA ALA A 208 2.67 7.93 -15.39
C ALA A 208 3.14 7.71 -13.95
N ARG A 209 2.34 8.10 -12.97
CA ARG A 209 2.88 8.21 -11.62
C ARG A 209 2.58 6.97 -10.79
N ALA A 210 3.47 6.73 -9.83
CA ALA A 210 3.45 5.54 -9.00
C ALA A 210 2.06 5.37 -8.39
N SER A 211 1.39 4.29 -8.80
CA SER A 211 -0.01 4.02 -8.48
C SER A 211 -0.22 3.64 -7.01
N GLY A 212 0.82 3.11 -6.37
CA GLY A 212 0.72 2.68 -4.98
C GLY A 212 0.94 3.82 -4.00
N GLN A 213 1.30 5.00 -4.52
CA GLN A 213 1.86 6.08 -3.72
C GLN A 213 0.99 7.32 -3.76
N ASN A 214 0.08 7.43 -4.76
CA ASN A 214 -0.59 8.66 -5.12
C ASN A 214 -2.11 8.53 -5.26
N ILE A 215 -2.80 9.65 -5.00
CA ILE A 215 -4.12 9.97 -5.51
C ILE A 215 -3.92 10.60 -6.89
N ILE A 216 -4.57 10.03 -7.92
CA ILE A 216 -4.38 10.43 -9.31
C ILE A 216 -5.73 10.75 -9.96
N PRO A 217 -6.12 12.04 -10.09
CA PRO A 217 -7.29 12.44 -10.88
C PRO A 217 -7.08 12.11 -12.35
N THR A 218 -8.10 11.61 -13.03
CA THR A 218 -7.95 11.25 -14.44
C THR A 218 -9.35 11.41 -15.05
N THR A 219 -9.48 11.10 -16.34
CA THR A 219 -10.75 11.21 -17.03
C THR A 219 -11.47 9.86 -16.96
N SER A 220 -12.79 9.92 -17.21
CA SER A 220 -13.68 8.76 -17.32
C SER A 220 -14.36 8.77 -18.69
N SER A 221 -14.43 7.57 -19.30
CA SER A 221 -15.19 7.32 -20.52
C SER A 221 -16.69 7.22 -20.26
N ALA A 222 -17.11 7.24 -18.98
CA ALA A 222 -18.49 6.90 -18.66
C ALA A 222 -19.46 7.99 -19.11
N LEU A 223 -18.98 9.23 -19.16
CA LEU A 223 -19.86 10.35 -19.48
C LEU A 223 -20.20 10.34 -20.96
N GLY A 224 -19.20 10.13 -21.81
CA GLY A 224 -19.45 9.91 -23.23
C GLY A 224 -20.37 8.71 -23.45
N ALA A 225 -20.12 7.63 -22.70
CA ALA A 225 -20.89 6.40 -22.87
C ALA A 225 -22.35 6.59 -22.45
N LEU A 226 -22.58 7.28 -21.33
CA LEU A 226 -23.92 7.53 -20.84
C LEU A 226 -24.73 8.36 -21.84
N LYS A 227 -24.03 9.21 -22.61
CA LYS A 227 -24.66 10.04 -23.63
C LYS A 227 -25.20 9.17 -24.77
N ARG A 228 -24.44 8.14 -25.16
CA ARG A 228 -24.91 7.21 -26.17
C ARG A 228 -26.12 6.45 -25.65
N VAL A 229 -26.12 6.07 -24.38
CA VAL A 229 -27.22 5.29 -23.83
C VAL A 229 -28.43 6.15 -23.51
N MET A 230 -28.24 7.40 -23.05
CA MET A 230 -29.38 8.23 -22.66
C MET A 230 -29.25 9.63 -23.26
N PRO A 231 -29.50 9.82 -24.58
CA PRO A 231 -29.35 11.12 -25.25
C PRO A 231 -29.99 12.36 -24.61
N LYS A 232 -31.14 12.21 -23.97
CA LYS A 232 -31.77 13.32 -23.25
C LYS A 232 -30.81 14.00 -22.25
N MET A 233 -29.77 13.29 -21.79
CA MET A 233 -28.90 13.80 -20.73
C MET A 233 -27.66 14.48 -21.31
N GLU A 234 -27.65 14.67 -22.65
CA GLU A 234 -26.68 15.54 -23.28
C GLU A 234 -26.73 16.89 -22.56
N ASP A 235 -25.54 17.39 -22.22
CA ASP A 235 -25.37 18.70 -21.62
C ASP A 235 -25.86 18.76 -20.18
N ARG A 236 -26.16 17.61 -19.54
CA ARG A 236 -26.67 17.64 -18.18
C ARG A 236 -25.70 16.98 -17.19
N ILE A 237 -24.66 16.28 -17.64
CA ILE A 237 -23.86 15.49 -16.71
C ILE A 237 -22.40 15.47 -17.15
N ASP A 238 -21.51 15.58 -16.17
CA ASP A 238 -20.08 15.48 -16.38
C ASP A 238 -19.49 14.80 -15.16
N GLY A 239 -18.19 14.52 -15.22
CA GLY A 239 -17.50 14.00 -14.06
C GLY A 239 -16.11 13.55 -14.42
N TYR A 240 -15.47 12.86 -13.47
CA TYR A 240 -14.08 12.49 -13.61
C TYR A 240 -13.84 11.33 -12.65
N SER A 241 -12.64 10.76 -12.72
CA SER A 241 -12.34 9.57 -11.94
C SER A 241 -11.07 9.88 -11.15
N ILE A 242 -10.95 9.27 -9.97
CA ILE A 242 -9.74 9.37 -9.16
C ILE A 242 -9.24 7.96 -8.86
N ARG A 243 -7.98 7.67 -9.20
CA ARG A 243 -7.37 6.39 -8.90
C ARG A 243 -6.67 6.48 -7.56
N VAL A 244 -6.86 5.47 -6.70
CA VAL A 244 -6.26 5.43 -5.38
C VAL A 244 -5.66 4.05 -5.15
N PRO A 245 -4.75 3.90 -4.18
CA PRO A 245 -4.05 2.63 -3.98
C PRO A 245 -4.80 1.48 -3.29
N THR A 246 -5.91 1.05 -3.89
CA THR A 246 -6.52 -0.23 -3.56
C THR A 246 -6.50 -1.08 -4.82
N ILE A 247 -6.71 -2.39 -4.68
CA ILE A 247 -6.49 -3.31 -5.79
C ILE A 247 -7.75 -3.53 -6.62
N ASN A 248 -8.91 -3.35 -5.98
CA ASN A 248 -10.19 -3.62 -6.63
C ASN A 248 -11.30 -2.91 -5.84
N VAL A 249 -12.39 -2.60 -6.55
CA VAL A 249 -13.64 -2.04 -6.06
C VAL A 249 -13.60 -0.52 -6.27
N ALA A 250 -14.72 0.03 -6.73
CA ALA A 250 -14.83 1.47 -6.90
C ALA A 250 -16.13 1.97 -6.29
N ALA A 251 -16.25 3.30 -6.26
CA ALA A 251 -17.46 3.96 -5.82
C ALA A 251 -17.76 5.14 -6.75
N ILE A 252 -19.06 5.36 -6.95
CA ILE A 252 -19.58 6.55 -7.57
C ILE A 252 -20.17 7.46 -6.49
N ASP A 253 -19.78 8.73 -6.61
CA ASP A 253 -20.31 9.83 -5.83
C ASP A 253 -21.03 10.74 -6.84
N LEU A 254 -22.37 10.78 -6.79
CA LEU A 254 -23.15 11.53 -7.77
C LEU A 254 -23.89 12.66 -7.09
N THR A 255 -23.60 13.90 -7.52
CA THR A 255 -24.27 15.07 -6.97
C THR A 255 -25.22 15.62 -8.04
N PHE A 256 -26.49 15.78 -7.69
CA PHE A 256 -27.48 16.19 -8.67
C PHE A 256 -28.32 17.32 -8.11
N ILE A 257 -28.85 18.13 -9.04
CA ILE A 257 -29.92 19.08 -8.74
C ILE A 257 -31.24 18.46 -9.15
N ALA A 258 -32.14 18.38 -8.17
CA ALA A 258 -33.44 17.76 -8.32
C ALA A 258 -34.47 18.79 -8.77
N GLN A 259 -35.47 18.35 -9.56
CA GLN A 259 -36.49 19.23 -10.11
C GLN A 259 -37.80 19.10 -9.34
N SER A 260 -37.82 18.31 -8.26
CA SER A 260 -38.97 18.25 -7.39
C SER A 260 -38.50 18.05 -5.94
N PRO A 261 -39.40 18.19 -4.93
CA PRO A 261 -38.98 18.05 -3.52
C PRO A 261 -38.29 16.72 -3.20
N ILE A 262 -37.18 16.80 -2.44
CA ILE A 262 -36.39 15.64 -2.07
C ILE A 262 -36.09 15.69 -0.57
N THR A 263 -35.94 14.51 0.02
CA THR A 263 -35.35 14.36 1.34
C THR A 263 -34.44 13.12 1.28
N VAL A 264 -33.56 12.99 2.26
CA VAL A 264 -32.75 11.80 2.40
C VAL A 264 -33.64 10.57 2.44
N HIS A 265 -34.62 10.59 3.33
CA HIS A 265 -35.56 9.47 3.46
C HIS A 265 -36.16 9.10 2.09
N HIS A 266 -36.70 10.08 1.34
CA HIS A 266 -37.39 9.78 0.09
C HIS A 266 -36.44 9.25 -0.99
N ILE A 267 -35.21 9.76 -1.04
CA ILE A 267 -34.23 9.29 -2.02
C ILE A 267 -33.88 7.82 -1.74
N ASN A 268 -33.66 7.46 -0.46
CA ASN A 268 -33.23 6.13 -0.09
C ASN A 268 -34.37 5.12 -0.31
N GLU A 269 -35.58 5.54 0.05
CA GLU A 269 -36.75 4.72 -0.14
C GLU A 269 -36.94 4.43 -1.62
N LEU A 270 -36.78 5.46 -2.44
CA LEU A 270 -36.85 5.27 -3.87
C LEU A 270 -35.82 4.24 -4.33
N LEU A 271 -34.56 4.34 -3.86
CA LEU A 271 -33.51 3.49 -4.40
C LEU A 271 -33.71 2.05 -3.97
N ILE A 272 -34.20 1.88 -2.75
CA ILE A 272 -34.51 0.58 -2.18
C ILE A 272 -35.63 -0.09 -2.96
N LYS A 273 -36.72 0.64 -3.23
CA LYS A 273 -37.83 0.08 -4.00
C LYS A 273 -37.34 -0.29 -5.40
N ALA A 274 -36.57 0.60 -6.06
CA ALA A 274 -36.04 0.30 -7.40
C ALA A 274 -35.27 -1.03 -7.39
N SER A 275 -34.47 -1.26 -6.34
CA SER A 275 -33.62 -2.43 -6.23
C SER A 275 -34.43 -3.69 -5.90
N GLN A 276 -35.64 -3.53 -5.35
CA GLN A 276 -36.46 -4.68 -5.01
C GLN A 276 -37.40 -5.02 -6.15
N THR A 277 -37.56 -4.11 -7.12
CA THR A 277 -38.52 -4.31 -8.20
C THR A 277 -37.75 -4.36 -9.51
N ASP A 278 -37.73 -3.24 -10.23
CA ASP A 278 -37.29 -3.23 -11.63
C ASP A 278 -35.80 -3.51 -11.80
N TYR A 279 -34.96 -3.38 -10.74
CA TYR A 279 -33.52 -3.43 -10.89
C TYR A 279 -32.91 -4.54 -10.03
N ALA A 280 -33.75 -5.45 -9.55
CA ALA A 280 -33.32 -6.48 -8.61
C ALA A 280 -32.14 -7.26 -9.19
N GLU A 281 -32.11 -7.47 -10.51
CA GLU A 281 -31.05 -8.29 -11.06
C GLU A 281 -29.67 -7.65 -10.89
N ILE A 282 -29.58 -6.31 -10.88
CA ILE A 282 -28.28 -5.65 -11.04
C ILE A 282 -27.96 -4.71 -9.89
N MET A 283 -28.91 -4.47 -8.96
CA MET A 283 -28.77 -3.41 -7.98
C MET A 283 -29.04 -3.91 -6.56
N ALA A 284 -28.25 -3.46 -5.58
CA ALA A 284 -28.57 -3.66 -4.18
C ALA A 284 -28.43 -2.34 -3.40
N VAL A 285 -29.00 -2.31 -2.21
CA VAL A 285 -28.87 -1.19 -1.30
C VAL A 285 -28.47 -1.74 0.07
N THR A 286 -27.52 -1.08 0.72
CA THR A 286 -27.17 -1.44 2.09
C THR A 286 -27.33 -0.20 2.94
N ASP A 287 -27.55 -0.45 4.23
CA ASP A 287 -27.61 0.58 5.26
C ASP A 287 -26.57 0.33 6.35
N GLU A 288 -25.63 -0.58 6.12
CA GLU A 288 -24.58 -0.84 7.09
C GLU A 288 -23.31 -0.06 6.77
N PRO A 289 -22.48 0.24 7.80
CA PRO A 289 -21.25 1.01 7.58
C PRO A 289 -20.09 0.18 7.02
N LEU A 290 -20.12 0.01 5.69
CA LEU A 290 -19.20 -0.86 5.00
C LEU A 290 -18.15 -0.06 4.25
N VAL A 291 -17.10 -0.77 3.84
CA VAL A 291 -15.97 -0.20 3.12
C VAL A 291 -15.71 -1.04 1.86
N SER A 292 -14.72 -0.62 1.06
CA SER A 292 -14.57 -1.15 -0.28
C SER A 292 -14.40 -2.67 -0.29
N SER A 293 -13.58 -3.21 0.60
CA SER A 293 -13.26 -4.65 0.56
C SER A 293 -14.52 -5.49 0.80
N ASP A 294 -15.54 -4.93 1.44
CA ASP A 294 -16.79 -5.65 1.65
C ASP A 294 -17.57 -5.94 0.36
N PHE A 295 -17.17 -5.34 -0.77
CA PHE A 295 -17.88 -5.51 -2.01
C PHE A 295 -17.02 -6.28 -3.01
N ASN A 296 -15.83 -6.65 -2.58
CA ASN A 296 -14.96 -7.45 -3.43
C ASN A 296 -15.65 -8.77 -3.74
N HIS A 297 -15.83 -9.02 -5.03
CA HIS A 297 -16.41 -10.26 -5.54
C HIS A 297 -17.92 -10.19 -5.49
N SER A 298 -18.47 -8.97 -5.44
CA SER A 298 -19.90 -8.78 -5.52
C SER A 298 -20.32 -8.71 -7.00
N PRO A 299 -21.40 -9.41 -7.44
CA PRO A 299 -21.79 -9.41 -8.85
C PRO A 299 -22.72 -8.29 -9.28
N TYR A 300 -23.19 -7.47 -8.33
CA TYR A 300 -24.07 -6.36 -8.63
C TYR A 300 -23.37 -5.32 -9.51
N SER A 301 -24.16 -4.59 -10.30
CA SER A 301 -23.65 -3.45 -11.03
C SER A 301 -23.48 -2.28 -10.08
N LEU A 302 -24.25 -2.24 -8.99
CA LEU A 302 -24.09 -1.17 -8.04
C LEU A 302 -24.78 -1.53 -6.73
N ILE A 303 -24.12 -1.12 -5.65
CA ILE A 303 -24.70 -1.26 -4.33
C ILE A 303 -24.73 0.12 -3.71
N VAL A 304 -25.95 0.65 -3.51
CA VAL A 304 -26.11 1.98 -2.95
C VAL A 304 -25.85 1.94 -1.45
N ASP A 305 -25.07 2.94 -1.00
CA ASP A 305 -24.70 3.08 0.39
C ASP A 305 -25.63 4.14 0.95
N LEU A 306 -26.73 3.67 1.56
CA LEU A 306 -27.80 4.58 1.95
C LEU A 306 -27.37 5.49 3.11
N THR A 307 -26.32 5.14 3.86
CA THR A 307 -25.89 6.01 4.94
C THR A 307 -25.15 7.25 4.40
N GLN A 308 -24.71 7.24 3.14
CA GLN A 308 -23.98 8.38 2.58
C GLN A 308 -24.89 9.47 1.98
N THR A 309 -26.18 9.18 1.79
CA THR A 309 -27.07 10.08 1.08
C THR A 309 -27.19 11.41 1.84
N MET A 310 -27.01 12.53 1.14
CA MET A 310 -27.12 13.86 1.71
C MET A 310 -27.99 14.74 0.83
N VAL A 311 -28.71 15.68 1.47
CA VAL A 311 -29.50 16.71 0.79
C VAL A 311 -29.25 18.07 1.43
N VAL A 312 -28.94 19.06 0.61
CA VAL A 312 -28.99 20.45 1.03
C VAL A 312 -29.77 21.19 -0.04
N GLY A 313 -30.94 21.72 0.34
CA GLY A 313 -31.80 22.44 -0.60
C GLY A 313 -32.34 21.52 -1.70
N HIS A 314 -31.97 21.83 -2.95
CA HIS A 314 -32.37 21.09 -4.14
C HIS A 314 -31.26 20.14 -4.60
N GLN A 315 -30.20 20.07 -3.79
CA GLN A 315 -28.98 19.39 -4.21
C GLN A 315 -28.79 18.15 -3.36
N ALA A 316 -28.34 17.08 -3.98
CA ALA A 316 -28.23 15.83 -3.27
C ALA A 316 -27.04 15.05 -3.79
N LYS A 317 -26.50 14.23 -2.89
CA LYS A 317 -25.43 13.32 -3.20
C LYS A 317 -25.91 11.92 -2.84
N VAL A 318 -25.69 10.99 -3.77
CA VAL A 318 -25.83 9.57 -3.52
C VAL A 318 -24.50 8.88 -3.80
N PHE A 319 -24.34 7.69 -3.22
CA PHE A 319 -23.06 7.01 -3.24
C PHE A 319 -23.30 5.53 -3.51
N ALA A 320 -22.55 4.94 -4.46
CA ALA A 320 -22.74 3.52 -4.74
C ALA A 320 -21.40 2.84 -4.90
N TRP A 321 -21.31 1.61 -4.41
CA TRP A 321 -20.14 0.78 -4.61
C TRP A 321 -20.30 -0.16 -5.81
N TYR A 322 -19.20 -0.67 -6.34
CA TYR A 322 -19.25 -1.81 -7.26
C TYR A 322 -17.86 -2.44 -7.40
N ASP A 323 -17.83 -3.76 -7.49
CA ASP A 323 -16.63 -4.46 -7.93
C ASP A 323 -16.50 -4.29 -9.44
N ASN A 324 -15.62 -3.39 -9.83
CA ASN A 324 -15.40 -3.01 -11.22
C ASN A 324 -15.07 -4.20 -12.12
N GLU A 325 -14.49 -5.29 -11.58
CA GLU A 325 -14.11 -6.45 -12.39
C GLU A 325 -15.26 -7.46 -12.47
N TRP A 326 -15.83 -7.82 -11.31
CA TRP A 326 -16.72 -8.97 -11.17
C TRP A 326 -18.13 -8.59 -11.59
N GLY A 327 -18.53 -7.37 -11.27
CA GLY A 327 -19.78 -6.84 -11.78
C GLY A 327 -19.84 -6.91 -13.30
N TYR A 328 -18.88 -6.26 -13.94
CA TYR A 328 -18.84 -6.13 -15.39
C TYR A 328 -18.76 -7.51 -16.04
N ALA A 329 -18.03 -8.42 -15.41
CA ALA A 329 -17.84 -9.73 -16.01
C ALA A 329 -19.16 -10.49 -16.00
N ASN A 330 -19.93 -10.33 -14.92
CA ASN A 330 -21.24 -10.96 -14.78
C ASN A 330 -22.23 -10.36 -15.76
N ARG A 331 -22.15 -9.03 -15.95
CA ARG A 331 -23.02 -8.33 -16.87
C ARG A 331 -22.76 -8.74 -18.32
N LEU A 332 -21.50 -9.05 -18.67
CA LEU A 332 -21.17 -9.57 -20.00
C LEU A 332 -21.87 -10.91 -20.23
N LEU A 333 -21.83 -11.79 -19.23
CA LEU A 333 -22.45 -13.10 -19.33
C LEU A 333 -23.96 -12.97 -19.42
N ASP A 334 -24.56 -12.07 -18.64
CA ASP A 334 -26.00 -11.83 -18.66
C ASP A 334 -26.47 -11.27 -20.01
N LEU A 335 -25.68 -10.38 -20.60
CA LEU A 335 -26.02 -9.81 -21.89
C LEU A 335 -25.98 -10.92 -22.95
N CYS A 336 -24.95 -11.77 -22.95
CA CYS A 336 -24.92 -12.90 -23.86
C CYS A 336 -26.15 -13.78 -23.67
N ASP A 337 -26.52 -13.97 -22.40
CA ASP A 337 -27.64 -14.84 -22.08
C ASP A 337 -28.94 -14.20 -22.57
N SER A 338 -28.99 -12.87 -22.64
CA SER A 338 -30.17 -12.15 -23.10
C SER A 338 -30.42 -12.41 -24.59
N PHE A 339 -29.38 -12.79 -25.35
CA PHE A 339 -29.56 -13.05 -26.77
C PHE A 339 -30.26 -14.39 -26.97
N LYS A 340 -30.63 -15.05 -25.86
CA LYS A 340 -31.06 -16.44 -25.81
C LYS A 340 -29.82 -17.33 -25.79
N SER A 341 -29.98 -18.59 -25.36
CA SER A 341 -28.87 -19.53 -25.29
C SER A 341 -29.38 -20.96 -25.51
N MET B 1 9.14 40.04 21.62
CA MET B 1 8.64 38.77 21.04
C MET B 1 7.87 37.99 22.10
N GLN B 2 7.63 36.70 21.85
CA GLN B 2 6.49 35.99 22.39
C GLN B 2 6.90 34.53 22.61
N ARG B 3 6.24 33.84 23.54
CA ARG B 3 6.74 32.55 23.99
C ARG B 3 5.65 31.50 23.85
N ILE B 4 5.89 30.47 23.01
CA ILE B 4 4.87 29.46 22.69
C ILE B 4 5.23 28.10 23.29
N ALA B 5 4.20 27.34 23.69
CA ALA B 5 4.34 25.95 24.07
C ALA B 5 3.44 25.07 23.23
N ILE B 6 3.90 23.82 23.01
CA ILE B 6 3.15 22.80 22.30
C ILE B 6 2.76 21.69 23.28
N ASN B 7 1.45 21.44 23.40
CA ASN B 7 0.91 20.32 24.16
C ASN B 7 0.52 19.21 23.20
N GLY B 8 1.33 18.13 23.16
CA GLY B 8 1.12 17.03 22.22
C GLY B 8 2.05 17.09 21.00
N PHE B 9 3.09 16.26 21.06
CA PHE B 9 4.16 16.23 20.07
C PHE B 9 3.91 15.07 19.11
N GLY B 10 2.78 15.16 18.39
CA GLY B 10 2.41 14.18 17.39
C GLY B 10 2.62 14.69 15.97
N ARG B 11 1.82 14.19 15.01
CA ARG B 11 1.95 14.62 13.63
C ARG B 11 1.89 16.15 13.54
N ILE B 12 1.10 16.84 14.39
CA ILE B 12 0.95 18.29 14.29
C ILE B 12 2.04 19.00 15.08
N GLY B 13 2.11 18.69 16.38
CA GLY B 13 3.10 19.28 17.26
C GLY B 13 4.51 19.20 16.69
N ARG B 14 4.92 18.02 16.21
CA ARG B 14 6.25 17.82 15.65
C ARG B 14 6.47 18.65 14.38
N ASN B 15 5.45 18.75 13.54
CA ASN B 15 5.58 19.46 12.28
C ASN B 15 5.50 20.97 12.51
N VAL B 16 4.82 21.42 13.57
CA VAL B 16 4.88 22.84 13.91
C VAL B 16 6.34 23.23 14.19
N LEU B 17 7.02 22.45 15.05
CA LEU B 17 8.39 22.70 15.41
C LEU B 17 9.30 22.57 14.18
N ARG B 18 9.12 21.54 13.35
CA ARG B 18 9.92 21.48 12.14
C ARG B 18 9.69 22.70 11.25
N ALA B 19 8.41 23.07 11.06
CA ALA B 19 8.07 24.14 10.14
C ALA B 19 8.62 25.47 10.63
N TRP B 20 8.70 25.67 11.94
CA TRP B 20 9.41 26.80 12.52
C TRP B 20 10.83 26.88 11.96
N PHE B 21 11.53 25.76 11.91
CA PHE B 21 12.93 25.81 11.48
C PHE B 21 13.01 25.98 9.98
N GLU B 22 12.05 25.44 9.24
CA GLU B 22 12.21 25.38 7.79
C GLU B 22 11.68 26.62 7.09
N SER B 23 10.84 27.41 7.78
CA SER B 23 10.14 28.50 7.12
C SER B 23 11.10 29.49 6.47
N PRO B 24 10.85 29.97 5.23
CA PRO B 24 11.70 31.00 4.62
C PRO B 24 11.60 32.28 5.44
N LYS B 25 10.36 32.65 5.80
CA LYS B 25 10.06 33.66 6.80
C LYS B 25 10.64 33.22 8.15
N GLN B 26 11.34 34.10 8.87
CA GLN B 26 11.67 33.83 10.27
C GLN B 26 10.59 34.47 11.15
N PHE B 27 10.09 33.69 12.12
CA PHE B 27 8.97 34.10 12.95
C PHE B 27 9.49 34.80 14.20
N HIS B 28 8.76 35.86 14.61
CA HIS B 28 9.11 36.70 15.76
C HIS B 28 8.44 36.17 17.03
N PHE B 29 8.66 34.89 17.32
CA PHE B 29 8.27 34.25 18.59
C PHE B 29 9.11 32.98 18.71
N GLU B 30 9.09 32.33 19.89
CA GLU B 30 9.90 31.15 20.11
C GLU B 30 9.03 30.05 20.72
N ILE B 31 9.28 28.81 20.30
CA ILE B 31 8.76 27.65 21.00
C ILE B 31 9.73 27.29 22.12
N VAL B 32 9.25 27.34 23.36
CA VAL B 32 10.10 27.22 24.53
C VAL B 32 9.74 25.98 25.35
N ALA B 33 8.68 25.25 24.97
CA ALA B 33 8.33 24.04 25.71
C ALA B 33 7.47 23.11 24.84
N ILE B 34 7.63 21.80 25.08
CA ILE B 34 6.78 20.78 24.52
C ILE B 34 6.36 19.87 25.67
N ASN B 35 5.19 19.24 25.54
CA ASN B 35 4.70 18.26 26.49
C ASN B 35 4.10 17.09 25.72
N ASP B 36 4.46 15.85 26.11
CA ASP B 36 3.78 14.66 25.63
C ASP B 36 3.74 13.66 26.78
N ILE B 37 2.95 12.60 26.62
CA ILE B 37 2.90 11.52 27.61
C ILE B 37 4.09 10.60 27.41
N ALA B 38 4.67 10.58 26.20
CA ALA B 38 5.81 9.74 25.90
C ALA B 38 7.13 10.34 26.43
N ASP B 39 8.15 9.50 26.57
CA ASP B 39 9.45 9.93 27.05
C ASP B 39 10.20 10.67 25.94
N VAL B 40 11.15 11.50 26.38
CA VAL B 40 11.86 12.43 25.54
C VAL B 40 12.63 11.72 24.43
N HIS B 41 13.12 10.50 24.68
CA HIS B 41 13.95 9.79 23.70
C HIS B 41 13.10 9.36 22.51
N THR B 42 11.88 8.89 22.79
CA THR B 42 10.92 8.55 21.74
C THR B 42 10.58 9.80 20.92
N LEU B 43 10.33 10.92 21.61
CA LEU B 43 9.93 12.16 20.97
C LEU B 43 11.02 12.69 20.02
N VAL B 44 12.28 12.70 20.49
CA VAL B 44 13.39 13.15 19.70
C VAL B 44 13.56 12.26 18.47
N HIS B 45 13.48 10.94 18.67
CA HIS B 45 13.59 9.98 17.59
C HIS B 45 12.57 10.31 16.49
N LEU B 46 11.30 10.48 16.90
CA LEU B 46 10.23 10.75 15.94
C LEU B 46 10.33 12.15 15.34
N PHE B 47 10.90 13.11 16.06
CA PHE B 47 11.15 14.43 15.49
C PHE B 47 12.20 14.36 14.38
N LYS B 48 13.22 13.53 14.58
CA LYS B 48 14.36 13.45 13.69
C LYS B 48 14.05 12.62 12.46
N TYR B 49 13.30 11.53 12.64
CA TYR B 49 13.04 10.54 11.60
C TYR B 49 11.55 10.52 11.31
N ASP B 50 11.18 10.82 10.06
CA ASP B 50 9.79 10.84 9.69
C ASP B 50 9.59 10.11 8.38
N SER B 51 8.65 9.17 8.37
CA SER B 51 8.32 8.40 7.19
C SER B 51 7.68 9.26 6.10
N THR B 52 7.06 10.39 6.46
CA THR B 52 6.34 11.23 5.52
C THR B 52 7.20 12.39 5.01
N HIS B 53 7.89 13.11 5.92
CA HIS B 53 8.58 14.35 5.58
C HIS B 53 10.10 14.18 5.52
N GLY B 54 10.62 12.98 5.83
CA GLY B 54 12.05 12.70 5.76
C GLY B 54 12.79 13.05 7.04
N ARG B 55 14.12 12.97 6.98
CA ARG B 55 14.97 13.29 8.12
C ARG B 55 14.92 14.79 8.37
N PHE B 56 14.79 15.17 9.63
CA PHE B 56 15.01 16.56 9.99
C PHE B 56 16.44 16.95 9.63
N ASN B 57 16.57 18.01 8.86
CA ASN B 57 17.87 18.47 8.41
C ASN B 57 18.44 19.38 9.48
N GLY B 58 18.93 18.79 10.57
CA GLY B 58 19.40 19.54 11.71
C GLY B 58 19.86 18.58 12.80
N LYS B 59 20.28 19.12 13.93
CA LYS B 59 20.78 18.32 15.04
C LYS B 59 20.00 18.64 16.31
N VAL B 60 19.83 17.61 17.14
CA VAL B 60 19.20 17.72 18.45
C VAL B 60 20.16 17.16 19.50
N ASP B 61 20.32 17.91 20.59
CA ASP B 61 21.12 17.47 21.72
C ASP B 61 20.23 17.58 22.95
N ILE B 62 20.18 16.51 23.74
CA ILE B 62 19.42 16.48 24.97
C ILE B 62 20.37 16.72 26.15
N THR B 63 20.06 17.73 26.95
CA THR B 63 20.82 18.08 28.14
C THR B 63 19.88 18.03 29.34
N ILE B 64 20.46 17.78 30.51
CA ILE B 64 19.74 17.91 31.76
C ILE B 64 20.37 19.06 32.55
N GLU B 65 19.55 20.06 32.89
CA GLU B 65 19.99 21.22 33.64
C GLU B 65 18.97 21.47 34.75
N ASN B 66 19.44 21.49 36.01
CA ASN B 66 18.58 21.27 37.17
C ASN B 66 18.11 19.81 37.10
N GLU B 67 16.81 19.59 37.26
CA GLU B 67 16.18 18.31 36.95
C GLU B 67 15.22 18.49 35.79
N LYS B 68 15.56 19.43 34.89
CA LYS B 68 14.70 19.78 33.76
C LYS B 68 15.40 19.30 32.49
N ILE B 69 14.60 18.75 31.56
CA ILE B 69 15.12 18.23 30.31
C ILE B 69 14.94 19.29 29.22
N TYR B 70 15.95 19.43 28.36
CA TYR B 70 15.97 20.41 27.29
C TYR B 70 16.43 19.80 25.96
N LEU B 71 15.89 20.33 24.86
CA LEU B 71 16.35 19.97 23.54
C LEU B 71 17.12 21.16 22.98
N ASN B 72 18.35 20.92 22.53
CA ASN B 72 19.11 21.95 21.84
C ASN B 72 19.06 21.60 20.36
N ILE B 73 18.36 22.45 19.61
CA ILE B 73 18.00 22.13 18.25
C ILE B 73 18.57 23.22 17.35
N GLN B 74 19.24 22.79 16.29
CA GLN B 74 19.84 23.70 15.35
C GLN B 74 19.50 23.21 13.94
N SER B 75 18.96 24.12 13.11
CA SER B 75 18.67 23.82 11.72
C SER B 75 18.49 25.14 10.99
N ASN B 76 18.90 25.17 9.71
CA ASN B 76 18.59 26.27 8.81
C ASN B 76 19.06 27.60 9.41
N GLN B 77 20.25 27.58 10.02
CA GLN B 77 20.88 28.76 10.62
C GLN B 77 20.12 29.23 11.85
N ARG B 78 19.22 28.40 12.41
CA ARG B 78 18.40 28.81 13.53
C ARG B 78 18.58 27.86 14.70
N LEU B 79 18.19 28.32 15.90
CA LEU B 79 18.45 27.59 17.12
C LEU B 79 17.31 27.77 18.12
N LEU B 80 16.93 26.69 18.82
CA LEU B 80 15.96 26.80 19.89
C LEU B 80 16.43 25.91 21.00
N LYS B 81 16.06 26.28 22.21
CA LYS B 81 16.24 25.43 23.37
C LYS B 81 14.86 25.29 24.02
N VAL B 82 14.40 24.04 24.16
CA VAL B 82 13.01 23.75 24.44
C VAL B 82 12.94 22.81 25.63
N GLU B 83 12.14 23.18 26.65
CA GLU B 83 11.95 22.28 27.78
C GLU B 83 10.95 21.19 27.38
N VAL B 84 11.15 20.01 27.98
CA VAL B 84 10.39 18.82 27.67
C VAL B 84 9.69 18.36 28.94
N LEU B 85 8.36 18.24 28.85
CA LEU B 85 7.54 17.86 29.97
C LEU B 85 6.85 16.55 29.62
N GLN B 86 6.38 15.86 30.67
CA GLN B 86 5.68 14.60 30.50
C GLN B 86 4.51 14.56 31.49
N GLN B 87 3.62 15.55 31.38
CA GLN B 87 2.46 15.66 32.24
C GLN B 87 1.17 15.43 31.45
N LYS B 88 0.39 14.43 31.86
CA LYS B 88 -0.83 13.99 31.18
C LYS B 88 -2.02 14.94 31.42
N GLN B 89 -1.97 15.74 32.48
CA GLN B 89 -3.08 16.61 32.86
C GLN B 89 -2.66 18.07 32.75
N PRO B 90 -3.31 18.86 31.86
CA PRO B 90 -2.87 20.25 31.58
C PRO B 90 -2.82 21.25 32.73
N GLU B 91 -3.68 21.10 33.73
CA GLU B 91 -3.74 22.02 34.87
C GLU B 91 -2.44 21.96 35.67
N LEU B 92 -1.73 20.82 35.55
CA LEU B 92 -0.52 20.57 36.32
C LEU B 92 0.74 21.02 35.58
N LEU B 93 0.57 21.73 34.44
CA LEU B 93 1.72 22.14 33.65
C LEU B 93 2.24 23.49 34.17
N PRO B 94 3.55 23.77 34.02
CA PRO B 94 4.14 24.99 34.58
C PRO B 94 4.17 26.26 33.73
N TRP B 95 3.00 26.67 33.22
CA TRP B 95 2.95 27.67 32.16
C TRP B 95 3.22 29.07 32.71
N ALA B 96 2.79 29.32 33.95
CA ALA B 96 3.01 30.62 34.59
C ALA B 96 4.50 30.84 34.88
N SER B 97 5.14 29.83 35.46
CA SER B 97 6.59 29.78 35.65
C SER B 97 7.35 30.07 34.33
N LEU B 98 6.92 29.44 33.21
CA LEU B 98 7.60 29.58 31.91
C LEU B 98 7.12 30.83 31.15
N LYS B 99 6.00 31.42 31.58
CA LYS B 99 5.51 32.69 31.04
C LYS B 99 5.07 32.49 29.59
N ILE B 100 4.24 31.46 29.44
CA ILE B 100 3.68 31.07 28.16
C ILE B 100 2.62 32.07 27.72
N ASP B 101 2.89 32.75 26.61
CA ASP B 101 1.90 33.53 25.91
C ASP B 101 0.81 32.63 25.29
N VAL B 102 1.21 31.57 24.57
CA VAL B 102 0.27 30.77 23.80
C VAL B 102 0.64 29.29 23.90
N VAL B 103 -0.33 28.46 24.30
CA VAL B 103 -0.24 27.02 24.19
C VAL B 103 -0.94 26.56 22.92
N LEU B 104 -0.22 25.82 22.08
CA LEU B 104 -0.80 25.10 20.95
C LEU B 104 -1.29 23.75 21.44
N GLU B 105 -2.62 23.59 21.49
CA GLU B 105 -3.19 22.37 22.05
C GLU B 105 -3.44 21.37 20.92
N CYS B 106 -2.56 20.35 20.84
CA CYS B 106 -2.45 19.49 19.69
C CYS B 106 -2.57 18.02 20.10
N THR B 107 -3.24 17.70 21.23
CA THR B 107 -3.42 16.33 21.68
C THR B 107 -4.67 15.70 21.08
N GLY B 108 -5.68 16.52 20.74
CA GLY B 108 -6.99 16.02 20.34
C GLY B 108 -7.96 15.76 21.51
N LEU B 109 -7.49 15.86 22.77
CA LEU B 109 -8.24 15.41 23.94
C LEU B 109 -8.81 16.58 24.76
N PHE B 110 -8.41 17.83 24.47
CA PHE B 110 -8.81 18.97 25.28
C PHE B 110 -9.46 20.04 24.39
N ARG B 111 -10.46 19.64 23.61
CA ARG B 111 -11.04 20.53 22.64
C ARG B 111 -12.17 21.38 23.24
N SER B 112 -12.83 20.86 24.30
CA SER B 112 -13.88 21.59 25.00
C SER B 112 -13.31 22.86 25.62
N HIS B 113 -14.16 23.88 25.82
CA HIS B 113 -13.78 25.15 26.44
C HIS B 113 -13.29 24.95 27.87
N ALA B 114 -13.84 23.94 28.56
CA ALA B 114 -13.47 23.63 29.94
C ALA B 114 -12.04 23.07 30.01
N ASP B 115 -11.78 22.03 29.20
CA ASP B 115 -10.48 21.37 29.18
C ASP B 115 -9.39 22.37 28.77
N ALA B 116 -9.72 23.25 27.82
CA ALA B 116 -8.75 24.17 27.26
C ALA B 116 -8.33 25.18 28.30
N THR B 117 -9.30 25.62 29.12
CA THR B 117 -9.06 26.66 30.11
C THR B 117 -8.09 26.13 31.16
N ARG B 118 -8.02 24.81 31.34
CA ARG B 118 -7.05 24.19 32.24
C ARG B 118 -5.64 24.73 31.98
N HIS B 119 -5.28 24.99 30.70
CA HIS B 119 -4.00 25.62 30.40
C HIS B 119 -3.92 27.03 30.98
N LEU B 120 -5.04 27.75 30.97
CA LEU B 120 -5.09 29.12 31.45
C LEU B 120 -4.92 29.18 32.96
N GLU B 121 -5.57 28.21 33.65
CA GLU B 121 -5.39 27.99 35.06
C GLU B 121 -3.91 27.71 35.35
N ALA B 122 -3.34 26.77 34.58
CA ALA B 122 -1.96 26.36 34.71
C ALA B 122 -0.99 27.52 34.44
N GLY B 123 -1.50 28.63 33.86
CA GLY B 123 -0.77 29.89 33.81
C GLY B 123 -0.59 30.45 32.40
N ALA B 124 -1.08 29.74 31.37
CA ALA B 124 -0.95 30.26 30.03
C ALA B 124 -1.98 31.37 29.81
N LYS B 125 -1.64 32.35 28.97
CA LYS B 125 -2.49 33.51 28.74
C LYS B 125 -3.54 33.23 27.65
N ARG B 126 -3.16 32.44 26.64
CA ARG B 126 -3.98 32.14 25.47
C ARG B 126 -3.74 30.69 25.04
N VAL B 127 -4.82 29.96 24.74
CA VAL B 127 -4.72 28.65 24.13
C VAL B 127 -5.26 28.69 22.71
N ILE B 128 -4.54 28.09 21.75
CA ILE B 128 -5.11 27.77 20.45
C ILE B 128 -5.42 26.27 20.40
N ILE B 129 -6.69 25.91 20.26
CA ILE B 129 -7.09 24.52 20.08
C ILE B 129 -6.86 24.14 18.62
N GLY B 130 -5.97 23.15 18.38
CA GLY B 130 -5.58 22.75 17.04
C GLY B 130 -6.53 21.68 16.49
N ALA B 131 -7.80 22.05 16.37
CA ALA B 131 -8.88 21.13 16.06
C ALA B 131 -10.18 21.93 15.99
N ALA B 132 -11.20 21.32 15.36
CA ALA B 132 -12.52 21.92 15.38
C ALA B 132 -12.96 22.14 16.84
N PRO B 133 -13.78 23.17 17.12
CA PRO B 133 -14.42 23.29 18.42
C PRO B 133 -15.28 22.09 18.82
N PHE B 134 -15.23 21.75 20.11
CA PHE B 134 -16.10 20.75 20.72
C PHE B 134 -17.42 21.39 21.16
N ASP B 135 -17.36 22.48 21.95
CA ASP B 135 -18.54 23.17 22.46
C ASP B 135 -18.46 24.68 22.16
N HIS B 136 -17.72 25.47 22.95
CA HIS B 136 -17.63 26.90 22.73
C HIS B 136 -16.17 27.28 22.61
N VAL B 137 -15.91 28.35 21.87
CA VAL B 137 -14.60 28.96 21.81
C VAL B 137 -14.83 30.45 21.72
N ASP B 138 -13.80 31.23 22.04
CA ASP B 138 -13.87 32.68 21.95
C ASP B 138 -13.83 33.09 20.48
N ALA B 139 -13.18 32.27 19.64
CA ALA B 139 -13.08 32.60 18.22
C ALA B 139 -12.61 31.38 17.41
N ALA B 140 -13.19 31.19 16.22
CA ALA B 140 -12.86 30.11 15.30
C ALA B 140 -12.23 30.74 14.07
N ILE B 141 -10.94 30.48 13.86
CA ILE B 141 -10.12 31.26 12.94
C ILE B 141 -9.60 30.38 11.82
N VAL B 142 -9.79 30.84 10.58
CA VAL B 142 -9.04 30.40 9.43
C VAL B 142 -8.02 31.47 9.07
N TYR B 143 -6.72 31.17 9.23
CA TYR B 143 -5.70 32.13 8.86
C TYR B 143 -5.89 32.53 7.39
N GLY B 144 -5.85 33.84 7.16
CA GLY B 144 -5.88 34.44 5.83
C GLY B 144 -7.32 34.80 5.43
N VAL B 145 -8.28 34.48 6.32
CA VAL B 145 -9.68 34.79 6.09
C VAL B 145 -10.25 35.71 7.18
N ASN B 146 -10.14 35.33 8.46
CA ASN B 146 -10.75 36.09 9.53
C ASN B 146 -9.84 36.18 10.76
N HIS B 147 -8.51 36.10 10.58
CA HIS B 147 -7.59 36.17 11.71
C HIS B 147 -7.51 37.60 12.27
N ALA B 148 -7.80 38.59 11.42
CA ALA B 148 -7.86 39.98 11.86
C ALA B 148 -8.92 40.15 12.95
N ASP B 149 -9.83 39.18 13.13
CA ASP B 149 -10.98 39.30 14.01
C ASP B 149 -10.67 38.83 15.43
N VAL B 150 -9.43 38.41 15.69
CA VAL B 150 -9.07 38.04 17.05
C VAL B 150 -9.00 39.30 17.92
N LYS B 151 -9.75 39.28 19.02
CA LYS B 151 -9.79 40.37 19.99
C LYS B 151 -8.72 40.09 21.04
N ALA B 152 -8.04 41.16 21.49
CA ALA B 152 -7.00 41.06 22.51
C ALA B 152 -7.50 40.35 23.76
N THR B 153 -8.82 40.27 23.97
CA THR B 153 -9.39 39.58 25.13
C THR B 153 -9.69 38.11 24.82
N ASP B 154 -9.61 37.69 23.54
CA ASP B 154 -9.84 36.30 23.17
C ASP B 154 -8.75 35.43 23.80
N GLN B 155 -9.16 34.38 24.51
CA GLN B 155 -8.24 33.55 25.26
C GLN B 155 -8.25 32.10 24.80
N ILE B 156 -9.42 31.62 24.35
CA ILE B 156 -9.61 30.27 23.85
C ILE B 156 -9.97 30.33 22.38
N ILE B 157 -9.00 30.07 21.50
CA ILE B 157 -9.14 30.19 20.06
C ILE B 157 -9.05 28.79 19.44
N SER B 158 -9.84 28.56 18.39
CA SER B 158 -9.76 27.36 17.58
C SER B 158 -9.22 27.71 16.20
N SER B 159 -8.22 26.96 15.75
CA SER B 159 -7.71 27.06 14.39
C SER B 159 -8.35 25.98 13.51
N VAL B 160 -9.50 25.47 13.94
CA VAL B 160 -10.30 24.57 13.14
C VAL B 160 -9.45 23.39 12.63
N SER B 161 -9.71 22.90 11.42
CA SER B 161 -9.04 21.71 10.90
C SER B 161 -8.45 22.02 9.53
N CYS B 162 -7.54 21.13 9.09
CA CYS B 162 -6.92 21.20 7.77
C CYS B 162 -7.99 21.36 6.71
N THR B 163 -9.03 20.52 6.78
CA THR B 163 -10.07 20.52 5.77
C THR B 163 -10.78 21.88 5.81
N THR B 164 -11.07 22.39 7.01
CA THR B 164 -11.74 23.66 7.15
C THR B 164 -10.94 24.78 6.50
N GLN B 165 -9.61 24.72 6.54
CA GLN B 165 -8.82 25.83 6.03
C GLN B 165 -8.67 25.79 4.52
N ALA B 166 -8.98 24.65 3.89
CA ALA B 166 -9.09 24.64 2.45
C ALA B 166 -10.49 25.04 2.02
N LEU B 167 -11.50 24.51 2.72
CA LEU B 167 -12.89 24.66 2.32
C LEU B 167 -13.37 26.12 2.43
N VAL B 168 -13.06 26.79 3.55
CA VAL B 168 -13.60 28.11 3.85
C VAL B 168 -13.16 29.12 2.80
N PRO B 169 -11.87 29.24 2.45
CA PRO B 169 -11.51 30.15 1.35
C PRO B 169 -12.31 29.91 0.07
N LEU B 170 -12.43 28.64 -0.31
CA LEU B 170 -13.09 28.26 -1.55
C LEU B 170 -14.55 28.73 -1.54
N VAL B 171 -15.23 28.46 -0.42
CA VAL B 171 -16.65 28.78 -0.28
C VAL B 171 -16.79 30.30 -0.28
N LYS B 172 -15.91 30.99 0.46
CA LYS B 172 -15.95 32.43 0.55
C LYS B 172 -15.71 33.08 -0.81
N ILE B 173 -14.62 32.73 -1.50
CA ILE B 173 -14.30 33.40 -2.74
C ILE B 173 -15.48 33.25 -3.71
N ILE B 174 -16.02 32.04 -3.80
CA ILE B 174 -17.02 31.72 -4.80
C ILE B 174 -18.36 32.34 -4.41
N ASP B 175 -18.71 32.27 -3.11
CA ASP B 175 -20.00 32.77 -2.68
C ASP B 175 -20.01 34.28 -2.89
N ASP B 176 -18.84 34.93 -2.70
CA ASP B 176 -18.71 36.38 -2.80
C ASP B 176 -18.87 36.86 -4.24
N ALA B 177 -18.24 36.18 -5.21
CA ALA B 177 -18.33 36.58 -6.60
C ALA B 177 -19.63 36.15 -7.28
N PHE B 178 -20.04 34.89 -7.12
CA PHE B 178 -21.10 34.28 -7.92
C PHE B 178 -22.36 33.97 -7.13
N GLY B 179 -22.17 33.77 -5.82
CA GLY B 179 -23.20 33.29 -4.92
C GLY B 179 -23.32 31.76 -4.96
N ILE B 180 -23.30 31.14 -3.78
CA ILE B 180 -23.52 29.71 -3.62
C ILE B 180 -24.91 29.51 -3.04
N GLU B 181 -25.78 28.81 -3.76
CA GLU B 181 -27.07 28.48 -3.19
C GLU B 181 -26.83 27.40 -2.13
N THR B 182 -26.32 26.23 -2.58
CA THR B 182 -25.92 25.16 -1.68
C THR B 182 -24.65 24.52 -2.25
N ALA B 183 -23.93 23.77 -1.42
CA ALA B 183 -22.74 23.10 -1.86
C ALA B 183 -22.58 21.80 -1.10
N LEU B 184 -21.94 20.84 -1.77
CA LEU B 184 -21.54 19.60 -1.11
C LEU B 184 -20.06 19.31 -1.36
N MET B 185 -19.42 18.86 -0.27
CA MET B 185 -18.00 18.57 -0.22
C MET B 185 -17.73 17.06 -0.15
N THR B 186 -16.86 16.59 -1.04
CA THR B 186 -16.21 15.30 -0.91
C THR B 186 -14.72 15.53 -0.71
N GLU B 187 -14.21 15.12 0.45
CA GLU B 187 -12.78 15.13 0.64
C GLU B 187 -12.22 13.73 0.42
N ILE B 188 -11.13 13.65 -0.36
CA ILE B 188 -10.32 12.45 -0.53
C ILE B 188 -9.05 12.66 0.27
N HIS B 189 -8.79 11.81 1.26
CA HIS B 189 -7.80 12.14 2.29
C HIS B 189 -6.93 10.91 2.53
N ALA B 190 -5.64 11.18 2.75
CA ALA B 190 -4.72 10.17 3.23
C ALA B 190 -5.16 9.63 4.58
N VAL B 191 -4.60 8.48 4.94
CA VAL B 191 -4.87 7.88 6.23
C VAL B 191 -4.41 8.84 7.33
N THR B 192 -5.09 8.76 8.48
CA THR B 192 -4.70 9.57 9.65
C THR B 192 -4.39 8.66 10.82
N ALA B 193 -3.76 9.23 11.86
CA ALA B 193 -3.17 8.43 12.94
C ALA B 193 -4.18 7.65 13.79
N ASP B 194 -5.47 8.03 13.77
CA ASP B 194 -6.50 7.37 14.55
C ASP B 194 -7.15 6.20 13.80
N GLN B 195 -6.68 5.88 12.59
CA GLN B 195 -7.21 4.76 11.83
C GLN B 195 -6.53 3.47 12.28
N SER B 196 -6.88 2.36 11.63
CA SER B 196 -6.43 1.04 12.04
C SER B 196 -5.50 0.44 10.99
N VAL B 197 -4.64 -0.47 11.46
CA VAL B 197 -3.76 -1.19 10.56
C VAL B 197 -4.50 -2.39 10.01
N LEU B 198 -5.08 -3.17 10.91
CA LEU B 198 -5.97 -4.28 10.55
C LEU B 198 -7.34 -3.96 11.15
N ASP B 199 -8.36 -4.71 10.74
CA ASP B 199 -9.70 -4.57 11.30
C ASP B 199 -9.59 -4.71 12.81
N HIS B 200 -9.98 -3.68 13.54
CA HIS B 200 -9.80 -3.62 14.99
C HIS B 200 -10.99 -2.87 15.58
N ALA B 201 -11.51 -3.30 16.74
CA ALA B 201 -12.48 -2.49 17.49
C ALA B 201 -12.08 -1.01 17.49
N HIS B 202 -13.06 -0.14 17.26
CA HIS B 202 -12.85 1.29 17.14
C HIS B 202 -14.22 1.90 17.43
N ARG B 203 -14.25 3.13 17.96
CA ARG B 203 -15.52 3.79 18.21
C ARG B 203 -16.28 3.95 16.89
N ASP B 204 -15.56 4.10 15.76
CA ASP B 204 -16.16 4.33 14.46
C ASP B 204 -16.02 3.05 13.64
N LEU B 205 -17.13 2.47 13.18
CA LEU B 205 -17.05 1.16 12.55
C LEU B 205 -16.36 1.21 11.19
N ARG B 206 -16.32 2.38 10.56
N ARG B 206 -16.30 2.37 10.56
CA ARG B 206 -15.67 2.53 9.27
CA ARG B 206 -15.64 2.48 9.26
C ARG B 206 -14.16 2.62 9.52
C ARG B 206 -14.13 2.66 9.49
N ARG B 207 -13.75 3.42 10.51
CA ARG B 207 -12.35 3.62 10.81
C ARG B 207 -11.75 2.43 11.58
N ALA B 208 -12.60 1.46 11.95
CA ALA B 208 -12.15 0.17 12.45
C ALA B 208 -11.48 -0.65 11.36
N ARG B 209 -11.58 -0.25 10.09
CA ARG B 209 -11.21 -1.18 9.03
C ARG B 209 -9.81 -0.90 8.53
N ALA B 210 -9.16 -1.95 8.04
CA ALA B 210 -7.77 -1.91 7.62
C ALA B 210 -7.52 -0.75 6.65
N SER B 211 -6.70 0.20 7.10
CA SER B 211 -6.57 1.49 6.45
C SER B 211 -5.73 1.42 5.17
N GLY B 212 -4.94 0.36 5.02
CA GLY B 212 -4.08 0.19 3.85
C GLY B 212 -4.77 -0.63 2.75
N GLN B 213 -5.94 -1.15 3.06
CA GLN B 213 -6.60 -2.08 2.16
C GLN B 213 -7.87 -1.49 1.54
N ASN B 214 -8.40 -0.41 2.10
CA ASN B 214 -9.77 0.00 1.89
C ASN B 214 -9.89 1.47 1.53
N ILE B 215 -10.95 1.76 0.77
CA ILE B 215 -11.58 3.06 0.64
C ILE B 215 -12.59 3.14 1.75
N ILE B 216 -12.49 4.18 2.58
CA ILE B 216 -13.24 4.28 3.82
C ILE B 216 -13.94 5.64 3.89
N PRO B 217 -15.24 5.70 3.54
CA PRO B 217 -16.04 6.91 3.73
C PRO B 217 -16.28 7.11 5.23
N THR B 218 -16.12 8.34 5.72
CA THR B 218 -16.32 8.66 7.13
C THR B 218 -16.75 10.13 7.23
N THR B 219 -16.88 10.64 8.47
CA THR B 219 -17.35 11.99 8.72
C THR B 219 -16.19 12.97 8.61
N SER B 220 -16.54 14.25 8.40
CA SER B 220 -15.58 15.35 8.45
C SER B 220 -16.05 16.39 9.47
N SER B 221 -15.14 16.86 10.33
CA SER B 221 -15.46 17.88 11.32
C SER B 221 -15.57 19.27 10.67
N ALA B 222 -15.13 19.37 9.39
CA ALA B 222 -14.98 20.66 8.73
C ALA B 222 -16.31 21.37 8.48
N LEU B 223 -17.42 20.63 8.47
CA LEU B 223 -18.71 21.24 8.17
C LEU B 223 -19.23 22.00 9.38
N GLY B 224 -19.15 21.38 10.57
CA GLY B 224 -19.44 22.09 11.80
C GLY B 224 -18.49 23.30 11.97
N ALA B 225 -17.20 23.10 11.71
CA ALA B 225 -16.24 24.16 11.92
C ALA B 225 -16.52 25.31 10.95
N LEU B 226 -16.82 24.98 9.70
CA LEU B 226 -17.08 26.02 8.71
C LEU B 226 -18.29 26.84 9.16
N LYS B 227 -19.29 26.17 9.74
CA LYS B 227 -20.51 26.87 10.10
C LYS B 227 -20.28 27.82 11.29
N ARG B 228 -19.25 27.58 12.10
CA ARG B 228 -18.90 28.47 13.18
C ARG B 228 -18.17 29.69 12.66
N VAL B 229 -17.43 29.54 11.56
CA VAL B 229 -16.77 30.65 10.91
C VAL B 229 -17.76 31.42 10.02
N MET B 230 -18.70 30.73 9.37
CA MET B 230 -19.66 31.31 8.43
C MET B 230 -21.07 30.84 8.77
N PRO B 231 -21.72 31.37 9.82
CA PRO B 231 -23.05 30.86 10.23
C PRO B 231 -24.11 30.92 9.14
N LYS B 232 -23.95 31.83 8.17
CA LYS B 232 -24.87 31.92 7.03
C LYS B 232 -24.96 30.61 6.23
N MET B 233 -23.91 29.78 6.26
CA MET B 233 -23.87 28.56 5.47
C MET B 233 -24.49 27.37 6.22
N GLU B 234 -25.00 27.60 7.43
CA GLU B 234 -25.84 26.60 8.10
C GLU B 234 -26.94 26.13 7.13
N ASP B 235 -27.14 24.81 7.05
CA ASP B 235 -28.22 24.28 6.22
C ASP B 235 -27.94 24.41 4.72
N ARG B 236 -26.83 25.03 4.30
CA ARG B 236 -26.53 25.18 2.87
C ARG B 236 -25.32 24.33 2.44
N ILE B 237 -24.67 23.64 3.38
CA ILE B 237 -23.51 22.86 3.00
C ILE B 237 -23.37 21.61 3.86
N ASP B 238 -22.92 20.54 3.19
CA ASP B 238 -22.64 19.30 3.86
C ASP B 238 -21.54 18.60 3.08
N GLY B 239 -21.06 17.49 3.63
CA GLY B 239 -20.04 16.71 2.96
C GLY B 239 -19.49 15.61 3.87
N TYR B 240 -18.46 14.93 3.35
CA TYR B 240 -17.89 13.79 4.04
C TYR B 240 -16.45 13.63 3.59
N SER B 241 -15.76 12.65 4.17
CA SER B 241 -14.35 12.43 3.87
C SER B 241 -14.20 10.97 3.46
N ILE B 242 -13.32 10.71 2.51
CA ILE B 242 -12.99 9.35 2.11
C ILE B 242 -11.50 9.15 2.36
N ARG B 243 -11.17 8.20 3.24
CA ARG B 243 -9.81 7.81 3.54
C ARG B 243 -9.36 6.73 2.55
N VAL B 244 -8.19 6.95 1.95
CA VAL B 244 -7.60 6.01 1.02
C VAL B 244 -6.15 5.74 1.43
N PRO B 245 -5.53 4.61 0.98
CA PRO B 245 -4.16 4.25 1.38
C PRO B 245 -2.98 5.05 0.83
N THR B 246 -2.94 6.35 1.14
CA THR B 246 -1.75 7.17 0.97
C THR B 246 -1.38 7.70 2.33
N ILE B 247 -0.15 8.17 2.48
CA ILE B 247 0.39 8.49 3.81
C ILE B 247 0.12 9.94 4.20
N ASN B 248 0.00 10.83 3.21
CA ASN B 248 -0.16 12.26 3.43
C ASN B 248 -0.70 12.92 2.17
N VAL B 249 -1.34 14.10 2.33
CA VAL B 249 -1.91 14.94 1.28
C VAL B 249 -3.35 14.52 1.06
N ALA B 250 -4.19 15.53 0.81
CA ALA B 250 -5.62 15.34 0.64
C ALA B 250 -6.11 16.24 -0.49
N ALA B 251 -7.36 15.99 -0.92
CA ALA B 251 -8.02 16.87 -1.88
C ALA B 251 -9.46 17.12 -1.44
N ILE B 252 -9.93 18.35 -1.65
CA ILE B 252 -11.34 18.74 -1.57
C ILE B 252 -11.93 18.82 -2.98
N ASP B 253 -13.11 18.21 -3.14
CA ASP B 253 -13.95 18.30 -4.32
C ASP B 253 -15.22 19.03 -3.87
N LEU B 254 -15.43 20.26 -4.34
CA LEU B 254 -16.58 21.05 -3.93
C LEU B 254 -17.53 21.22 -5.11
N THR B 255 -18.76 20.72 -4.95
CA THR B 255 -19.83 20.86 -5.95
C THR B 255 -20.88 21.85 -5.43
N PHE B 256 -21.10 22.95 -6.16
CA PHE B 256 -21.97 24.02 -5.70
C PHE B 256 -22.94 24.43 -6.81
N ILE B 257 -24.06 24.99 -6.42
CA ILE B 257 -24.99 25.66 -7.33
C ILE B 257 -24.72 27.16 -7.30
N ALA B 258 -24.43 27.74 -8.46
CA ALA B 258 -24.17 29.17 -8.50
C ALA B 258 -25.48 29.93 -8.62
N GLN B 259 -25.54 31.14 -8.02
CA GLN B 259 -26.69 32.04 -8.05
C GLN B 259 -26.60 33.03 -9.22
N SER B 260 -25.54 32.96 -10.00
CA SER B 260 -25.37 33.87 -11.12
C SER B 260 -24.54 33.18 -12.20
N PRO B 261 -24.53 33.69 -13.45
CA PRO B 261 -23.88 32.99 -14.56
C PRO B 261 -22.43 32.59 -14.32
N ILE B 262 -22.06 31.34 -14.69
CA ILE B 262 -20.72 30.80 -14.45
C ILE B 262 -20.22 30.11 -15.70
N THR B 263 -18.92 30.10 -15.88
CA THR B 263 -18.27 29.21 -16.83
C THR B 263 -17.01 28.70 -16.16
N VAL B 264 -16.39 27.67 -16.74
CA VAL B 264 -15.11 27.18 -16.30
C VAL B 264 -14.11 28.33 -16.28
N HIS B 265 -14.00 29.04 -17.42
CA HIS B 265 -13.04 30.13 -17.58
C HIS B 265 -13.17 31.15 -16.44
N HIS B 266 -14.41 31.54 -16.10
CA HIS B 266 -14.68 32.60 -15.14
C HIS B 266 -14.40 32.17 -13.70
N ILE B 267 -14.64 30.90 -13.37
CA ILE B 267 -14.32 30.40 -12.05
C ILE B 267 -12.81 30.31 -11.88
N ASN B 268 -12.14 29.75 -12.88
CA ASN B 268 -10.69 29.66 -12.83
C ASN B 268 -10.07 31.05 -12.72
N GLU B 269 -10.53 32.01 -13.54
CA GLU B 269 -9.96 33.36 -13.50
C GLU B 269 -10.12 33.95 -12.10
N LEU B 270 -11.29 33.76 -11.50
CA LEU B 270 -11.54 34.28 -10.16
C LEU B 270 -10.58 33.67 -9.13
N LEU B 271 -10.42 32.34 -9.15
CA LEU B 271 -9.58 31.66 -8.16
C LEU B 271 -8.14 32.09 -8.35
N ILE B 272 -7.72 32.23 -9.62
CA ILE B 272 -6.38 32.70 -9.91
C ILE B 272 -6.22 34.10 -9.32
N LYS B 273 -7.20 34.98 -9.51
CA LYS B 273 -7.04 36.39 -9.12
C LYS B 273 -6.99 36.47 -7.59
N ALA B 274 -7.78 35.65 -6.91
CA ALA B 274 -7.75 35.60 -5.47
C ALA B 274 -6.39 35.14 -4.98
N SER B 275 -5.83 34.13 -5.65
CA SER B 275 -4.55 33.58 -5.21
C SER B 275 -3.43 34.60 -5.39
N GLN B 276 -3.58 35.51 -6.34
CA GLN B 276 -2.56 36.50 -6.62
C GLN B 276 -2.68 37.76 -5.76
N THR B 277 -3.78 37.94 -5.02
CA THR B 277 -4.03 39.18 -4.32
C THR B 277 -4.33 38.88 -2.85
N ASP B 278 -5.60 38.92 -2.45
CA ASP B 278 -5.96 38.86 -1.04
C ASP B 278 -5.63 37.54 -0.35
N TYR B 279 -5.33 36.48 -1.11
CA TYR B 279 -5.15 35.15 -0.54
C TYR B 279 -3.75 34.61 -0.87
N ALA B 280 -2.84 35.46 -1.35
CA ALA B 280 -1.55 34.99 -1.83
C ALA B 280 -0.77 34.25 -0.74
N GLU B 281 -1.08 34.55 0.52
CA GLU B 281 -0.41 33.91 1.63
C GLU B 281 -0.78 32.44 1.79
N ILE B 282 -1.95 32.00 1.30
CA ILE B 282 -2.44 30.69 1.69
C ILE B 282 -2.88 29.84 0.48
N MET B 283 -2.93 30.43 -0.71
CA MET B 283 -3.63 29.79 -1.81
C MET B 283 -2.77 29.86 -3.07
N ALA B 284 -2.74 28.77 -3.82
CA ALA B 284 -2.21 28.76 -5.16
C ALA B 284 -3.15 28.04 -6.11
N VAL B 285 -2.86 28.21 -7.40
CA VAL B 285 -3.58 27.60 -8.49
C VAL B 285 -2.55 27.00 -9.42
N THR B 286 -2.78 25.77 -9.91
CA THR B 286 -1.92 25.17 -10.92
C THR B 286 -2.80 24.59 -12.01
N ASP B 287 -2.22 24.50 -13.20
CA ASP B 287 -2.80 23.76 -14.31
C ASP B 287 -1.87 22.66 -14.80
N GLU B 288 -0.85 22.32 -14.02
CA GLU B 288 0.01 21.21 -14.38
C GLU B 288 -0.63 19.87 -14.03
N PRO B 289 -0.29 18.80 -14.80
CA PRO B 289 -0.82 17.45 -14.52
C PRO B 289 -0.12 16.78 -13.35
N LEU B 290 -0.49 17.18 -12.14
CA LEU B 290 0.16 16.74 -10.91
C LEU B 290 -0.70 15.74 -10.14
N VAL B 291 -0.06 15.08 -9.17
CA VAL B 291 -0.72 14.09 -8.35
C VAL B 291 -0.37 14.42 -6.91
N SER B 292 -0.92 13.64 -5.97
CA SER B 292 -0.88 13.95 -4.55
C SER B 292 0.55 14.11 -4.03
N SER B 293 1.50 13.24 -4.40
CA SER B 293 2.84 13.33 -3.83
C SER B 293 3.53 14.64 -4.22
N ASP B 294 3.07 15.31 -5.28
CA ASP B 294 3.67 16.56 -5.67
C ASP B 294 3.35 17.69 -4.70
N PHE B 295 2.40 17.50 -3.78
CA PHE B 295 2.01 18.53 -2.82
C PHE B 295 2.47 18.19 -1.42
N ASN B 296 3.27 17.13 -1.29
CA ASN B 296 3.78 16.74 0.02
C ASN B 296 4.81 17.79 0.46
N HIS B 297 4.62 18.34 1.67
CA HIS B 297 5.49 19.40 2.18
C HIS B 297 5.23 20.73 1.47
N SER B 298 4.05 20.89 0.86
CA SER B 298 3.60 22.20 0.42
C SER B 298 3.02 22.96 1.62
N PRO B 299 3.44 24.23 1.86
CA PRO B 299 2.91 25.02 2.98
C PRO B 299 1.57 25.71 2.71
N TYR B 300 1.03 25.56 1.50
CA TYR B 300 -0.24 26.21 1.17
C TYR B 300 -1.42 25.59 1.92
N SER B 301 -2.44 26.39 2.16
CA SER B 301 -3.69 25.89 2.71
C SER B 301 -4.47 25.21 1.59
N LEU B 302 -4.28 25.61 0.34
CA LEU B 302 -4.99 24.97 -0.75
C LEU B 302 -4.30 25.33 -2.05
N ILE B 303 -4.26 24.33 -2.95
CA ILE B 303 -3.72 24.49 -4.29
C ILE B 303 -4.80 23.98 -5.23
N VAL B 304 -5.43 24.91 -5.94
CA VAL B 304 -6.54 24.60 -6.83
C VAL B 304 -5.96 23.97 -8.08
N ASP B 305 -6.57 22.88 -8.53
CA ASP B 305 -6.18 22.22 -9.76
C ASP B 305 -7.20 22.65 -10.81
N LEU B 306 -6.80 23.61 -11.64
CA LEU B 306 -7.75 24.32 -12.48
C LEU B 306 -8.25 23.45 -13.61
N THR B 307 -7.49 22.40 -13.94
CA THR B 307 -7.89 21.49 -15.01
C THR B 307 -9.11 20.69 -14.58
N GLN B 308 -9.37 20.55 -13.27
CA GLN B 308 -10.48 19.75 -12.81
C GLN B 308 -11.81 20.52 -12.77
N THR B 309 -11.78 21.83 -13.04
CA THR B 309 -12.98 22.64 -12.89
C THR B 309 -14.00 22.23 -13.95
N MET B 310 -15.26 22.04 -13.54
CA MET B 310 -16.34 21.65 -14.42
C MET B 310 -17.60 22.47 -14.11
N VAL B 311 -18.36 22.75 -15.17
CA VAL B 311 -19.65 23.39 -15.03
C VAL B 311 -20.66 22.62 -15.88
N VAL B 312 -21.84 22.39 -15.32
CA VAL B 312 -22.98 21.95 -16.09
C VAL B 312 -24.17 22.79 -15.62
N GLY B 313 -24.76 23.56 -16.54
CA GLY B 313 -25.83 24.47 -16.18
C GLY B 313 -25.40 25.40 -15.05
N HIS B 314 -26.11 25.33 -13.92
CA HIS B 314 -25.78 26.21 -12.80
C HIS B 314 -24.88 25.50 -11.78
N GLN B 315 -24.46 24.26 -12.07
CA GLN B 315 -23.71 23.47 -11.10
C GLN B 315 -22.25 23.43 -11.55
N ALA B 316 -21.36 23.52 -10.58
CA ALA B 316 -19.94 23.43 -10.82
C ALA B 316 -19.23 22.61 -9.76
N LYS B 317 -18.02 22.18 -10.13
CA LYS B 317 -17.14 21.45 -9.26
C LYS B 317 -15.78 22.08 -9.41
N VAL B 318 -15.16 22.38 -8.26
CA VAL B 318 -13.75 22.74 -8.19
C VAL B 318 -13.06 21.75 -7.25
N PHE B 319 -11.73 21.70 -7.37
CA PHE B 319 -10.90 20.66 -6.81
C PHE B 319 -9.65 21.33 -6.28
N ALA B 320 -9.31 21.10 -5.01
CA ALA B 320 -8.06 21.65 -4.50
C ALA B 320 -7.33 20.62 -3.64
N TRP B 321 -5.99 20.65 -3.77
CA TRP B 321 -5.06 19.86 -2.96
C TRP B 321 -4.58 20.61 -1.72
N TYR B 322 -4.09 19.85 -0.75
CA TYR B 322 -3.36 20.43 0.36
C TYR B 322 -2.58 19.35 1.07
N ASP B 323 -1.38 19.70 1.54
CA ASP B 323 -0.73 18.87 2.54
C ASP B 323 -1.41 19.09 3.88
N ASN B 324 -2.15 18.09 4.35
CA ASN B 324 -2.98 18.19 5.53
C ASN B 324 -2.18 18.36 6.82
N GLU B 325 -0.88 18.02 6.79
CA GLU B 325 0.00 18.15 7.94
C GLU B 325 0.75 19.48 7.86
N TRP B 326 1.35 19.75 6.70
CA TRP B 326 2.32 20.81 6.61
C TRP B 326 1.63 22.17 6.46
N GLY B 327 0.52 22.20 5.73
CA GLY B 327 -0.29 23.41 5.60
C GLY B 327 -0.74 23.89 6.98
N TYR B 328 -1.40 22.98 7.71
CA TYR B 328 -1.96 23.28 9.01
C TYR B 328 -0.88 23.76 9.98
N ALA B 329 0.27 23.10 10.02
CA ALA B 329 1.35 23.47 10.91
C ALA B 329 1.83 24.90 10.65
N ASN B 330 1.99 25.25 9.37
CA ASN B 330 2.41 26.56 8.95
C ASN B 330 1.35 27.62 9.27
N ARG B 331 0.08 27.27 9.11
CA ARG B 331 -1.00 28.17 9.46
C ARG B 331 -1.02 28.38 10.97
N LEU B 332 -0.63 27.37 11.76
CA LEU B 332 -0.55 27.58 13.20
C LEU B 332 0.51 28.63 13.53
N LEU B 333 1.66 28.52 12.86
CA LEU B 333 2.76 29.46 13.06
C LEU B 333 2.35 30.85 12.57
N ASP B 334 1.64 30.92 11.43
CA ASP B 334 1.15 32.19 10.89
C ASP B 334 0.16 32.85 11.86
N LEU B 335 -0.72 32.05 12.47
CA LEU B 335 -1.66 32.60 13.44
C LEU B 335 -0.92 33.19 14.63
N CYS B 336 0.05 32.46 15.21
CA CYS B 336 0.77 32.97 16.37
C CYS B 336 1.46 34.29 16.03
N ASP B 337 1.98 34.41 14.80
CA ASP B 337 2.74 35.56 14.36
C ASP B 337 1.84 36.78 14.22
N SER B 338 0.57 36.55 13.90
CA SER B 338 -0.42 37.61 13.71
C SER B 338 -0.77 38.31 15.04
N PHE B 339 -0.44 37.72 16.19
CA PHE B 339 -0.75 38.29 17.50
C PHE B 339 0.26 39.36 17.97
N LYS B 340 1.35 39.58 17.23
CA LYS B 340 2.40 40.52 17.62
C LYS B 340 1.90 41.96 17.76
N SER B 341 2.69 42.79 18.47
CA SER B 341 2.53 44.23 18.56
C SER B 341 3.76 44.94 17.96
N MET C 1 -20.18 -32.25 25.61
CA MET C 1 -18.88 -32.04 24.91
C MET C 1 -18.13 -30.92 25.63
N GLN C 2 -16.89 -30.67 25.21
CA GLN C 2 -16.12 -29.59 25.83
C GLN C 2 -16.77 -28.25 25.52
N ARG C 3 -16.53 -27.30 26.43
CA ARG C 3 -17.07 -25.96 26.41
C ARG C 3 -15.91 -24.99 26.44
N ILE C 4 -15.78 -24.23 25.33
CA ILE C 4 -14.64 -23.38 25.08
C ILE C 4 -15.09 -21.94 25.22
N ALA C 5 -14.24 -21.11 25.82
CA ALA C 5 -14.48 -19.69 25.82
C ALA C 5 -13.30 -18.99 25.17
N ILE C 6 -13.56 -17.80 24.61
CA ILE C 6 -12.56 -17.01 23.93
C ILE C 6 -12.44 -15.68 24.64
N ASN C 7 -11.24 -15.36 25.12
CA ASN C 7 -10.96 -14.08 25.76
C ASN C 7 -10.15 -13.22 24.82
N GLY C 8 -10.77 -12.16 24.28
CA GLY C 8 -10.13 -11.29 23.32
C GLY C 8 -10.56 -11.66 21.92
N PHE C 9 -11.56 -10.90 21.41
CA PHE C 9 -12.24 -11.18 20.16
C PHE C 9 -11.64 -10.32 19.06
N GLY C 10 -10.33 -10.51 18.87
CA GLY C 10 -9.55 -9.79 17.87
C GLY C 10 -9.28 -10.63 16.63
N ARG C 11 -8.18 -10.35 15.94
CA ARG C 11 -7.86 -11.08 14.73
C ARG C 11 -7.98 -12.59 15.01
N ILE C 12 -7.34 -13.05 16.10
CA ILE C 12 -7.26 -14.47 16.36
C ILE C 12 -8.61 -15.00 16.84
N GLY C 13 -9.15 -14.40 17.90
CA GLY C 13 -10.42 -14.83 18.48
C GLY C 13 -11.55 -14.94 17.44
N ARG C 14 -11.71 -13.90 16.60
CA ARG C 14 -12.74 -13.90 15.56
C ARG C 14 -12.47 -14.98 14.52
N ASN C 15 -11.21 -15.19 14.13
CA ASN C 15 -10.91 -16.21 13.15
C ASN C 15 -11.09 -17.61 13.71
N VAL C 16 -10.94 -17.79 15.03
CA VAL C 16 -11.21 -19.07 15.66
C VAL C 16 -12.68 -19.42 15.52
N LEU C 17 -13.55 -18.46 15.81
CA LEU C 17 -14.97 -18.71 15.70
C LEU C 17 -15.35 -18.95 14.24
N ARG C 18 -14.84 -18.13 13.31
CA ARG C 18 -15.11 -18.32 11.88
C ARG C 18 -14.68 -19.71 11.43
N ALA C 19 -13.47 -20.12 11.80
CA ALA C 19 -12.91 -21.39 11.34
C ALA C 19 -13.70 -22.59 11.90
N TRP C 20 -14.32 -22.45 13.07
CA TRP C 20 -15.20 -23.47 13.61
C TRP C 20 -16.37 -23.73 12.67
N PHE C 21 -17.00 -22.66 12.18
CA PHE C 21 -18.11 -22.75 11.23
C PHE C 21 -17.61 -23.21 9.86
N GLU C 22 -16.41 -22.86 9.44
CA GLU C 22 -16.02 -23.17 8.07
C GLU C 22 -15.34 -24.54 7.94
N SER C 23 -14.89 -25.10 9.05
CA SER C 23 -14.16 -26.36 9.00
C SER C 23 -14.94 -27.42 8.24
N PRO C 24 -14.36 -28.13 7.25
CA PRO C 24 -15.06 -29.25 6.62
C PRO C 24 -15.52 -30.28 7.65
N LYS C 25 -14.72 -30.45 8.71
CA LYS C 25 -15.03 -31.39 9.78
C LYS C 25 -15.61 -30.68 11.00
N GLN C 26 -16.82 -31.08 11.43
CA GLN C 26 -17.37 -30.50 12.65
C GLN C 26 -16.48 -30.93 13.83
N PHE C 27 -16.37 -30.02 14.80
CA PHE C 27 -15.54 -30.23 15.97
C PHE C 27 -16.43 -30.77 17.10
N HIS C 28 -15.80 -31.51 18.02
CA HIS C 28 -16.49 -32.19 19.12
C HIS C 28 -16.44 -31.32 20.37
N PHE C 29 -16.56 -30.02 20.19
CA PHE C 29 -16.56 -29.05 21.28
C PHE C 29 -17.38 -27.85 20.79
N GLU C 30 -17.79 -27.03 21.74
CA GLU C 30 -18.58 -25.86 21.41
C GLU C 30 -17.92 -24.63 22.03
N ILE C 31 -18.05 -23.54 21.30
CA ILE C 31 -17.65 -22.23 21.81
C ILE C 31 -18.90 -21.60 22.39
N VAL C 32 -18.88 -21.27 23.70
CA VAL C 32 -20.08 -20.92 24.43
C VAL C 32 -19.98 -19.50 24.98
N ALA C 33 -18.80 -18.88 24.92
CA ALA C 33 -18.71 -17.50 25.39
C ALA C 33 -17.56 -16.78 24.71
N ILE C 34 -17.69 -15.46 24.59
CA ILE C 34 -16.61 -14.58 24.20
C ILE C 34 -16.58 -13.40 25.16
N ASN C 35 -15.39 -12.83 25.36
CA ASN C 35 -15.21 -11.65 26.19
C ASN C 35 -14.31 -10.66 25.48
N ASP C 36 -14.73 -9.40 25.45
CA ASP C 36 -13.91 -8.32 24.95
C ASP C 36 -14.31 -7.07 25.70
N ILE C 37 -13.42 -6.07 25.68
CA ILE C 37 -13.65 -4.75 26.23
C ILE C 37 -14.49 -3.91 25.27
N ALA C 38 -14.69 -4.40 24.06
CA ALA C 38 -15.53 -3.69 23.11
C ALA C 38 -16.99 -4.12 23.25
N ASP C 39 -17.87 -3.26 22.76
CA ASP C 39 -19.31 -3.44 22.78
C ASP C 39 -19.70 -4.51 21.76
N VAL C 40 -20.79 -5.21 22.05
CA VAL C 40 -21.22 -6.35 21.25
C VAL C 40 -21.47 -5.95 19.78
N HIS C 41 -21.97 -4.74 19.55
CA HIS C 41 -22.33 -4.32 18.19
C HIS C 41 -21.07 -4.18 17.34
N THR C 42 -20.01 -3.63 17.96
CA THR C 42 -18.71 -3.51 17.31
C THR C 42 -18.17 -4.89 16.98
N LEU C 43 -18.26 -5.85 17.91
CA LEU C 43 -17.72 -7.20 17.73
C LEU C 43 -18.47 -7.97 16.64
N VAL C 44 -19.79 -7.83 16.63
CA VAL C 44 -20.59 -8.53 15.65
C VAL C 44 -20.27 -8.00 14.25
N HIS C 45 -20.14 -6.68 14.13
CA HIS C 45 -19.82 -6.05 12.86
C HIS C 45 -18.50 -6.60 12.31
N LEU C 46 -17.49 -6.67 13.18
CA LEU C 46 -16.16 -7.09 12.76
C LEU C 46 -16.11 -8.59 12.48
N PHE C 47 -16.96 -9.33 13.18
CA PHE C 47 -17.08 -10.76 12.94
C PHE C 47 -17.67 -10.97 11.55
N LYS C 48 -18.62 -10.12 11.14
CA LYS C 48 -19.35 -10.33 9.90
C LYS C 48 -18.55 -9.85 8.68
N TYR C 49 -17.77 -8.78 8.86
CA TYR C 49 -17.07 -8.14 7.76
C TYR C 49 -15.59 -8.09 8.09
N ASP C 50 -14.77 -8.60 7.16
CA ASP C 50 -13.34 -8.72 7.37
C ASP C 50 -12.60 -8.37 6.08
N SER C 51 -11.64 -7.45 6.21
CA SER C 51 -10.92 -6.92 5.07
C SER C 51 -10.00 -7.97 4.46
N THR C 52 -9.66 -9.00 5.25
CA THR C 52 -8.68 -10.00 4.85
C THR C 52 -9.37 -11.26 4.33
N HIS C 53 -10.34 -11.75 5.12
CA HIS C 53 -10.97 -13.05 4.87
C HIS C 53 -12.36 -12.92 4.25
N GLY C 54 -12.89 -11.71 4.02
CA GLY C 54 -14.16 -11.56 3.33
C GLY C 54 -15.34 -11.68 4.29
N ARG C 55 -16.57 -11.72 3.75
CA ARG C 55 -17.74 -11.68 4.58
C ARG C 55 -17.94 -13.04 5.24
N PHE C 56 -18.42 -13.02 6.48
CA PHE C 56 -18.80 -14.26 7.11
C PHE C 56 -19.99 -14.81 6.33
N ASN C 57 -19.91 -16.08 5.90
CA ASN C 57 -20.97 -16.68 5.10
C ASN C 57 -22.03 -17.29 6.01
N GLY C 58 -22.83 -16.44 6.64
CA GLY C 58 -23.69 -16.88 7.74
C GLY C 58 -24.47 -15.71 8.32
N LYS C 59 -25.21 -15.96 9.39
CA LYS C 59 -26.07 -14.95 9.99
C LYS C 59 -25.83 -14.86 11.48
N VAL C 60 -26.00 -13.67 12.03
CA VAL C 60 -25.72 -13.41 13.41
C VAL C 60 -26.85 -12.56 13.96
N ASP C 61 -27.48 -13.00 15.05
CA ASP C 61 -28.47 -12.19 15.73
C ASP C 61 -28.07 -12.02 17.20
N ILE C 62 -28.20 -10.79 17.69
CA ILE C 62 -28.05 -10.48 19.10
C ILE C 62 -29.40 -10.67 19.80
N THR C 63 -29.42 -11.38 20.92
CA THR C 63 -30.59 -11.43 21.79
C THR C 63 -30.16 -11.04 23.21
N ILE C 64 -31.12 -10.49 23.99
CA ILE C 64 -30.93 -10.27 25.41
C ILE C 64 -31.89 -11.20 26.16
N GLU C 65 -31.36 -11.89 27.19
CA GLU C 65 -32.10 -12.89 27.93
C GLU C 65 -31.55 -12.94 29.35
N ASN C 66 -32.42 -12.64 30.34
CA ASN C 66 -32.06 -12.60 31.75
C ASN C 66 -30.97 -11.55 31.96
N GLU C 67 -31.07 -10.46 31.20
CA GLU C 67 -30.09 -9.40 31.24
C GLU C 67 -28.70 -9.91 30.83
N LYS C 68 -28.64 -11.02 30.08
CA LYS C 68 -27.40 -11.47 29.46
C LYS C 68 -27.50 -11.33 27.95
N ILE C 69 -26.37 -11.01 27.31
CA ILE C 69 -26.31 -10.81 25.87
C ILE C 69 -25.77 -12.07 25.21
N TYR C 70 -26.48 -12.50 24.16
CA TYR C 70 -26.08 -13.68 23.41
C TYR C 70 -26.02 -13.35 21.93
N LEU C 71 -25.13 -14.05 21.25
CA LEU C 71 -25.11 -14.13 19.80
C LEU C 71 -25.65 -15.49 19.39
N ASN C 72 -26.51 -15.48 18.38
CA ASN C 72 -26.99 -16.66 17.71
C ASN C 72 -26.41 -16.62 16.29
N ILE C 73 -25.60 -17.63 15.99
CA ILE C 73 -24.78 -17.62 14.80
C ILE C 73 -25.06 -18.89 14.02
N GLN C 74 -25.47 -18.72 12.76
CA GLN C 74 -25.85 -19.83 11.92
C GLN C 74 -25.05 -19.78 10.63
N SER C 75 -24.34 -20.87 10.31
CA SER C 75 -23.61 -20.98 9.06
C SER C 75 -23.23 -22.42 8.82
N ASN C 76 -23.13 -22.79 7.54
CA ASN C 76 -22.64 -24.10 7.16
C ASN C 76 -23.39 -25.20 7.94
N GLN C 77 -24.71 -25.03 8.12
CA GLN C 77 -25.56 -26.03 8.74
C GLN C 77 -25.23 -26.25 10.21
N ARG C 78 -24.64 -25.23 10.87
CA ARG C 78 -24.37 -25.27 12.29
C ARG C 78 -24.87 -23.99 12.94
N LEU C 79 -25.17 -24.09 14.25
CA LEU C 79 -25.59 -22.95 15.04
C LEU C 79 -24.87 -22.99 16.37
N LEU C 80 -24.47 -21.80 16.86
CA LEU C 80 -23.94 -21.64 18.19
C LEU C 80 -24.71 -20.50 18.83
N LYS C 81 -25.03 -20.68 20.11
CA LYS C 81 -25.49 -19.62 20.97
C LYS C 81 -24.34 -19.29 21.92
N VAL C 82 -23.89 -18.04 21.90
CA VAL C 82 -22.63 -17.71 22.52
C VAL C 82 -22.87 -16.52 23.44
N GLU C 83 -22.57 -16.68 24.73
CA GLU C 83 -22.70 -15.53 25.63
C GLU C 83 -21.59 -14.52 25.33
N VAL C 84 -21.93 -13.24 25.46
CA VAL C 84 -20.99 -12.16 25.25
C VAL C 84 -20.79 -11.41 26.58
N LEU C 85 -19.51 -11.26 26.95
CA LEU C 85 -19.12 -10.57 28.17
C LEU C 85 -18.26 -9.36 27.83
N GLN C 86 -18.14 -8.47 28.79
CA GLN C 86 -17.38 -7.25 28.59
C GLN C 86 -16.60 -6.93 29.87
N GLN C 87 -15.73 -7.86 30.30
CA GLN C 87 -14.97 -7.75 31.54
C GLN C 87 -13.45 -7.66 31.31
N LYS C 88 -12.85 -6.52 31.65
CA LYS C 88 -11.42 -6.33 31.39
C LYS C 88 -10.58 -7.13 32.39
N GLN C 89 -11.21 -7.73 33.41
CA GLN C 89 -10.46 -8.39 34.48
C GLN C 89 -10.79 -9.87 34.51
N PRO C 90 -9.89 -10.74 34.00
CA PRO C 90 -10.18 -12.17 33.87
C PRO C 90 -10.72 -12.83 35.12
N GLU C 91 -10.22 -12.43 36.30
CA GLU C 91 -10.62 -13.03 37.57
C GLU C 91 -12.11 -12.79 37.84
N LEU C 92 -12.71 -11.81 37.16
CA LEU C 92 -14.11 -11.49 37.38
C LEU C 92 -15.02 -12.14 36.33
N LEU C 93 -14.46 -13.01 35.47
CA LEU C 93 -15.23 -13.69 34.44
C LEU C 93 -16.04 -14.83 35.08
N PRO C 94 -17.26 -15.13 34.58
CA PRO C 94 -18.08 -16.21 35.14
C PRO C 94 -17.88 -17.62 34.58
N TRP C 95 -16.62 -18.08 34.58
CA TRP C 95 -16.27 -19.34 33.93
C TRP C 95 -16.83 -20.52 34.73
N ALA C 96 -16.92 -20.35 36.06
CA ALA C 96 -17.44 -21.37 36.95
C ALA C 96 -18.90 -21.68 36.63
N SER C 97 -19.76 -20.63 36.53
CA SER C 97 -21.15 -20.84 36.17
C SER C 97 -21.33 -21.33 34.73
N LEU C 98 -20.44 -20.94 33.81
CA LEU C 98 -20.53 -21.38 32.41
C LEU C 98 -19.91 -22.76 32.20
N LYS C 99 -19.20 -23.28 33.22
CA LYS C 99 -18.68 -24.64 33.16
C LYS C 99 -17.67 -24.75 32.01
N ILE C 100 -16.75 -23.78 31.97
CA ILE C 100 -15.75 -23.67 30.91
C ILE C 100 -14.59 -24.63 31.17
N ASP C 101 -14.38 -25.52 30.19
CA ASP C 101 -13.26 -26.44 30.15
C ASP C 101 -11.98 -25.78 29.66
N VAL C 102 -12.08 -24.93 28.62
CA VAL C 102 -10.91 -24.35 27.97
C VAL C 102 -11.19 -22.88 27.67
N VAL C 103 -10.32 -21.99 28.13
CA VAL C 103 -10.32 -20.61 27.71
C VAL C 103 -9.21 -20.43 26.67
N LEU C 104 -9.53 -19.83 25.52
CA LEU C 104 -8.50 -19.41 24.57
C LEU C 104 -8.21 -17.95 24.87
N GLU C 105 -7.00 -17.69 25.36
CA GLU C 105 -6.62 -16.38 25.83
C GLU C 105 -5.88 -15.67 24.70
N CYS C 106 -6.58 -14.74 24.03
CA CYS C 106 -6.12 -14.18 22.77
C CYS C 106 -6.04 -12.66 22.83
N THR C 107 -5.80 -12.08 24.02
CA THR C 107 -5.71 -10.62 24.17
C THR C 107 -4.30 -10.09 23.98
N GLY C 108 -3.31 -10.93 24.30
CA GLY C 108 -1.91 -10.52 24.30
C GLY C 108 -1.46 -9.97 25.66
N LEU C 109 -2.40 -9.85 26.62
CA LEU C 109 -2.16 -9.14 27.87
C LEU C 109 -1.94 -10.09 29.06
N PHE C 110 -2.30 -11.36 28.94
CA PHE C 110 -2.25 -12.31 30.05
C PHE C 110 -1.36 -13.52 29.73
N ARG C 111 -0.14 -13.28 29.26
CA ARG C 111 0.72 -14.37 28.86
C ARG C 111 1.55 -14.91 30.03
N SER C 112 1.69 -14.14 31.12
CA SER C 112 2.43 -14.61 32.28
C SER C 112 1.64 -15.73 32.95
N HIS C 113 2.36 -16.64 33.61
CA HIS C 113 1.76 -17.76 34.31
C HIS C 113 0.71 -17.25 35.31
N ALA C 114 1.03 -16.15 36.01
CA ALA C 114 0.16 -15.64 37.04
C ALA C 114 -1.10 -15.02 36.40
N ASP C 115 -0.90 -14.26 35.32
CA ASP C 115 -1.98 -13.60 34.62
C ASP C 115 -2.98 -14.61 34.04
N ALA C 116 -2.44 -15.66 33.39
CA ALA C 116 -3.26 -16.71 32.80
C ALA C 116 -4.06 -17.45 33.87
N THR C 117 -3.51 -17.53 35.09
CA THR C 117 -4.09 -18.27 36.19
C THR C 117 -5.36 -17.57 36.68
N ARG C 118 -5.47 -16.26 36.46
CA ARG C 118 -6.68 -15.50 36.75
C ARG C 118 -7.91 -16.20 36.17
N HIS C 119 -7.83 -16.78 34.97
CA HIS C 119 -8.95 -17.51 34.38
C HIS C 119 -9.25 -18.79 35.17
N LEU C 120 -8.20 -19.36 35.75
CA LEU C 120 -8.31 -20.54 36.59
C LEU C 120 -9.05 -20.18 37.87
N GLU C 121 -8.69 -19.03 38.45
CA GLU C 121 -9.32 -18.49 39.64
C GLU C 121 -10.81 -18.27 39.38
N ALA C 122 -11.12 -17.68 38.23
CA ALA C 122 -12.50 -17.43 37.84
C ALA C 122 -13.26 -18.72 37.53
N GLY C 123 -12.57 -19.88 37.44
CA GLY C 123 -13.24 -21.16 37.44
C GLY C 123 -13.05 -22.00 36.18
N ALA C 124 -12.23 -21.55 35.22
CA ALA C 124 -11.98 -22.37 34.04
C ALA C 124 -11.01 -23.50 34.41
N LYS C 125 -11.11 -24.63 33.71
CA LYS C 125 -10.31 -25.81 34.03
C LYS C 125 -8.95 -25.79 33.31
N ARG C 126 -8.84 -25.04 32.20
CA ARG C 126 -7.65 -25.03 31.38
C ARG C 126 -7.61 -23.76 30.52
N VAL C 127 -6.44 -23.17 30.42
CA VAL C 127 -6.25 -22.00 29.58
C VAL C 127 -5.29 -22.42 28.46
N ILE C 128 -5.58 -21.95 27.23
CA ILE C 128 -4.57 -21.92 26.18
C ILE C 128 -4.22 -20.46 25.90
N ILE C 129 -2.96 -20.10 26.13
CA ILE C 129 -2.42 -18.79 25.82
C ILE C 129 -2.10 -18.78 24.33
N GLY C 130 -2.85 -17.97 23.56
CA GLY C 130 -2.64 -17.86 22.13
C GLY C 130 -1.44 -16.98 21.83
N ALA C 131 -0.29 -17.31 22.44
CA ALA C 131 0.94 -16.56 22.26
C ALA C 131 2.11 -17.35 22.83
N ALA C 132 3.33 -16.84 22.57
CA ALA C 132 4.53 -17.39 23.17
C ALA C 132 4.44 -17.21 24.69
N PRO C 133 5.10 -18.08 25.50
CA PRO C 133 5.17 -17.88 26.95
C PRO C 133 5.94 -16.61 27.30
N PHE C 134 5.52 -15.93 28.37
CA PHE C 134 6.25 -14.80 28.92
C PHE C 134 7.27 -15.30 29.95
N ASP C 135 6.82 -16.09 30.94
CA ASP C 135 7.69 -16.68 31.94
C ASP C 135 7.59 -18.22 31.91
N HIS C 136 6.53 -18.80 32.47
CA HIS C 136 6.43 -20.23 32.68
C HIS C 136 5.09 -20.71 32.12
N VAL C 137 5.06 -21.94 31.63
CA VAL C 137 3.83 -22.61 31.24
C VAL C 137 3.96 -24.09 31.60
N ASP C 138 2.83 -24.75 31.85
CA ASP C 138 2.84 -26.18 32.03
C ASP C 138 3.42 -26.81 30.76
N ALA C 139 3.07 -26.28 29.57
CA ALA C 139 3.48 -26.91 28.33
C ALA C 139 3.40 -25.92 27.17
N ALA C 140 4.38 -26.00 26.26
CA ALA C 140 4.38 -25.25 25.02
C ALA C 140 4.14 -26.22 23.88
N ILE C 141 2.99 -26.08 23.21
CA ILE C 141 2.54 -27.07 22.25
C ILE C 141 2.50 -26.51 20.84
N VAL C 142 3.05 -27.31 19.91
CA VAL C 142 2.87 -27.14 18.49
C VAL C 142 2.04 -28.31 17.98
N TYR C 143 0.81 -28.04 17.54
CA TYR C 143 -0.06 -29.09 17.06
C TYR C 143 0.64 -29.80 15.90
N GLY C 144 0.55 -31.13 15.92
CA GLY C 144 1.11 -32.00 14.89
C GLY C 144 2.57 -32.38 15.15
N VAL C 145 3.15 -31.81 16.22
CA VAL C 145 4.51 -32.13 16.60
C VAL C 145 4.52 -32.74 17.99
N ASN C 146 3.86 -32.09 18.96
CA ASN C 146 3.94 -32.57 20.32
C ASN C 146 2.63 -32.43 21.06
N HIS C 147 1.50 -32.39 20.34
CA HIS C 147 0.21 -32.29 21.00
C HIS C 147 -0.10 -33.54 21.83
N ALA C 148 0.45 -34.71 21.49
CA ALA C 148 0.18 -35.93 22.25
C ALA C 148 0.80 -35.92 23.67
N ASP C 149 1.72 -35.00 23.95
CA ASP C 149 2.43 -34.96 25.22
C ASP C 149 1.64 -34.17 26.27
N VAL C 150 0.49 -33.62 25.87
CA VAL C 150 -0.32 -32.89 26.81
C VAL C 150 -0.83 -33.88 27.87
N LYS C 151 -0.64 -33.49 29.12
CA LYS C 151 -1.07 -34.28 30.28
C LYS C 151 -2.19 -33.54 30.97
N ALA C 152 -2.96 -34.28 31.76
CA ALA C 152 -4.15 -33.74 32.39
C ALA C 152 -3.79 -32.68 33.44
N THR C 153 -2.55 -32.67 33.91
CA THR C 153 -2.03 -31.67 34.83
C THR C 153 -1.63 -30.37 34.13
N ASP C 154 -1.48 -30.38 32.80
CA ASP C 154 -1.17 -29.18 32.04
C ASP C 154 -2.40 -28.26 32.00
N GLN C 155 -2.42 -27.27 32.89
CA GLN C 155 -3.55 -26.37 33.00
C GLN C 155 -3.32 -25.09 32.20
N ILE C 156 -2.08 -24.62 32.16
CA ILE C 156 -1.71 -23.44 31.41
C ILE C 156 -0.86 -23.92 30.25
N ILE C 157 -1.42 -23.91 29.05
CA ILE C 157 -0.73 -24.36 27.85
C ILE C 157 -0.51 -23.14 26.94
N SER C 158 0.69 -23.03 26.36
CA SER C 158 0.95 -22.05 25.33
C SER C 158 0.92 -22.74 23.98
N SER C 159 0.09 -22.23 23.07
CA SER C 159 0.10 -22.67 21.69
C SER C 159 1.08 -21.85 20.86
N VAL C 160 2.01 -21.14 21.52
CA VAL C 160 3.12 -20.43 20.86
C VAL C 160 2.58 -19.39 19.87
N SER C 161 3.23 -19.25 18.69
CA SER C 161 2.88 -18.24 17.71
C SER C 161 2.73 -18.88 16.32
N CYS C 162 2.18 -18.10 15.39
CA CYS C 162 2.16 -18.43 13.98
C CYS C 162 3.55 -18.93 13.58
N THR C 163 4.55 -18.09 13.84
CA THR C 163 5.89 -18.35 13.36
C THR C 163 6.42 -19.66 13.95
N THR C 164 6.18 -19.90 15.25
CA THR C 164 6.71 -21.10 15.90
C THR C 164 6.09 -22.36 15.29
N GLN C 165 4.80 -22.31 14.93
CA GLN C 165 4.10 -23.47 14.39
C GLN C 165 4.61 -23.82 12.99
N ALA C 166 5.26 -22.88 12.32
CA ALA C 166 5.86 -23.19 11.03
C ALA C 166 7.34 -23.57 11.22
N LEU C 167 8.01 -22.91 12.17
CA LEU C 167 9.44 -23.08 12.31
C LEU C 167 9.73 -24.44 12.94
N VAL C 168 8.96 -24.81 13.98
CA VAL C 168 9.25 -26.00 14.74
C VAL C 168 9.25 -27.23 13.83
N PRO C 169 8.19 -27.50 13.02
CA PRO C 169 8.24 -28.63 12.09
C PRO C 169 9.43 -28.66 11.12
N LEU C 170 9.76 -27.48 10.54
CA LEU C 170 10.86 -27.38 9.60
C LEU C 170 12.17 -27.82 10.26
N VAL C 171 12.46 -27.25 11.43
CA VAL C 171 13.68 -27.54 12.16
C VAL C 171 13.74 -29.02 12.49
N LYS C 172 12.62 -29.53 13.03
CA LYS C 172 12.53 -30.91 13.43
C LYS C 172 12.73 -31.87 12.26
N ILE C 173 12.01 -31.69 11.15
CA ILE C 173 12.11 -32.60 10.02
C ILE C 173 13.55 -32.66 9.56
N ILE C 174 14.18 -31.48 9.48
CA ILE C 174 15.48 -31.37 8.85
C ILE C 174 16.56 -31.83 9.82
N ASP C 175 16.41 -31.48 11.09
CA ASP C 175 17.38 -31.92 12.08
C ASP C 175 17.34 -33.44 12.18
N ASP C 176 16.14 -34.02 12.15
CA ASP C 176 15.99 -35.47 12.29
C ASP C 176 16.70 -36.20 11.14
N ALA C 177 16.59 -35.66 9.92
CA ALA C 177 17.10 -36.33 8.73
C ALA C 177 18.57 -36.03 8.47
N PHE C 178 18.95 -34.74 8.44
CA PHE C 178 20.28 -34.36 8.01
C PHE C 178 21.13 -33.87 9.19
N GLY C 179 20.46 -33.40 10.24
CA GLY C 179 21.17 -32.80 11.35
C GLY C 179 21.43 -31.32 11.08
N ILE C 180 21.04 -30.47 12.04
CA ILE C 180 21.33 -29.05 12.03
C ILE C 180 22.37 -28.73 13.10
N GLU C 181 23.53 -28.23 12.67
CA GLU C 181 24.49 -27.68 13.61
C GLU C 181 23.88 -26.42 14.25
N THR C 182 23.60 -25.43 13.39
CA THR C 182 22.95 -24.18 13.78
C THR C 182 22.05 -23.70 12.63
N ALA C 183 21.14 -22.79 12.95
CA ALA C 183 20.29 -22.19 11.94
C ALA C 183 19.95 -20.75 12.32
N LEU C 184 19.72 -19.94 11.29
CA LEU C 184 19.23 -18.57 11.47
C LEU C 184 17.96 -18.33 10.65
N MET C 185 16.98 -17.71 11.30
CA MET C 185 15.66 -17.51 10.75
C MET C 185 15.46 -16.03 10.40
N THR C 186 14.99 -15.77 9.18
CA THR C 186 14.44 -14.47 8.79
C THR C 186 12.98 -14.70 8.47
N GLU C 187 12.07 -14.07 9.23
CA GLU C 187 10.66 -14.07 8.83
C GLU C 187 10.30 -12.77 8.12
N ILE C 188 9.50 -12.91 7.05
CA ILE C 188 8.94 -11.80 6.29
C ILE C 188 7.45 -11.88 6.49
N HIS C 189 6.89 -10.90 7.17
CA HIS C 189 5.56 -11.04 7.72
C HIS C 189 4.74 -9.81 7.29
N ALA C 190 3.45 -10.03 7.04
CA ALA C 190 2.47 -8.97 6.89
C ALA C 190 2.37 -8.10 8.14
N VAL C 191 1.79 -6.91 8.02
CA VAL C 191 1.56 -6.03 9.14
C VAL C 191 0.69 -6.70 10.21
N THR C 192 0.91 -6.31 11.46
CA THR C 192 0.15 -6.84 12.56
C THR C 192 -0.58 -5.71 13.28
N ALA C 193 -1.52 -6.11 14.14
CA ALA C 193 -2.51 -5.21 14.71
C ALA C 193 -1.86 -4.14 15.57
N ASP C 194 -0.74 -4.49 16.21
CA ASP C 194 -0.06 -3.64 17.17
C ASP C 194 0.80 -2.56 16.48
N GLN C 195 0.94 -2.60 15.15
CA GLN C 195 1.74 -1.62 14.43
C GLN C 195 0.99 -0.29 14.31
N SER C 196 1.64 0.68 13.66
CA SER C 196 1.13 2.05 13.58
C SER C 196 0.79 2.38 12.13
N VAL C 197 -0.17 3.26 12.00
CA VAL C 197 -0.62 3.69 10.70
C VAL C 197 0.30 4.78 10.18
N LEU C 198 0.50 5.79 11.02
CA LEU C 198 1.52 6.82 10.82
C LEU C 198 2.52 6.70 11.96
N ASP C 199 3.69 7.32 11.77
CA ASP C 199 4.68 7.43 12.83
C ASP C 199 4.01 7.99 14.07
N HIS C 200 4.11 7.26 15.19
CA HIS C 200 3.41 7.55 16.44
C HIS C 200 4.19 7.00 17.63
N ALA C 201 4.10 7.68 18.78
CA ALA C 201 4.62 7.14 20.04
C ALA C 201 4.20 5.69 20.25
N HIS C 202 5.15 4.88 20.71
CA HIS C 202 5.02 3.45 20.81
C HIS C 202 6.16 2.97 21.70
N ARG C 203 5.93 1.88 22.41
CA ARG C 203 6.94 1.28 23.26
C ARG C 203 8.16 0.84 22.45
N ASP C 204 7.98 0.40 21.19
CA ASP C 204 9.06 -0.07 20.33
C ASP C 204 9.23 0.95 19.20
N LEU C 205 10.45 1.41 18.98
CA LEU C 205 10.65 2.58 18.11
C LEU C 205 10.57 2.18 16.64
N ARG C 206 10.76 0.90 16.31
N ARG C 206 10.77 0.89 16.34
CA ARG C 206 10.63 0.46 14.93
CA ARG C 206 10.66 0.40 14.97
C ARG C 206 9.15 0.29 14.58
C ARG C 206 9.18 0.26 14.59
N ARG C 207 8.40 -0.38 15.47
CA ARG C 207 6.97 -0.56 15.26
C ARG C 207 6.20 0.74 15.49
N ALA C 208 6.86 1.81 15.93
CA ALA C 208 6.25 3.13 15.93
C ALA C 208 6.07 3.67 14.51
N ARG C 209 6.68 3.05 13.49
CA ARG C 209 6.79 3.70 12.21
C ARG C 209 5.64 3.28 11.29
N ALA C 210 5.31 4.16 10.34
CA ALA C 210 4.16 3.99 9.47
C ALA C 210 4.22 2.62 8.78
N SER C 211 3.21 1.77 9.01
CA SER C 211 3.31 0.37 8.65
C SER C 211 3.11 0.15 7.14
N GLY C 212 2.44 1.09 6.45
CA GLY C 212 2.17 0.96 5.02
C GLY C 212 3.26 1.55 4.10
N GLN C 213 4.33 2.07 4.71
CA GLN C 213 5.34 2.84 4.03
C GLN C 213 6.74 2.20 4.18
N ASN C 214 6.91 1.33 5.19
CA ASN C 214 8.23 0.88 5.59
C ASN C 214 8.41 -0.63 5.61
N ILE C 215 9.65 -1.03 5.29
CA ILE C 215 10.22 -2.29 5.72
C ILE C 215 10.72 -2.11 7.15
N ILE C 216 10.26 -2.95 8.09
CA ILE C 216 10.49 -2.71 9.51
C ILE C 216 11.03 -3.97 10.16
N PRO C 217 12.34 -4.06 10.45
CA PRO C 217 12.91 -5.22 11.13
C PRO C 217 12.59 -5.14 12.61
N THR C 218 12.27 -6.28 13.22
CA THR C 218 11.87 -6.31 14.61
C THR C 218 12.18 -7.70 15.18
N THR C 219 11.86 -7.87 16.46
CA THR C 219 12.12 -9.13 17.12
C THR C 219 11.02 -10.11 16.78
N SER C 220 11.32 -11.38 17.03
CA SER C 220 10.38 -12.49 16.95
C SER C 220 10.42 -13.29 18.27
N SER C 221 9.24 -13.56 18.83
CA SER C 221 9.11 -14.38 20.01
C SER C 221 9.36 -15.85 19.68
N ALA C 222 9.54 -16.20 18.39
CA ALA C 222 9.45 -17.57 17.93
C ALA C 222 10.62 -18.44 18.39
N LEU C 223 11.75 -17.79 18.64
CA LEU C 223 12.97 -18.51 18.93
C LEU C 223 12.97 -18.95 20.40
N GLY C 224 12.64 -18.01 21.29
CA GLY C 224 12.34 -18.35 22.66
C GLY C 224 11.35 -19.50 22.73
N ALA C 225 10.28 -19.42 21.93
CA ALA C 225 9.21 -20.40 22.03
C ALA C 225 9.68 -21.76 21.51
N LEU C 226 10.47 -21.74 20.44
CA LEU C 226 10.96 -22.98 19.88
C LEU C 226 11.86 -23.67 20.90
N LYS C 227 12.59 -22.88 21.67
CA LYS C 227 13.54 -23.43 22.64
C LYS C 227 12.81 -24.08 23.82
N ARG C 228 11.58 -23.64 24.13
CA ARG C 228 10.76 -24.30 25.14
C ARG C 228 10.16 -25.61 24.61
N VAL C 229 9.83 -25.70 23.32
CA VAL C 229 9.37 -26.95 22.75
C VAL C 229 10.56 -27.89 22.45
N MET C 230 11.71 -27.38 21.98
CA MET C 230 12.87 -28.22 21.70
C MET C 230 14.09 -27.68 22.46
N PRO C 231 14.25 -27.98 23.77
CA PRO C 231 15.34 -27.40 24.56
C PRO C 231 16.72 -27.70 23.99
N LYS C 232 16.87 -28.78 23.25
CA LYS C 232 18.17 -29.12 22.70
C LYS C 232 18.64 -28.11 21.66
N MET C 233 17.74 -27.23 21.19
CA MET C 233 18.07 -26.20 20.22
C MET C 233 18.59 -24.91 20.87
N GLU C 234 18.65 -24.87 22.20
CA GLU C 234 19.23 -23.74 22.91
C GLU C 234 20.63 -23.44 22.33
N ASP C 235 20.92 -22.17 22.13
CA ASP C 235 22.21 -21.75 21.59
C ASP C 235 22.46 -22.24 20.16
N ARG C 236 21.47 -22.78 19.44
CA ARG C 236 21.73 -23.29 18.11
C ARG C 236 20.88 -22.58 17.06
N ILE C 237 19.99 -21.72 17.49
CA ILE C 237 19.14 -21.04 16.54
C ILE C 237 18.83 -19.63 17.03
N ASP C 238 18.71 -18.72 16.08
CA ASP C 238 18.30 -17.36 16.35
C ASP C 238 17.63 -16.85 15.08
N GLY C 239 17.05 -15.65 15.20
CA GLY C 239 16.41 -14.99 14.08
C GLY C 239 15.70 -13.71 14.49
N TYR C 240 14.88 -13.22 13.56
CA TYR C 240 14.27 -11.91 13.65
C TYR C 240 13.16 -11.90 12.61
N SER C 241 12.28 -10.89 12.71
CA SER C 241 11.15 -10.76 11.81
C SER C 241 11.22 -9.41 11.09
N ILE C 242 10.60 -9.33 9.92
CA ILE C 242 10.53 -8.09 9.17
C ILE C 242 9.08 -7.86 8.78
N ARG C 243 8.50 -6.73 9.19
CA ARG C 243 7.18 -6.31 8.76
C ARG C 243 7.24 -5.59 7.41
N VAL C 244 6.28 -5.91 6.53
CA VAL C 244 6.18 -5.28 5.23
C VAL C 244 4.71 -4.96 4.92
N PRO C 245 4.43 -3.99 4.02
CA PRO C 245 3.05 -3.54 3.79
C PRO C 245 2.08 -4.45 3.03
N THR C 246 1.88 -5.67 3.54
CA THR C 246 0.82 -6.53 3.06
C THR C 246 -0.08 -6.80 4.26
N ILE C 247 -1.32 -7.21 4.00
CA ILE C 247 -2.33 -7.27 5.03
C ILE C 247 -2.26 -8.60 5.80
N ASN C 248 -1.84 -9.68 5.13
CA ASN C 248 -1.85 -11.02 5.71
C ASN C 248 -0.94 -11.95 4.91
N VAL C 249 -0.47 -13.01 5.58
CA VAL C 249 0.39 -14.05 5.03
C VAL C 249 1.84 -13.72 5.32
N ALA C 250 2.60 -14.73 5.74
CA ALA C 250 4.01 -14.54 6.07
C ALA C 250 4.85 -15.66 5.43
N ALA C 251 6.16 -15.45 5.46
CA ALA C 251 7.08 -16.46 4.99
C ALA C 251 8.22 -16.62 6.00
N ILE C 252 8.68 -17.85 6.17
CA ILE C 252 9.88 -18.07 6.95
C ILE C 252 11.00 -18.48 6.00
N ASP C 253 12.17 -17.86 6.21
CA ASP C 253 13.41 -18.18 5.51
C ASP C 253 14.38 -18.73 6.54
N LEU C 254 14.69 -20.04 6.46
CA LEU C 254 15.53 -20.72 7.45
C LEU C 254 16.86 -21.10 6.80
N THR C 255 17.96 -20.57 7.35
CA THR C 255 19.27 -20.90 6.84
C THR C 255 19.98 -21.76 7.88
N PHE C 256 20.43 -22.94 7.45
CA PHE C 256 21.05 -23.87 8.38
C PHE C 256 22.32 -24.49 7.81
N ILE C 257 23.17 -24.94 8.73
CA ILE C 257 24.30 -25.81 8.44
C ILE C 257 23.87 -27.25 8.73
N ALA C 258 24.00 -28.10 7.70
CA ALA C 258 23.68 -29.51 7.81
C ALA C 258 24.90 -30.29 8.34
N GLN C 259 24.64 -31.41 9.01
CA GLN C 259 25.70 -32.20 9.60
C GLN C 259 26.02 -33.40 8.71
N SER C 260 25.30 -33.51 7.60
CA SER C 260 25.47 -34.58 6.65
C SER C 260 25.26 -34.05 5.23
N PRO C 261 25.71 -34.77 4.17
CA PRO C 261 25.59 -34.23 2.81
C PRO C 261 24.15 -33.87 2.42
N ILE C 262 23.99 -32.71 1.79
CA ILE C 262 22.69 -32.23 1.31
C ILE C 262 22.79 -31.87 -0.17
N THR C 263 21.64 -32.01 -0.87
CA THR C 263 21.39 -31.36 -2.15
C THR C 263 19.99 -30.75 -2.12
N VAL C 264 19.71 -29.87 -3.09
CA VAL C 264 18.38 -29.30 -3.21
C VAL C 264 17.38 -30.43 -3.36
N HIS C 265 17.69 -31.34 -4.29
CA HIS C 265 16.84 -32.48 -4.59
C HIS C 265 16.49 -33.27 -3.31
N HIS C 266 17.47 -33.53 -2.46
CA HIS C 266 17.27 -34.41 -1.32
C HIS C 266 16.44 -33.71 -0.24
N ILE C 267 16.74 -32.43 -0.01
CA ILE C 267 15.99 -31.62 0.95
C ILE C 267 14.52 -31.60 0.52
N ASN C 268 14.27 -31.30 -0.74
CA ASN C 268 12.89 -31.16 -1.20
C ASN C 268 12.16 -32.49 -1.07
N GLU C 269 12.81 -33.60 -1.50
CA GLU C 269 12.20 -34.92 -1.38
C GLU C 269 11.89 -35.24 0.08
N LEU C 270 12.81 -34.97 1.02
CA LEU C 270 12.49 -35.17 2.42
C LEU C 270 11.25 -34.39 2.83
N LEU C 271 11.14 -33.10 2.46
CA LEU C 271 10.05 -32.27 2.95
C LEU C 271 8.73 -32.71 2.33
N ILE C 272 8.75 -33.11 1.05
CA ILE C 272 7.57 -33.64 0.38
C ILE C 272 7.08 -34.90 1.08
N LYS C 273 8.00 -35.82 1.39
CA LYS C 273 7.70 -37.08 2.06
C LYS C 273 7.08 -36.80 3.43
N ALA C 274 7.65 -35.84 4.17
CA ALA C 274 7.12 -35.48 5.47
C ALA C 274 5.69 -34.95 5.35
N SER C 275 5.43 -34.18 4.29
CA SER C 275 4.12 -33.56 4.08
C SER C 275 3.07 -34.61 3.72
N GLN C 276 3.51 -35.72 3.12
CA GLN C 276 2.59 -36.79 2.75
C GLN C 276 2.31 -37.72 3.92
N THR C 277 3.24 -37.87 4.86
CA THR C 277 3.08 -38.88 5.88
C THR C 277 2.74 -38.24 7.23
N ASP C 278 3.77 -38.07 8.05
CA ASP C 278 3.64 -37.74 9.45
C ASP C 278 3.11 -36.33 9.71
N TYR C 279 3.23 -35.41 8.73
CA TYR C 279 2.86 -34.01 8.94
C TYR C 279 1.77 -33.59 7.96
N ALA C 280 0.98 -34.55 7.46
CA ALA C 280 -0.01 -34.29 6.42
C ALA C 280 -1.14 -33.41 6.94
N GLU C 281 -1.37 -33.42 8.24
CA GLU C 281 -2.41 -32.59 8.82
C GLU C 281 -2.04 -31.10 8.80
N ILE C 282 -0.74 -30.76 8.79
CA ILE C 282 -0.34 -29.38 9.07
C ILE C 282 0.52 -28.78 7.95
N MET C 283 1.02 -29.59 7.00
CA MET C 283 2.11 -29.17 6.14
C MET C 283 1.84 -29.56 4.70
N ALA C 284 2.09 -28.61 3.80
CA ALA C 284 2.04 -28.91 2.38
C ALA C 284 3.35 -28.45 1.75
N VAL C 285 3.54 -28.80 0.48
CA VAL C 285 4.70 -28.38 -0.30
C VAL C 285 4.18 -28.07 -1.69
N THR C 286 4.61 -26.94 -2.25
CA THR C 286 4.32 -26.60 -3.63
C THR C 286 5.61 -26.43 -4.41
N ASP C 287 5.48 -26.61 -5.74
CA ASP C 287 6.52 -26.33 -6.74
C ASP C 287 6.02 -25.34 -7.79
N GLU C 288 4.95 -24.60 -7.50
CA GLU C 288 4.48 -23.60 -8.44
C GLU C 288 5.04 -22.24 -8.04
N PRO C 289 5.19 -21.33 -9.03
CA PRO C 289 5.69 -19.98 -8.76
C PRO C 289 4.58 -19.13 -8.19
N LEU C 290 4.40 -19.20 -6.86
CA LEU C 290 3.32 -18.56 -6.17
C LEU C 290 3.83 -17.41 -5.30
N VAL C 291 2.90 -16.55 -4.91
CA VAL C 291 3.20 -15.37 -4.12
C VAL C 291 2.27 -15.38 -2.90
N SER C 292 2.49 -14.45 -1.98
CA SER C 292 1.84 -14.48 -0.68
C SER C 292 0.32 -14.61 -0.77
N SER C 293 -0.33 -13.89 -1.69
CA SER C 293 -1.79 -13.82 -1.69
C SER C 293 -2.40 -15.18 -2.02
N ASP C 294 -1.60 -16.01 -2.69
CA ASP C 294 -2.01 -17.36 -3.02
C ASP C 294 -2.21 -18.23 -1.79
N PHE C 295 -1.75 -17.82 -0.60
CA PHE C 295 -1.87 -18.64 0.60
C PHE C 295 -2.87 -18.00 1.55
N ASN C 296 -3.51 -16.92 1.14
CA ASN C 296 -4.46 -16.30 2.03
C ASN C 296 -5.61 -17.28 2.26
N HIS C 297 -5.94 -17.51 3.55
CA HIS C 297 -7.03 -18.38 3.91
C HIS C 297 -6.63 -19.85 3.72
N SER C 298 -5.32 -20.14 3.70
CA SER C 298 -4.88 -21.53 3.73
C SER C 298 -4.81 -22.00 5.18
N PRO C 299 -5.35 -23.19 5.53
CA PRO C 299 -5.33 -23.66 6.92
C PRO C 299 -4.04 -24.33 7.35
N TYR C 300 -3.07 -24.49 6.43
CA TYR C 300 -1.83 -25.18 6.75
C TYR C 300 -1.00 -24.36 7.72
N SER C 301 -0.24 -25.06 8.59
CA SER C 301 0.78 -24.42 9.42
C SER C 301 1.97 -23.95 8.59
N LEU C 302 2.28 -24.63 7.48
CA LEU C 302 3.33 -24.17 6.59
C LEU C 302 3.20 -24.84 5.21
N ILE C 303 3.60 -24.08 4.19
CA ILE C 303 3.63 -24.57 2.82
C ILE C 303 5.01 -24.27 2.26
N VAL C 304 5.86 -25.30 2.21
CA VAL C 304 7.21 -25.15 1.71
C VAL C 304 7.12 -24.78 0.23
N ASP C 305 7.86 -23.73 -0.14
CA ASP C 305 8.08 -23.39 -1.53
C ASP C 305 9.37 -24.06 -1.99
N LEU C 306 9.23 -25.20 -2.66
CA LEU C 306 10.37 -26.02 -3.03
C LEU C 306 11.24 -25.36 -4.09
N THR C 307 10.71 -24.36 -4.80
CA THR C 307 11.45 -23.67 -5.85
C THR C 307 12.51 -22.77 -5.23
N GLN C 308 12.38 -22.41 -3.95
CA GLN C 308 13.30 -21.50 -3.28
C GLN C 308 14.46 -22.24 -2.61
N THR C 309 14.39 -23.57 -2.46
CA THR C 309 15.45 -24.28 -1.77
C THR C 309 16.79 -24.03 -2.46
N MET C 310 17.82 -23.72 -1.65
CA MET C 310 19.17 -23.50 -2.15
C MET C 310 20.19 -24.22 -1.25
N VAL C 311 21.30 -24.67 -1.88
CA VAL C 311 22.41 -25.30 -1.17
C VAL C 311 23.74 -24.75 -1.72
N VAL C 312 24.62 -24.37 -0.80
CA VAL C 312 26.03 -24.19 -1.13
C VAL C 312 26.84 -24.83 -0.01
N GLY C 313 27.69 -25.80 -0.37
CA GLY C 313 28.50 -26.54 0.62
C GLY C 313 27.62 -27.22 1.65
N HIS C 314 27.83 -26.92 2.94
CA HIS C 314 27.04 -27.50 4.02
C HIS C 314 25.85 -26.61 4.39
N GLN C 315 25.62 -25.53 3.62
CA GLN C 315 24.70 -24.48 4.01
C GLN C 315 23.47 -24.55 3.12
N ALA C 316 22.28 -24.50 3.72
CA ALA C 316 21.07 -24.51 2.93
C ALA C 316 20.12 -23.42 3.40
N LYS C 317 19.19 -23.06 2.49
CA LYS C 317 18.07 -22.18 2.77
C LYS C 317 16.81 -22.89 2.33
N VAL C 318 15.81 -22.94 3.23
CA VAL C 318 14.48 -23.36 2.85
C VAL C 318 13.50 -22.22 3.14
N PHE C 319 12.37 -22.23 2.43
CA PHE C 319 11.39 -21.15 2.44
C PHE C 319 10.02 -21.77 2.58
N ALA C 320 9.22 -21.29 3.55
CA ALA C 320 7.83 -21.73 3.65
C ALA C 320 6.87 -20.58 3.98
N TRP C 321 5.70 -20.60 3.33
CA TRP C 321 4.59 -19.67 3.53
C TRP C 321 3.64 -20.14 4.62
N TYR C 322 2.93 -19.20 5.25
CA TYR C 322 1.74 -19.50 6.01
C TYR C 322 0.85 -18.26 6.15
N ASP C 323 -0.46 -18.53 6.15
CA ASP C 323 -1.45 -17.58 6.62
C ASP C 323 -1.34 -17.55 8.14
N ASN C 324 -0.71 -16.49 8.65
CA ASN C 324 -0.44 -16.26 10.06
C ASN C 324 -1.72 -16.14 10.89
N GLU C 325 -2.88 -15.88 10.27
CA GLU C 325 -4.13 -15.78 11.01
C GLU C 325 -4.92 -17.07 10.91
N TRP C 326 -5.08 -17.60 9.68
CA TRP C 326 -5.95 -18.75 9.46
C TRP C 326 -5.28 -20.06 9.90
N GLY C 327 -3.98 -20.25 9.62
CA GLY C 327 -3.27 -21.41 10.12
C GLY C 327 -3.39 -21.53 11.64
N TYR C 328 -2.97 -20.47 12.34
CA TYR C 328 -2.94 -20.46 13.79
C TYR C 328 -4.35 -20.73 14.33
N ALA C 329 -5.37 -20.12 13.75
CA ALA C 329 -6.72 -20.28 14.26
C ALA C 329 -7.13 -21.75 14.16
N ASN C 330 -6.80 -22.39 13.04
CA ASN C 330 -7.21 -23.77 12.83
C ASN C 330 -6.45 -24.69 13.79
N ARG C 331 -5.20 -24.32 14.11
CA ARG C 331 -4.36 -25.09 14.99
C ARG C 331 -4.91 -24.96 16.41
N LEU C 332 -5.54 -23.84 16.75
CA LEU C 332 -6.15 -23.74 18.08
C LEU C 332 -7.34 -24.68 18.20
N LEU C 333 -8.16 -24.76 17.14
CA LEU C 333 -9.30 -25.66 17.08
C LEU C 333 -8.85 -27.12 17.17
N ASP C 334 -7.83 -27.49 16.38
CA ASP C 334 -7.23 -28.81 16.39
C ASP C 334 -6.74 -29.22 17.78
N LEU C 335 -6.09 -28.29 18.50
CA LEU C 335 -5.54 -28.56 19.79
C LEU C 335 -6.69 -28.90 20.75
N CYS C 336 -7.73 -28.07 20.75
CA CYS C 336 -8.91 -28.33 21.58
C CYS C 336 -9.54 -29.68 21.27
N ASP C 337 -9.64 -30.04 20.00
CA ASP C 337 -10.25 -31.29 19.58
C ASP C 337 -9.43 -32.48 20.10
N SER C 338 -8.10 -32.33 20.21
CA SER C 338 -7.25 -33.42 20.63
C SER C 338 -7.41 -33.70 22.14
N PHE C 339 -8.02 -32.77 22.89
CA PHE C 339 -8.08 -32.86 24.34
C PHE C 339 -9.03 -33.96 24.83
N LYS C 340 -9.85 -34.55 23.95
CA LYS C 340 -10.70 -35.66 24.36
C LYS C 340 -11.07 -36.49 23.14
N SER C 341 -10.93 -37.82 23.28
CA SER C 341 -11.34 -38.81 22.30
C SER C 341 -12.44 -39.72 22.90
N MET D 1 38.31 16.94 -19.56
CA MET D 1 36.97 17.13 -18.96
C MET D 1 35.94 16.33 -19.78
N GLN D 2 35.52 15.19 -19.23
CA GLN D 2 34.82 14.18 -20.01
C GLN D 2 33.37 14.58 -20.28
N ARG D 3 32.79 13.90 -21.28
CA ARG D 3 31.44 14.15 -21.76
C ARG D 3 30.61 12.87 -21.68
N ILE D 4 29.66 12.84 -20.74
CA ILE D 4 28.81 11.69 -20.45
C ILE D 4 27.45 11.84 -21.16
N ALA D 5 26.93 10.74 -21.66
CA ALA D 5 25.58 10.67 -22.16
C ALA D 5 24.84 9.58 -21.39
N ILE D 6 23.51 9.71 -21.24
CA ILE D 6 22.69 8.71 -20.57
C ILE D 6 21.71 8.13 -21.58
N ASN D 7 21.72 6.80 -21.74
CA ASN D 7 20.72 6.15 -22.57
C ASN D 7 19.69 5.50 -21.63
N GLY D 8 18.45 5.95 -21.72
CA GLY D 8 17.39 5.47 -20.83
C GLY D 8 17.18 6.41 -19.66
N PHE D 9 16.15 7.25 -19.74
CA PHE D 9 15.93 8.31 -18.76
C PHE D 9 14.84 7.90 -17.77
N GLY D 10 15.12 6.80 -17.08
CA GLY D 10 14.16 6.20 -16.16
C GLY D 10 14.59 6.38 -14.71
N ARG D 11 14.24 5.42 -13.85
CA ARG D 11 14.49 5.60 -12.42
C ARG D 11 15.97 5.89 -12.19
N ILE D 12 16.84 5.13 -12.85
CA ILE D 12 18.28 5.32 -12.70
C ILE D 12 18.74 6.56 -13.49
N GLY D 13 18.38 6.66 -14.77
CA GLY D 13 18.85 7.76 -15.62
C GLY D 13 18.54 9.14 -15.03
N ARG D 14 17.28 9.39 -14.72
CA ARG D 14 16.87 10.64 -14.12
C ARG D 14 17.60 10.90 -12.80
N ASN D 15 17.82 9.86 -11.98
CA ASN D 15 18.48 10.06 -10.70
C ASN D 15 19.95 10.37 -10.90
N VAL D 16 20.57 9.87 -11.99
CA VAL D 16 21.97 10.17 -12.28
C VAL D 16 22.08 11.67 -12.51
N LEU D 17 21.17 12.23 -13.32
CA LEU D 17 21.18 13.65 -13.63
C LEU D 17 20.91 14.49 -12.39
N ARG D 18 19.94 14.08 -11.55
CA ARG D 18 19.73 14.84 -10.32
C ARG D 18 20.91 14.79 -9.37
N ALA D 19 21.54 13.62 -9.24
CA ALA D 19 22.60 13.43 -8.27
C ALA D 19 23.80 14.28 -8.66
N TRP D 20 24.01 14.48 -9.97
CA TRP D 20 25.05 15.38 -10.46
C TRP D 20 24.88 16.77 -9.88
N PHE D 21 23.66 17.29 -9.88
CA PHE D 21 23.38 18.64 -9.39
C PHE D 21 23.42 18.71 -7.87
N GLU D 22 23.02 17.61 -7.20
CA GLU D 22 22.83 17.63 -5.76
C GLU D 22 24.08 17.25 -4.99
N SER D 23 25.05 16.62 -5.67
CA SER D 23 26.24 16.13 -5.00
C SER D 23 26.91 17.27 -4.23
N PRO D 24 27.43 17.06 -3.00
CA PRO D 24 28.14 18.12 -2.29
C PRO D 24 29.52 18.34 -2.94
N LYS D 25 30.07 17.30 -3.58
CA LYS D 25 31.29 17.45 -4.36
C LYS D 25 30.93 17.63 -5.85
N GLN D 26 31.44 18.71 -6.48
CA GLN D 26 31.19 18.91 -7.90
C GLN D 26 32.05 17.92 -8.67
N PHE D 27 31.42 17.24 -9.63
CA PHE D 27 32.08 16.29 -10.51
C PHE D 27 32.79 17.03 -11.63
N HIS D 28 33.87 16.43 -12.13
CA HIS D 28 34.78 17.09 -13.05
C HIS D 28 34.26 16.96 -14.50
N PHE D 29 33.51 15.90 -14.77
CA PHE D 29 32.90 15.65 -16.08
C PHE D 29 31.53 16.33 -16.20
N GLU D 30 30.99 16.38 -17.43
CA GLU D 30 29.69 16.96 -17.66
C GLU D 30 28.79 15.91 -18.32
N ILE D 31 27.50 15.93 -17.97
CA ILE D 31 26.51 15.17 -18.70
C ILE D 31 25.98 16.08 -19.79
N VAL D 32 25.96 15.59 -21.05
CA VAL D 32 25.78 16.45 -22.21
C VAL D 32 24.71 15.91 -23.15
N ALA D 33 24.13 14.74 -22.87
CA ALA D 33 23.04 14.25 -23.68
C ALA D 33 22.23 13.19 -22.95
N ILE D 34 20.97 13.03 -23.36
CA ILE D 34 20.12 11.99 -22.81
C ILE D 34 19.33 11.45 -23.99
N ASN D 35 18.86 10.19 -23.89
CA ASN D 35 18.04 9.59 -24.92
C ASN D 35 16.97 8.71 -24.30
N ASP D 36 15.79 8.69 -24.91
CA ASP D 36 14.72 7.84 -24.44
C ASP D 36 13.65 7.80 -25.52
N ILE D 37 12.83 6.76 -25.55
CA ILE D 37 11.81 6.62 -26.57
C ILE D 37 10.64 7.55 -26.27
N ALA D 38 10.60 8.12 -25.07
CA ALA D 38 9.56 9.09 -24.76
C ALA D 38 10.00 10.47 -25.20
N ASP D 39 9.04 11.36 -25.46
CA ASP D 39 9.31 12.73 -25.88
C ASP D 39 9.89 13.54 -24.72
N VAL D 40 10.47 14.70 -25.06
CA VAL D 40 11.16 15.56 -24.11
C VAL D 40 10.21 16.13 -23.05
N HIS D 41 8.97 16.48 -23.43
CA HIS D 41 8.01 17.07 -22.51
C HIS D 41 7.65 16.07 -21.41
N THR D 42 7.56 14.77 -21.74
CA THR D 42 7.28 13.76 -20.74
C THR D 42 8.51 13.63 -19.84
N LEU D 43 9.68 13.69 -20.44
CA LEU D 43 10.93 13.47 -19.73
C LEU D 43 11.16 14.54 -18.68
N VAL D 44 10.96 15.81 -19.07
CA VAL D 44 11.18 16.95 -18.20
C VAL D 44 10.18 16.93 -17.04
N HIS D 45 8.94 16.51 -17.32
CA HIS D 45 7.89 16.43 -16.32
C HIS D 45 8.27 15.47 -15.20
N LEU D 46 8.69 14.26 -15.61
CA LEU D 46 9.13 13.21 -14.71
C LEU D 46 10.45 13.56 -14.03
N PHE D 47 11.32 14.35 -14.70
CA PHE D 47 12.55 14.79 -14.04
C PHE D 47 12.24 15.79 -12.93
N LYS D 48 11.22 16.63 -13.15
CA LYS D 48 10.84 17.66 -12.22
C LYS D 48 9.99 17.12 -11.07
N TYR D 49 9.05 16.20 -11.37
CA TYR D 49 8.12 15.73 -10.36
C TYR D 49 8.34 14.23 -10.12
N ASP D 50 8.79 13.87 -8.92
CA ASP D 50 9.13 12.51 -8.58
C ASP D 50 8.35 12.10 -7.32
N SER D 51 7.61 10.99 -7.43
CA SER D 51 6.83 10.44 -6.34
C SER D 51 7.73 9.93 -5.19
N THR D 52 8.98 9.58 -5.50
CA THR D 52 9.92 9.03 -4.52
C THR D 52 10.84 10.09 -3.93
N HIS D 53 11.48 10.90 -4.80
CA HIS D 53 12.51 11.82 -4.35
C HIS D 53 12.03 13.27 -4.30
N GLY D 54 10.79 13.56 -4.70
CA GLY D 54 10.24 14.90 -4.56
C GLY D 54 10.53 15.80 -5.76
N ARG D 55 10.21 17.08 -5.62
CA ARG D 55 10.37 18.07 -6.68
C ARG D 55 11.84 18.36 -6.88
N PHE D 56 12.27 18.44 -8.14
CA PHE D 56 13.61 18.87 -8.45
C PHE D 56 13.78 20.34 -8.07
N ASN D 57 14.86 20.61 -7.33
CA ASN D 57 15.11 21.92 -6.73
C ASN D 57 16.00 22.72 -7.67
N GLY D 58 15.39 23.20 -8.76
CA GLY D 58 16.11 23.88 -9.82
C GLY D 58 15.17 24.20 -10.97
N LYS D 59 15.75 24.63 -12.09
CA LYS D 59 15.02 25.19 -13.21
C LYS D 59 15.39 24.41 -14.45
N VAL D 60 14.39 24.04 -15.25
CA VAL D 60 14.60 23.38 -16.51
C VAL D 60 13.89 24.14 -17.61
N ASP D 61 14.66 24.50 -18.64
CA ASP D 61 14.16 25.10 -19.86
C ASP D 61 14.37 24.12 -21.00
N ILE D 62 13.43 24.09 -21.94
CA ILE D 62 13.57 23.29 -23.14
C ILE D 62 13.82 24.20 -24.33
N THR D 63 14.86 23.90 -25.12
CA THR D 63 15.18 24.72 -26.28
C THR D 63 15.12 23.86 -27.53
N ILE D 64 14.27 24.28 -28.47
CA ILE D 64 14.15 23.65 -29.77
C ILE D 64 14.92 24.53 -30.73
N GLU D 65 16.07 24.04 -31.20
CA GLU D 65 16.71 24.63 -32.36
C GLU D 65 16.10 23.99 -33.63
N ASN D 66 16.57 24.42 -34.81
CA ASN D 66 16.00 23.97 -36.08
C ASN D 66 16.04 22.44 -36.14
N GLU D 67 17.10 21.89 -35.53
CA GLU D 67 17.41 20.48 -35.63
C GLU D 67 17.24 19.84 -34.25
N LYS D 68 17.94 20.40 -33.26
CA LYS D 68 18.22 19.76 -32.00
C LYS D 68 17.28 20.25 -30.90
N ILE D 69 17.11 19.38 -29.89
CA ILE D 69 16.41 19.73 -28.67
C ILE D 69 17.42 19.67 -27.55
N TYR D 70 17.41 20.69 -26.68
CA TYR D 70 18.31 20.79 -25.55
C TYR D 70 17.46 21.06 -24.32
N LEU D 71 18.00 20.66 -23.16
CA LEU D 71 17.54 21.14 -21.86
C LEU D 71 18.58 22.10 -21.33
N ASN D 72 18.13 23.17 -20.67
CA ASN D 72 19.00 24.02 -19.90
C ASN D 72 18.59 23.87 -18.45
N ILE D 73 19.50 23.37 -17.64
CA ILE D 73 19.13 22.98 -16.30
C ILE D 73 20.02 23.72 -15.35
N GLN D 74 19.41 24.36 -14.35
CA GLN D 74 20.17 25.06 -13.34
C GLN D 74 19.70 24.63 -11.97
N SER D 75 20.66 24.37 -11.08
CA SER D 75 20.39 23.95 -9.71
C SER D 75 21.69 23.94 -8.91
N ASN D 76 21.61 24.34 -7.64
CA ASN D 76 22.73 24.25 -6.72
C ASN D 76 23.95 24.94 -7.34
N GLN D 77 23.68 26.04 -8.06
CA GLN D 77 24.71 26.90 -8.65
C GLN D 77 25.51 26.15 -9.70
N ARG D 78 24.88 25.17 -10.37
CA ARG D 78 25.51 24.47 -11.48
C ARG D 78 24.56 24.51 -12.68
N LEU D 79 25.13 24.36 -13.87
CA LEU D 79 24.38 24.51 -15.11
C LEU D 79 24.87 23.45 -16.09
N LEU D 80 23.93 22.82 -16.78
CA LEU D 80 24.23 21.92 -17.88
C LEU D 80 23.31 22.28 -19.03
N LYS D 81 23.85 22.17 -20.24
CA LYS D 81 23.07 22.12 -21.45
C LYS D 81 23.14 20.69 -21.96
N VAL D 82 21.98 20.07 -22.22
CA VAL D 82 21.88 18.64 -22.39
C VAL D 82 21.04 18.34 -23.64
N GLU D 83 21.67 17.82 -24.69
CA GLU D 83 20.93 17.44 -25.89
C GLU D 83 20.00 16.27 -25.57
N VAL D 84 18.76 16.33 -26.05
CA VAL D 84 17.81 15.26 -25.88
C VAL D 84 17.52 14.56 -27.22
N LEU D 85 17.61 13.22 -27.18
CA LEU D 85 17.37 12.40 -28.37
C LEU D 85 16.20 11.47 -28.12
N GLN D 86 15.61 11.00 -29.23
CA GLN D 86 14.49 10.08 -29.18
C GLN D 86 14.69 8.98 -30.22
N GLN D 87 15.70 8.13 -29.97
CA GLN D 87 16.11 7.11 -30.91
C GLN D 87 16.19 5.74 -30.22
N LYS D 88 15.25 4.85 -30.59
CA LYS D 88 15.14 3.52 -30.01
C LYS D 88 16.37 2.66 -30.29
N GLN D 89 16.97 2.85 -31.47
CA GLN D 89 18.09 2.02 -31.91
C GLN D 89 19.40 2.72 -31.59
N PRO D 90 20.14 2.29 -30.56
CA PRO D 90 21.32 3.02 -30.11
C PRO D 90 22.47 3.22 -31.09
N GLU D 91 22.47 2.49 -32.21
CA GLU D 91 23.53 2.63 -33.21
C GLU D 91 23.32 3.90 -34.03
N LEU D 92 22.06 4.36 -34.14
CA LEU D 92 21.72 5.54 -34.92
C LEU D 92 21.86 6.83 -34.10
N LEU D 93 22.50 6.77 -32.94
CA LEU D 93 22.67 7.94 -32.09
C LEU D 93 23.92 8.72 -32.51
N PRO D 94 23.93 10.06 -32.33
CA PRO D 94 25.06 10.89 -32.76
C PRO D 94 26.18 11.08 -31.75
N TRP D 95 26.74 9.98 -31.25
CA TRP D 95 27.72 10.06 -30.18
C TRP D 95 29.06 10.61 -30.68
N ALA D 96 29.33 10.47 -31.98
CA ALA D 96 30.57 10.97 -32.56
C ALA D 96 30.54 12.49 -32.64
N SER D 97 29.49 13.04 -33.28
CA SER D 97 29.22 14.49 -33.26
C SER D 97 29.38 15.05 -31.86
N LEU D 98 28.83 14.36 -30.86
CA LEU D 98 28.74 14.94 -29.53
C LEU D 98 30.01 14.71 -28.74
N LYS D 99 30.96 13.96 -29.31
CA LYS D 99 32.26 13.68 -28.70
C LYS D 99 32.08 12.98 -27.35
N ILE D 100 31.19 11.99 -27.30
CA ILE D 100 30.84 11.37 -26.04
C ILE D 100 31.96 10.43 -25.59
N ASP D 101 32.48 10.66 -24.38
CA ASP D 101 33.52 9.83 -23.81
C ASP D 101 32.97 8.57 -23.12
N VAL D 102 31.84 8.69 -22.40
CA VAL D 102 31.22 7.58 -21.68
C VAL D 102 29.71 7.62 -21.90
N VAL D 103 29.12 6.51 -22.30
CA VAL D 103 27.66 6.37 -22.32
C VAL D 103 27.22 5.49 -21.15
N LEU D 104 26.26 5.97 -20.34
CA LEU D 104 25.67 5.21 -19.24
C LEU D 104 24.39 4.58 -19.74
N GLU D 105 24.43 3.25 -19.90
CA GLU D 105 23.36 2.46 -20.48
C GLU D 105 22.40 1.99 -19.38
N CYS D 106 21.25 2.66 -19.29
CA CYS D 106 20.36 2.62 -18.14
C CYS D 106 18.96 2.22 -18.62
N THR D 107 18.90 1.51 -19.76
CA THR D 107 17.63 1.05 -20.31
C THR D 107 17.26 -0.35 -19.80
N GLY D 108 18.25 -1.17 -19.43
CA GLY D 108 18.04 -2.59 -19.12
C GLY D 108 17.89 -3.50 -20.35
N LEU D 109 17.98 -2.97 -21.59
CA LEU D 109 17.71 -3.71 -22.81
C LEU D 109 18.98 -3.95 -23.64
N PHE D 110 20.14 -3.49 -23.16
CA PHE D 110 21.38 -3.54 -23.93
C PHE D 110 22.54 -3.96 -23.01
N ARG D 111 22.34 -5.07 -22.26
CA ARG D 111 23.35 -5.60 -21.37
C ARG D 111 24.34 -6.56 -22.06
N SER D 112 23.95 -7.16 -23.20
CA SER D 112 24.87 -8.01 -23.96
C SER D 112 26.06 -7.18 -24.46
N HIS D 113 27.24 -7.80 -24.58
CA HIS D 113 28.43 -7.13 -25.08
C HIS D 113 28.21 -6.62 -26.50
N ALA D 114 27.37 -7.34 -27.26
CA ALA D 114 27.00 -6.93 -28.60
C ALA D 114 26.21 -5.62 -28.54
N ASP D 115 25.16 -5.61 -27.71
CA ASP D 115 24.24 -4.49 -27.65
C ASP D 115 24.95 -3.24 -27.13
N ALA D 116 25.77 -3.38 -26.11
CA ALA D 116 26.58 -2.28 -25.65
C ALA D 116 27.54 -1.73 -26.72
N THR D 117 27.89 -2.55 -27.72
CA THR D 117 28.82 -2.17 -28.77
C THR D 117 28.11 -1.23 -29.75
N ARG D 118 26.77 -1.36 -29.86
CA ARG D 118 25.97 -0.44 -30.65
C ARG D 118 26.30 1.02 -30.34
N HIS D 119 26.60 1.35 -29.07
CA HIS D 119 26.97 2.70 -28.69
C HIS D 119 28.39 3.03 -29.15
N LEU D 120 29.21 2.00 -29.32
CA LEU D 120 30.57 2.18 -29.78
C LEU D 120 30.56 2.50 -31.27
N GLU D 121 29.59 1.92 -31.99
CA GLU D 121 29.37 2.14 -33.40
C GLU D 121 28.84 3.54 -33.68
N ALA D 122 28.00 4.06 -32.76
CA ALA D 122 27.37 5.36 -32.91
C ALA D 122 28.38 6.47 -32.63
N GLY D 123 29.47 6.11 -31.94
CA GLY D 123 30.64 6.96 -31.87
C GLY D 123 31.27 7.05 -30.50
N ALA D 124 30.64 6.47 -29.46
CA ALA D 124 31.16 6.68 -28.12
C ALA D 124 32.43 5.86 -27.96
N LYS D 125 33.28 6.30 -27.02
CA LYS D 125 34.52 5.65 -26.68
C LYS D 125 34.29 4.50 -25.69
N ARG D 126 33.45 4.70 -24.68
CA ARG D 126 33.30 3.78 -23.57
C ARG D 126 31.86 3.69 -23.10
N VAL D 127 31.43 2.48 -22.72
CA VAL D 127 30.07 2.21 -22.25
C VAL D 127 30.11 1.60 -20.86
N ILE D 128 29.35 2.19 -19.92
CA ILE D 128 29.08 1.54 -18.65
C ILE D 128 27.67 0.98 -18.68
N ILE D 129 27.55 -0.34 -18.87
CA ILE D 129 26.27 -1.00 -18.72
C ILE D 129 25.88 -0.92 -17.25
N GLY D 130 24.69 -0.35 -16.99
CA GLY D 130 24.22 -0.06 -15.65
C GLY D 130 23.33 -1.20 -15.14
N ALA D 131 23.94 -2.39 -15.08
CA ALA D 131 23.27 -3.62 -14.70
C ALA D 131 24.35 -4.72 -14.63
N ALA D 132 23.91 -5.91 -14.22
CA ALA D 132 24.76 -7.09 -14.27
C ALA D 132 25.03 -7.44 -15.74
N PRO D 133 26.27 -7.88 -16.04
CA PRO D 133 26.63 -8.34 -17.39
C PRO D 133 25.69 -9.45 -17.85
N PHE D 134 25.30 -9.43 -19.12
CA PHE D 134 24.55 -10.55 -19.66
C PHE D 134 25.54 -11.66 -20.05
N ASP D 135 26.71 -11.29 -20.61
CA ASP D 135 27.67 -12.28 -21.09
C ASP D 135 29.10 -11.78 -20.87
N HIS D 136 29.66 -11.00 -21.79
CA HIS D 136 31.06 -10.61 -21.66
C HIS D 136 31.17 -9.11 -21.40
N VAL D 137 32.11 -8.76 -20.53
CA VAL D 137 32.49 -7.38 -20.30
C VAL D 137 33.99 -7.38 -20.05
N ASP D 138 34.64 -6.26 -20.38
CA ASP D 138 36.07 -6.10 -20.22
C ASP D 138 36.38 -5.96 -18.73
N ALA D 139 35.38 -5.46 -17.97
CA ALA D 139 35.45 -5.39 -16.52
C ALA D 139 34.06 -5.28 -15.88
N ALA D 140 33.95 -5.80 -14.64
CA ALA D 140 32.76 -5.68 -13.83
C ALA D 140 33.20 -5.02 -12.54
N ILE D 141 32.60 -3.86 -12.23
CA ILE D 141 33.19 -2.93 -11.28
C ILE D 141 32.18 -2.60 -10.18
N VAL D 142 32.70 -2.61 -8.96
CA VAL D 142 32.02 -2.14 -7.78
C VAL D 142 32.86 -0.99 -7.26
N TYR D 143 32.32 0.23 -7.42
CA TYR D 143 33.04 1.40 -7.02
C TYR D 143 33.32 1.25 -5.53
N GLY D 144 34.57 1.54 -5.14
CA GLY D 144 35.04 1.44 -3.76
C GLY D 144 35.76 0.12 -3.48
N VAL D 145 35.70 -0.82 -4.43
CA VAL D 145 36.29 -2.14 -4.25
C VAL D 145 37.39 -2.36 -5.29
N ASN D 146 37.03 -2.36 -6.58
CA ASN D 146 37.97 -2.71 -7.62
C ASN D 146 37.88 -1.72 -8.79
N HIS D 147 37.67 -0.43 -8.48
CA HIS D 147 37.49 0.55 -9.55
C HIS D 147 38.85 0.95 -10.11
N ALA D 148 39.90 0.87 -9.28
CA ALA D 148 41.26 1.06 -9.73
C ALA D 148 41.66 0.02 -10.80
N ASP D 149 40.95 -1.11 -10.89
CA ASP D 149 41.31 -2.18 -11.83
C ASP D 149 40.75 -1.89 -13.22
N VAL D 150 40.27 -0.66 -13.44
CA VAL D 150 39.83 -0.30 -14.78
C VAL D 150 41.08 0.08 -15.57
N LYS D 151 41.23 -0.56 -16.74
CA LYS D 151 42.33 -0.28 -17.65
C LYS D 151 41.83 0.72 -18.69
N ALA D 152 42.64 1.77 -18.91
CA ALA D 152 42.34 2.82 -19.87
C ALA D 152 42.03 2.27 -21.26
N THR D 153 42.28 0.97 -21.48
CA THR D 153 41.94 0.29 -22.73
C THR D 153 40.54 -0.34 -22.68
N ASP D 154 39.96 -0.54 -21.47
CA ASP D 154 38.63 -1.13 -21.33
C ASP D 154 37.53 -0.23 -21.91
N GLN D 155 36.63 -0.82 -22.72
CA GLN D 155 35.61 -0.06 -23.43
C GLN D 155 34.18 -0.43 -23.03
N ILE D 156 33.94 -1.70 -22.65
CA ILE D 156 32.63 -2.13 -22.19
C ILE D 156 32.74 -2.53 -20.72
N ILE D 157 32.15 -1.71 -19.86
CA ILE D 157 32.24 -1.87 -18.42
C ILE D 157 30.82 -2.07 -17.90
N SER D 158 30.73 -2.79 -16.78
CA SER D 158 29.47 -2.99 -16.07
C SER D 158 29.63 -2.46 -14.66
N SER D 159 28.64 -1.68 -14.21
CA SER D 159 28.59 -1.17 -12.84
C SER D 159 27.73 -2.11 -11.99
N VAL D 160 27.47 -3.32 -12.50
CA VAL D 160 26.77 -4.39 -11.81
C VAL D 160 25.41 -3.86 -11.35
N SER D 161 24.97 -4.18 -10.12
CA SER D 161 23.61 -3.84 -9.69
C SER D 161 23.70 -3.19 -8.32
N CYS D 162 22.61 -2.53 -7.92
CA CYS D 162 22.46 -2.00 -6.59
C CYS D 162 22.86 -3.09 -5.59
N THR D 163 22.24 -4.26 -5.72
CA THR D 163 22.41 -5.37 -4.79
C THR D 163 23.89 -5.78 -4.74
N THR D 164 24.50 -5.93 -5.92
CA THR D 164 25.91 -6.30 -6.01
C THR D 164 26.78 -5.29 -5.27
N GLN D 165 26.50 -4.00 -5.47
CA GLN D 165 27.37 -2.98 -4.91
C GLN D 165 27.31 -2.95 -3.39
N ALA D 166 26.28 -3.60 -2.80
CA ALA D 166 26.19 -3.70 -1.37
C ALA D 166 26.76 -5.03 -0.86
N LEU D 167 26.50 -6.11 -1.62
CA LEU D 167 26.93 -7.47 -1.27
C LEU D 167 28.46 -7.59 -1.25
N VAL D 168 29.09 -7.20 -2.36
CA VAL D 168 30.52 -7.37 -2.58
C VAL D 168 31.33 -6.76 -1.44
N PRO D 169 31.10 -5.49 -1.04
CA PRO D 169 31.77 -4.95 0.13
C PRO D 169 31.63 -5.83 1.38
N LEU D 170 30.42 -6.34 1.63
CA LEU D 170 30.20 -7.13 2.83
C LEU D 170 31.05 -8.39 2.75
N VAL D 171 30.92 -9.09 1.62
CA VAL D 171 31.64 -10.33 1.39
C VAL D 171 33.14 -10.09 1.50
N LYS D 172 33.66 -9.05 0.83
CA LYS D 172 35.09 -8.77 0.86
C LYS D 172 35.54 -8.46 2.29
N ILE D 173 34.78 -7.64 3.00
CA ILE D 173 35.25 -7.19 4.30
C ILE D 173 35.32 -8.37 5.27
N ILE D 174 34.34 -9.26 5.17
CA ILE D 174 34.20 -10.32 6.16
C ILE D 174 35.12 -11.47 5.77
N ASP D 175 35.27 -11.70 4.46
CA ASP D 175 36.12 -12.77 3.97
C ASP D 175 37.57 -12.47 4.30
N ASP D 176 37.98 -11.21 4.20
CA ASP D 176 39.35 -10.80 4.47
C ASP D 176 39.68 -10.95 5.96
N ALA D 177 38.70 -10.74 6.85
CA ALA D 177 38.99 -10.69 8.27
C ALA D 177 38.72 -12.03 8.96
N PHE D 178 37.70 -12.78 8.51
CA PHE D 178 37.31 -13.98 9.24
C PHE D 178 37.38 -15.21 8.34
N GLY D 179 37.26 -14.98 7.05
CA GLY D 179 37.20 -16.05 6.07
C GLY D 179 35.74 -16.46 5.94
N ILE D 180 35.25 -16.54 4.72
CA ILE D 180 33.89 -17.00 4.45
C ILE D 180 34.01 -18.35 3.76
N GLU D 181 33.45 -19.38 4.42
CA GLU D 181 33.27 -20.69 3.82
C GLU D 181 32.20 -20.60 2.74
N THR D 182 30.94 -20.34 3.16
CA THR D 182 29.86 -20.09 2.23
C THR D 182 28.97 -19.00 2.82
N ALA D 183 28.09 -18.46 1.96
CA ALA D 183 27.13 -17.45 2.39
C ALA D 183 25.89 -17.54 1.52
N LEU D 184 24.74 -17.18 2.12
CA LEU D 184 23.50 -17.05 1.39
C LEU D 184 22.89 -15.68 1.65
N MET D 185 22.36 -15.10 0.58
CA MET D 185 21.82 -13.76 0.66
C MET D 185 20.29 -13.82 0.56
N THR D 186 19.62 -13.08 1.46
CA THR D 186 18.23 -12.71 1.26
C THR D 186 18.16 -11.19 1.06
N GLU D 187 17.66 -10.74 -0.10
CA GLU D 187 17.39 -9.32 -0.33
C GLU D 187 15.90 -9.03 -0.20
N ILE D 188 15.53 -8.02 0.62
CA ILE D 188 14.19 -7.49 0.71
C ILE D 188 14.18 -6.13 0.03
N HIS D 189 13.41 -6.03 -1.05
CA HIS D 189 13.52 -4.94 -2.01
C HIS D 189 12.16 -4.32 -2.27
N ALA D 190 12.15 -3.00 -2.41
CA ALA D 190 11.00 -2.25 -2.85
C ALA D 190 10.63 -2.72 -4.25
N VAL D 191 9.43 -2.33 -4.70
CA VAL D 191 8.99 -2.66 -6.03
C VAL D 191 9.90 -1.98 -7.06
N THR D 192 9.95 -2.55 -8.25
CA THR D 192 10.73 -1.94 -9.31
C THR D 192 9.82 -1.75 -10.49
N ALA D 193 10.32 -0.95 -11.44
CA ALA D 193 9.50 -0.38 -12.51
C ALA D 193 9.00 -1.48 -13.45
N ASP D 194 9.69 -2.62 -13.50
CA ASP D 194 9.28 -3.73 -14.37
C ASP D 194 8.20 -4.65 -13.76
N GLN D 195 7.77 -4.43 -12.50
CA GLN D 195 6.74 -5.26 -11.90
C GLN D 195 5.37 -4.86 -12.43
N SER D 196 4.30 -5.48 -11.92
CA SER D 196 2.96 -5.24 -12.42
C SER D 196 2.09 -4.56 -11.35
N VAL D 197 1.14 -3.77 -11.83
CA VAL D 197 0.18 -3.12 -10.97
C VAL D 197 -0.85 -4.14 -10.52
N LEU D 198 -1.53 -4.77 -11.49
CA LEU D 198 -2.44 -5.87 -11.24
C LEU D 198 -1.84 -7.12 -11.87
N ASP D 199 -2.39 -8.28 -11.54
CA ASP D 199 -1.95 -9.52 -12.16
C ASP D 199 -2.11 -9.42 -13.68
N HIS D 200 -1.00 -9.62 -14.39
CA HIS D 200 -0.92 -9.39 -15.83
C HIS D 200 0.15 -10.32 -16.43
N ALA D 201 -0.08 -10.81 -17.66
CA ALA D 201 0.95 -11.51 -18.44
C ALA D 201 2.28 -10.79 -18.34
N HIS D 202 3.34 -11.56 -18.17
CA HIS D 202 4.69 -11.07 -17.94
C HIS D 202 5.58 -12.28 -18.18
N ARG D 203 6.86 -12.02 -18.49
CA ARG D 203 7.85 -13.07 -18.72
C ARG D 203 8.05 -13.91 -17.45
N ASP D 204 8.01 -13.28 -16.27
CA ASP D 204 8.27 -13.95 -15.01
C ASP D 204 6.93 -14.09 -14.30
N LEU D 205 6.54 -15.33 -13.99
CA LEU D 205 5.22 -15.61 -13.43
C LEU D 205 5.04 -15.08 -12.00
N ARG D 206 6.13 -14.79 -11.30
N ARG D 206 6.14 -14.84 -11.28
CA ARG D 206 6.04 -14.18 -9.97
CA ARG D 206 6.09 -14.19 -9.99
C ARG D 206 5.92 -12.66 -10.11
C ARG D 206 5.85 -12.69 -10.19
N ARG D 207 6.64 -12.07 -11.07
CA ARG D 207 6.61 -10.62 -11.24
C ARG D 207 5.36 -10.18 -11.99
N ALA D 208 4.65 -11.14 -12.57
CA ALA D 208 3.33 -10.91 -13.14
C ALA D 208 2.30 -10.50 -12.09
N ARG D 209 2.55 -10.70 -10.79
CA ARG D 209 1.50 -10.55 -9.79
C ARG D 209 1.49 -9.13 -9.19
N ALA D 210 0.33 -8.70 -8.72
CA ALA D 210 0.09 -7.37 -8.18
C ALA D 210 1.15 -7.02 -7.14
N SER D 211 1.91 -5.94 -7.42
CA SER D 211 3.14 -5.65 -6.70
C SER D 211 2.80 -4.96 -5.37
N GLY D 212 1.59 -4.38 -5.35
CA GLY D 212 1.12 -3.65 -4.19
C GLY D 212 0.47 -4.57 -3.17
N GLN D 213 0.22 -5.82 -3.52
CA GLN D 213 -0.59 -6.70 -2.68
C GLN D 213 0.19 -7.90 -2.17
N ASN D 214 1.41 -8.12 -2.68
CA ASN D 214 2.06 -9.39 -2.47
C ASN D 214 3.49 -9.24 -1.99
N ILE D 215 3.94 -10.22 -1.21
CA ILE D 215 5.34 -10.56 -1.08
C ILE D 215 5.70 -11.50 -2.23
N ILE D 216 6.78 -11.18 -2.97
CA ILE D 216 7.07 -11.88 -4.21
C ILE D 216 8.54 -12.29 -4.23
N PRO D 217 8.88 -13.58 -3.99
CA PRO D 217 10.25 -14.09 -4.17
C PRO D 217 10.63 -14.04 -5.64
N THR D 218 11.89 -13.73 -5.92
CA THR D 218 12.31 -13.63 -7.30
C THR D 218 13.82 -13.85 -7.35
N THR D 219 14.39 -13.88 -8.56
CA THR D 219 15.84 -14.00 -8.71
C THR D 219 16.54 -12.66 -8.48
N SER D 220 17.85 -12.75 -8.23
CA SER D 220 18.79 -11.64 -8.14
C SER D 220 19.95 -11.88 -9.13
N SER D 221 20.34 -10.84 -9.88
CA SER D 221 21.45 -10.91 -10.80
C SER D 221 22.77 -10.77 -10.02
N ALA D 222 22.65 -10.43 -8.73
CA ALA D 222 23.79 -10.07 -7.91
C ALA D 222 24.78 -11.22 -7.72
N LEU D 223 24.35 -12.46 -7.89
CA LEU D 223 25.21 -13.56 -7.51
C LEU D 223 26.13 -13.89 -8.66
N GLY D 224 25.56 -13.91 -9.87
CA GLY D 224 26.31 -13.98 -11.12
C GLY D 224 27.33 -12.83 -11.18
N ALA D 225 26.92 -11.64 -10.76
CA ALA D 225 27.79 -10.47 -10.89
C ALA D 225 28.91 -10.52 -9.87
N LEU D 226 28.61 -10.92 -8.62
CA LEU D 226 29.65 -11.09 -7.60
C LEU D 226 30.72 -12.09 -8.04
N LYS D 227 30.36 -13.11 -8.84
CA LYS D 227 31.35 -14.06 -9.35
C LYS D 227 32.39 -13.35 -10.22
N ARG D 228 31.94 -12.32 -10.96
CA ARG D 228 32.80 -11.66 -11.93
C ARG D 228 33.73 -10.68 -11.22
N VAL D 229 33.26 -10.10 -10.13
CA VAL D 229 34.06 -9.16 -9.35
C VAL D 229 35.00 -9.88 -8.39
N MET D 230 34.63 -11.08 -7.93
CA MET D 230 35.47 -11.87 -7.05
C MET D 230 35.42 -13.34 -7.48
N PRO D 231 36.19 -13.77 -8.51
CA PRO D 231 36.10 -15.16 -8.99
C PRO D 231 36.60 -16.20 -7.99
N LYS D 232 37.25 -15.74 -6.90
CA LYS D 232 37.66 -16.58 -5.79
C LYS D 232 36.47 -17.11 -4.98
N MET D 233 35.25 -16.59 -5.22
CA MET D 233 34.07 -17.00 -4.48
C MET D 233 33.11 -17.79 -5.38
N GLU D 234 33.62 -18.39 -6.46
CA GLU D 234 32.77 -19.20 -7.32
C GLU D 234 32.21 -20.34 -6.47
N ASP D 235 30.90 -20.61 -6.62
CA ASP D 235 30.19 -21.71 -5.95
C ASP D 235 30.04 -21.52 -4.44
N ARG D 236 30.38 -20.35 -3.89
CA ARG D 236 30.42 -20.15 -2.44
C ARG D 236 29.26 -19.28 -1.93
N ILE D 237 28.51 -18.69 -2.89
N ILE D 237 28.49 -18.65 -2.84
CA ILE D 237 27.55 -17.62 -2.64
CA ILE D 237 27.52 -17.64 -2.43
C ILE D 237 26.30 -17.93 -3.43
C ILE D 237 26.32 -17.69 -3.37
N ASP D 238 25.14 -17.87 -2.78
CA ASP D 238 23.87 -17.85 -3.51
C ASP D 238 22.90 -16.95 -2.75
N GLY D 239 21.73 -16.76 -3.36
CA GLY D 239 20.73 -15.94 -2.72
C GLY D 239 19.59 -15.65 -3.66
N TYR D 240 18.68 -14.79 -3.18
CA TYR D 240 17.51 -14.43 -3.94
C TYR D 240 17.02 -13.11 -3.37
N SER D 241 15.95 -12.62 -3.99
CA SER D 241 15.40 -11.32 -3.70
C SER D 241 13.90 -11.49 -3.50
N ILE D 242 13.33 -10.61 -2.69
CA ILE D 242 11.92 -10.59 -2.35
C ILE D 242 11.40 -9.16 -2.55
N ARG D 243 10.42 -8.99 -3.41
CA ARG D 243 9.79 -7.72 -3.66
C ARG D 243 8.62 -7.56 -2.69
N VAL D 244 8.54 -6.39 -2.06
CA VAL D 244 7.43 -6.07 -1.19
C VAL D 244 6.93 -4.66 -1.52
N PRO D 245 5.69 -4.31 -1.11
CA PRO D 245 5.05 -3.04 -1.49
C PRO D 245 5.51 -1.73 -0.83
N THR D 246 6.80 -1.43 -0.93
CA THR D 246 7.33 -0.11 -0.64
C THR D 246 7.89 0.45 -1.93
N ILE D 247 8.13 1.76 -1.95
CA ILE D 247 8.33 2.44 -3.22
C ILE D 247 9.81 2.45 -3.56
N ASN D 248 10.67 2.37 -2.52
CA ASN D 248 12.12 2.53 -2.70
C ASN D 248 12.81 2.13 -1.40
N VAL D 249 14.08 1.77 -1.53
CA VAL D 249 14.92 1.28 -0.44
C VAL D 249 14.80 -0.24 -0.30
N ALA D 250 15.96 -0.86 -0.05
CA ALA D 250 16.16 -2.30 -0.01
C ALA D 250 17.07 -2.62 1.16
N ALA D 251 17.08 -3.90 1.52
CA ALA D 251 17.95 -4.40 2.58
C ALA D 251 18.50 -5.73 2.13
N ILE D 252 19.74 -5.96 2.48
CA ILE D 252 20.41 -7.22 2.27
C ILE D 252 20.59 -7.87 3.64
N ASP D 253 20.20 -9.15 3.67
CA ASP D 253 20.41 -10.04 4.79
C ASP D 253 21.43 -11.11 4.35
N LEU D 254 22.66 -11.06 4.90
CA LEU D 254 23.70 -12.01 4.49
C LEU D 254 24.01 -12.97 5.65
N THR D 255 23.83 -14.28 5.37
CA THR D 255 24.13 -15.33 6.34
C THR D 255 25.36 -16.10 5.85
N PHE D 256 26.41 -16.15 6.69
CA PHE D 256 27.66 -16.77 6.29
C PHE D 256 28.23 -17.73 7.35
N ILE D 257 29.07 -18.64 6.85
CA ILE D 257 29.88 -19.51 7.69
C ILE D 257 31.30 -18.95 7.76
N ALA D 258 31.68 -18.56 8.98
CA ALA D 258 33.00 -18.04 9.30
C ALA D 258 34.05 -19.16 9.33
N GLN D 259 35.30 -18.84 8.96
CA GLN D 259 36.39 -19.79 9.00
C GLN D 259 37.31 -19.53 10.19
N SER D 260 36.95 -18.59 11.05
CA SER D 260 37.69 -18.35 12.26
C SER D 260 36.77 -17.76 13.32
N PRO D 261 37.13 -17.75 14.63
CA PRO D 261 36.23 -17.29 15.69
C PRO D 261 35.59 -15.93 15.38
N ILE D 262 34.31 -15.79 15.77
CA ILE D 262 33.54 -14.59 15.55
C ILE D 262 32.65 -14.36 16.76
N THR D 263 32.43 -13.08 17.07
CA THR D 263 31.37 -12.66 17.96
C THR D 263 30.63 -11.50 17.28
N VAL D 264 29.45 -11.18 17.81
CA VAL D 264 28.67 -10.05 17.37
C VAL D 264 29.56 -8.81 17.47
N HIS D 265 30.25 -8.67 18.61
CA HIS D 265 31.13 -7.53 18.87
C HIS D 265 32.24 -7.43 17.83
N HIS D 266 32.90 -8.55 17.51
CA HIS D 266 34.04 -8.52 16.61
C HIS D 266 33.60 -8.16 15.19
N ILE D 267 32.45 -8.71 14.78
CA ILE D 267 31.92 -8.43 13.45
C ILE D 267 31.57 -6.94 13.36
N ASN D 268 30.89 -6.41 14.37
CA ASN D 268 30.42 -5.04 14.28
C ASN D 268 31.61 -4.08 14.27
N GLU D 269 32.61 -4.37 15.12
CA GLU D 269 33.78 -3.53 15.26
C GLU D 269 34.52 -3.50 13.93
N LEU D 270 34.63 -4.66 13.29
CA LEU D 270 35.26 -4.72 11.99
C LEU D 270 34.53 -3.83 10.98
N LEU D 271 33.19 -3.96 10.91
CA LEU D 271 32.42 -3.20 9.93
C LEU D 271 32.49 -1.69 10.20
N ILE D 272 32.46 -1.29 11.47
CA ILE D 272 32.66 0.08 11.87
C ILE D 272 34.02 0.58 11.35
N LYS D 273 35.09 -0.18 11.57
CA LYS D 273 36.44 0.25 11.18
C LYS D 273 36.52 0.36 9.66
N ALA D 274 35.94 -0.61 8.96
CA ALA D 274 35.95 -0.56 7.52
C ALA D 274 35.28 0.73 7.03
N SER D 275 34.16 1.08 7.68
CA SER D 275 33.37 2.22 7.24
C SER D 275 34.11 3.53 7.54
N GLN D 276 34.97 3.51 8.57
CA GLN D 276 35.70 4.70 9.02
C GLN D 276 37.01 4.89 8.27
N THR D 277 37.47 3.87 7.55
CA THR D 277 38.77 3.88 6.90
C THR D 277 38.55 3.60 5.43
N ASP D 278 38.85 2.39 4.96
CA ASP D 278 39.01 2.04 3.56
C ASP D 278 37.72 2.10 2.74
N TYR D 279 36.55 2.19 3.39
CA TYR D 279 35.28 2.09 2.67
C TYR D 279 34.37 3.28 2.96
N ALA D 280 34.93 4.34 3.58
CA ALA D 280 34.17 5.47 4.10
C ALA D 280 33.45 6.27 3.02
N GLU D 281 33.85 6.08 1.75
CA GLU D 281 33.20 6.71 0.62
C GLU D 281 31.83 6.09 0.33
N ILE D 282 31.71 4.76 0.52
CA ILE D 282 30.54 4.03 0.08
C ILE D 282 29.77 3.35 1.22
N MET D 283 30.21 3.46 2.49
CA MET D 283 29.69 2.59 3.52
C MET D 283 29.53 3.34 4.83
N ALA D 284 28.42 3.07 5.53
CA ALA D 284 28.22 3.59 6.88
C ALA D 284 27.68 2.47 7.76
N VAL D 285 27.67 2.73 9.07
CA VAL D 285 27.14 1.80 10.04
C VAL D 285 26.34 2.62 11.03
N THR D 286 25.18 2.11 11.47
CA THR D 286 24.36 2.77 12.50
C THR D 286 23.88 1.72 13.51
N ASP D 287 23.53 2.21 14.70
CA ASP D 287 22.90 1.41 15.74
C ASP D 287 21.55 2.00 16.12
N GLU D 288 21.08 2.98 15.35
CA GLU D 288 19.81 3.60 15.66
C GLU D 288 18.70 2.70 15.13
N PRO D 289 17.54 2.71 15.81
CA PRO D 289 16.42 1.88 15.41
C PRO D 289 15.64 2.49 14.24
N LEU D 290 16.16 2.26 13.04
CA LEU D 290 15.71 2.94 11.84
C LEU D 290 14.96 1.93 10.97
N VAL D 291 14.19 2.45 10.01
CA VAL D 291 13.44 1.64 9.07
C VAL D 291 13.72 2.18 7.69
N SER D 292 13.15 1.55 6.66
CA SER D 292 13.56 1.79 5.27
C SER D 292 13.48 3.27 4.87
N SER D 293 12.35 3.94 5.16
CA SER D 293 12.15 5.35 4.82
C SER D 293 13.34 6.23 5.19
N ASP D 294 14.00 5.89 6.29
CA ASP D 294 15.07 6.71 6.84
C ASP D 294 16.31 6.72 5.95
N PHE D 295 16.39 5.81 4.97
CA PHE D 295 17.52 5.73 4.08
C PHE D 295 17.11 6.21 2.69
N ASN D 296 15.86 6.64 2.52
CA ASN D 296 15.48 7.17 1.23
C ASN D 296 16.35 8.37 0.92
N HIS D 297 16.97 8.42 -0.26
CA HIS D 297 17.85 9.52 -0.65
C HIS D 297 19.21 9.49 0.07
N SER D 298 19.58 8.36 0.68
CA SER D 298 20.93 8.16 1.17
C SER D 298 21.87 7.79 0.02
N PRO D 299 23.05 8.47 -0.09
CA PRO D 299 24.00 8.19 -1.17
C PRO D 299 24.89 6.96 -0.99
N TYR D 300 24.79 6.29 0.17
CA TYR D 300 25.71 5.22 0.52
C TYR D 300 25.38 3.96 -0.28
N SER D 301 26.40 3.15 -0.52
CA SER D 301 26.24 1.86 -1.18
C SER D 301 25.64 0.84 -0.20
N LEU D 302 25.90 1.01 1.11
CA LEU D 302 25.23 0.19 2.11
C LEU D 302 25.33 0.88 3.45
N ILE D 303 24.32 0.67 4.30
CA ILE D 303 24.35 1.13 5.68
C ILE D 303 24.02 -0.06 6.58
N VAL D 304 25.03 -0.53 7.32
CA VAL D 304 24.91 -1.70 8.17
C VAL D 304 24.09 -1.33 9.40
N ASP D 305 23.10 -2.16 9.72
CA ASP D 305 22.34 -1.99 10.94
C ASP D 305 22.94 -2.96 11.96
N LEU D 306 23.76 -2.41 12.84
CA LEU D 306 24.62 -3.21 13.69
C LEU D 306 23.81 -3.92 14.79
N THR D 307 22.63 -3.41 15.12
CA THR D 307 21.81 -4.06 16.14
C THR D 307 21.23 -5.38 15.61
N GLN D 308 21.23 -5.60 14.29
CA GLN D 308 20.69 -6.80 13.70
C GLN D 308 21.72 -7.94 13.66
N THR D 309 23.00 -7.66 13.93
CA THR D 309 24.04 -8.67 13.77
C THR D 309 23.79 -9.82 14.74
N MET D 310 23.89 -11.05 14.24
CA MET D 310 23.60 -12.24 15.03
C MET D 310 24.68 -13.30 14.78
N VAL D 311 25.01 -14.09 15.82
CA VAL D 311 25.94 -15.20 15.70
C VAL D 311 25.43 -16.44 16.42
N VAL D 312 25.44 -17.59 15.73
CA VAL D 312 25.26 -18.86 16.40
C VAL D 312 26.32 -19.82 15.87
N GLY D 313 27.17 -20.31 16.78
CA GLY D 313 28.29 -21.17 16.45
C GLY D 313 29.21 -20.51 15.42
N HIS D 314 29.29 -21.10 14.23
CA HIS D 314 30.17 -20.63 13.17
C HIS D 314 29.38 -19.80 12.15
N GLN D 315 28.09 -19.60 12.44
CA GLN D 315 27.15 -19.02 11.49
C GLN D 315 26.82 -17.61 11.97
N ALA D 316 26.77 -16.66 11.04
CA ALA D 316 26.37 -15.33 11.40
C ALA D 316 25.50 -14.69 10.32
N LYS D 317 24.76 -13.67 10.75
CA LYS D 317 23.94 -12.85 9.89
C LYS D 317 24.27 -11.38 10.12
N VAL D 318 24.44 -10.66 9.02
CA VAL D 318 24.50 -9.21 9.02
C VAL D 318 23.43 -8.65 8.08
N PHE D 319 23.09 -7.38 8.33
CA PHE D 319 22.00 -6.71 7.66
C PHE D 319 22.45 -5.30 7.26
N ALA D 320 22.13 -4.91 6.03
CA ALA D 320 22.47 -3.58 5.57
C ALA D 320 21.36 -3.01 4.71
N TRP D 321 21.12 -1.70 4.87
CA TRP D 321 20.18 -0.97 4.06
C TRP D 321 20.86 -0.30 2.87
N TYR D 322 20.12 -0.03 1.80
CA TYR D 322 20.60 0.90 0.77
C TYR D 322 19.43 1.48 -0.01
N ASP D 323 19.60 2.74 -0.43
CA ASP D 323 18.69 3.31 -1.43
C ASP D 323 19.12 2.79 -2.81
N ASN D 324 18.32 1.86 -3.36
CA ASN D 324 18.63 1.20 -4.62
C ASN D 324 18.68 2.16 -5.81
N GLU D 325 18.04 3.33 -5.69
CA GLU D 325 18.05 4.31 -6.77
C GLU D 325 19.19 5.32 -6.57
N TRP D 326 19.26 5.96 -5.40
CA TRP D 326 20.19 7.05 -5.15
C TRP D 326 21.62 6.56 -4.94
N GLY D 327 21.79 5.42 -4.25
CA GLY D 327 23.11 4.86 -4.05
C GLY D 327 23.75 4.51 -5.40
N TYR D 328 23.04 3.77 -6.22
CA TYR D 328 23.59 3.34 -7.49
C TYR D 328 23.86 4.53 -8.41
N ALA D 329 22.96 5.53 -8.41
CA ALA D 329 23.13 6.67 -9.30
C ALA D 329 24.41 7.40 -8.92
N ASN D 330 24.63 7.51 -7.60
CA ASN D 330 25.80 8.17 -7.08
C ASN D 330 27.06 7.36 -7.43
N ARG D 331 26.96 6.03 -7.44
CA ARG D 331 28.12 5.21 -7.70
C ARG D 331 28.47 5.26 -9.19
N LEU D 332 27.47 5.55 -10.02
CA LEU D 332 27.70 5.72 -11.44
C LEU D 332 28.54 6.97 -11.71
N LEU D 333 28.18 8.08 -11.08
CA LEU D 333 28.96 9.31 -11.19
C LEU D 333 30.34 9.15 -10.55
N ASP D 334 30.42 8.48 -9.40
CA ASP D 334 31.70 8.21 -8.77
C ASP D 334 32.62 7.40 -9.69
N LEU D 335 32.05 6.47 -10.43
CA LEU D 335 32.83 5.66 -11.34
C LEU D 335 33.33 6.54 -12.48
N CYS D 336 32.46 7.37 -13.05
CA CYS D 336 32.84 8.22 -14.18
C CYS D 336 33.95 9.17 -13.77
N ASP D 337 33.85 9.67 -12.53
CA ASP D 337 34.83 10.60 -11.97
C ASP D 337 36.19 9.92 -11.76
N SER D 338 36.21 8.58 -11.72
CA SER D 338 37.43 7.84 -11.40
C SER D 338 38.27 7.66 -12.66
N PHE D 339 37.68 7.92 -13.84
CA PHE D 339 38.40 7.84 -15.09
C PHE D 339 39.27 9.07 -15.37
N LYS D 340 39.01 10.18 -14.65
CA LYS D 340 39.77 11.41 -14.81
C LYS D 340 41.27 11.12 -14.67
N SER D 341 42.07 11.63 -15.63
CA SER D 341 43.51 11.38 -15.69
C SER D 341 44.30 12.67 -15.95
#